data_6UGE
#
_entry.id   6UGE
#
loop_
_entity.id
_entity.type
_entity.pdbx_description
1 polymer 'Meiotic spindle formation protein mei-1'
2 polymer 'Polyglutamate peptide'
3 non-polymer "ADENOSINE-5'-TRIPHOSPHATE"
4 non-polymer 'MAGNESIUM ION'
#
loop_
_entity_poly.entity_id
_entity_poly.type
_entity_poly.pdbx_seq_one_letter_code
_entity_poly.pdbx_strand_id
1 'polypeptide(L)'
;GSFTMASMTGGQQMGRGSMNGDVQSVIRGYLERAQVAKTMSDAGRWNEAGDLLRQLMTDVKSCKISASNRDEHDARNTFL
RALEANLKLVQQNVRDEDDLHEAMTRQSGSPEPPADPDVWSKPSPPLPSSSKFGATKKGVGAAGPRPREISKSTSSMSTN
PADVKPANPTQGILPQNSAGDSFDASAYDAYIVQAVRGTMATNTENTMSLDDIIGMHDVKQVLHEAVTLPLLVPEFFQGL
RSPWKAMVLAGPPGTGKTLIARAIASESSSTFFTVSSTDLSSKWRGDSEKIVRLLFELARFYAPSIIFIDQIDTLGGQRG
NSGEHEASRRVKSEFLVQMDGSQNKFDSRRVFVLAATNIPWELDEALRRRFEKRIFIPLPDIDARKKLIEKSMEGTPKSD
EINYDDLAARTEGFSGADVVSLCRTAAINVLRRYDTKSLRGGELTAAMESLKAELVRNIDFEAALQAVSPSAGPDTMLKC
KEWCDSFGAM
;
A,B,C,D,E,F
2 'polypeptide(L)' EEEEEEEEEEEE G
#
loop_
_chem_comp.id
_chem_comp.type
_chem_comp.name
_chem_comp.formula
ATP non-polymer ADENOSINE-5'-TRIPHOSPHATE 'C10 H16 N5 O13 P3'
MG non-polymer 'MAGNESIUM ION' 'Mg 2'
#
# COMPACT_ATOMS: atom_id res chain seq x y z
N LEU A 174 -9.52 26.68 44.42
CA LEU A 174 -10.49 25.62 44.56
C LEU A 174 -11.14 25.65 45.95
N PRO A 175 -12.45 25.42 46.01
CA PRO A 175 -13.14 25.45 47.31
C PRO A 175 -12.85 24.20 48.14
N GLN A 176 -13.28 24.21 49.39
CA GLN A 176 -13.09 23.06 50.27
C GLN A 176 -14.11 21.98 49.89
N ASN A 177 -13.85 20.75 50.31
CA ASN A 177 -14.74 19.62 50.08
C ASN A 177 -15.31 19.14 51.41
N SER A 178 -16.09 18.07 51.35
CA SER A 178 -16.74 17.57 52.55
C SER A 178 -15.75 16.83 53.45
N ALA A 179 -16.17 16.63 54.70
CA ALA A 179 -15.45 15.90 55.75
C ALA A 179 -14.10 16.51 56.10
N GLY A 180 -13.91 17.81 55.82
CA GLY A 180 -12.73 18.53 56.27
C GLY A 180 -11.41 18.12 55.64
N ASP A 181 -11.25 18.39 54.34
CA ASP A 181 -10.00 18.10 53.65
C ASP A 181 -9.62 19.31 52.80
N SER A 182 -8.40 19.29 52.28
CA SER A 182 -7.89 20.39 51.47
C SER A 182 -6.77 19.87 50.57
N PHE A 183 -6.71 20.40 49.36
CA PHE A 183 -5.70 20.01 48.38
C PHE A 183 -4.60 21.05 48.33
N ASP A 184 -3.35 20.57 48.24
CA ASP A 184 -2.18 21.41 48.05
C ASP A 184 -1.54 21.00 46.73
N ALA A 185 -1.89 21.71 45.66
CA ALA A 185 -1.44 21.39 44.30
C ALA A 185 -0.24 22.22 43.87
N SER A 186 0.69 22.48 44.80
CA SER A 186 1.88 23.26 44.49
C SER A 186 2.88 22.51 43.61
N ALA A 187 2.75 21.20 43.47
CA ALA A 187 3.65 20.45 42.61
C ALA A 187 3.35 20.73 41.13
N TYR A 188 2.09 20.92 40.80
CA TYR A 188 1.66 21.18 39.43
C TYR A 188 1.70 22.69 39.14
N ASP A 189 1.40 23.04 37.90
CA ASP A 189 1.46 24.43 37.48
C ASP A 189 0.26 25.22 38.00
N ALA A 190 0.44 26.53 38.08
CA ALA A 190 -0.60 27.42 38.58
C ALA A 190 -1.64 27.78 37.54
N TYR A 191 -1.44 27.38 36.28
CA TYR A 191 -2.37 27.69 35.21
C TYR A 191 -3.19 26.48 34.75
N ILE A 192 -2.77 25.26 35.10
CA ILE A 192 -3.56 24.08 34.81
C ILE A 192 -4.73 23.98 35.77
N VAL A 193 -4.51 24.34 37.04
CA VAL A 193 -5.59 24.34 38.03
C VAL A 193 -6.60 25.43 37.72
N GLN A 194 -6.15 26.57 37.20
CA GLN A 194 -7.09 27.61 36.75
C GLN A 194 -7.80 27.22 35.47
N ALA A 195 -7.28 26.23 34.73
CA ALA A 195 -7.94 25.68 33.57
C ALA A 195 -8.88 24.53 33.89
N VAL A 196 -8.76 23.94 35.08
CA VAL A 196 -9.70 22.89 35.49
C VAL A 196 -10.76 23.41 36.46
N ARG A 197 -10.53 24.54 37.13
CA ARG A 197 -11.51 25.07 38.07
C ARG A 197 -12.70 25.73 37.39
N GLY A 198 -12.59 26.06 36.10
CA GLY A 198 -13.67 26.73 35.40
C GLY A 198 -14.69 25.79 34.77
N THR A 199 -14.76 24.56 35.27
CA THR A 199 -15.73 23.57 34.80
C THR A 199 -16.65 23.06 35.90
N MET A 200 -16.40 23.42 37.16
CA MET A 200 -17.19 22.93 38.28
C MET A 200 -18.55 23.62 38.35
N ASN A 206 -29.44 23.33 39.29
CA ASN A 206 -30.54 24.00 38.60
C ASN A 206 -31.86 23.27 38.83
N THR A 207 -32.86 23.57 38.01
CA THR A 207 -34.20 23.02 38.11
C THR A 207 -34.66 22.49 36.77
N MET A 208 -33.81 21.68 36.13
CA MET A 208 -34.06 21.15 34.80
C MET A 208 -35.09 20.01 34.85
N SER A 209 -35.27 19.36 33.69
CA SER A 209 -36.32 18.36 33.51
C SER A 209 -35.99 17.10 34.29
N LEU A 210 -36.76 16.81 35.34
CA LEU A 210 -36.52 15.62 36.14
C LEU A 210 -37.22 14.38 35.55
N ASP A 211 -38.47 14.53 35.10
CA ASP A 211 -39.25 13.41 34.60
C ASP A 211 -39.92 13.75 33.27
N ASP A 212 -39.41 14.72 32.53
CA ASP A 212 -40.02 15.12 31.27
C ASP A 212 -39.53 14.30 30.08
N ILE A 213 -38.76 13.24 30.31
CA ILE A 213 -38.29 12.37 29.25
C ILE A 213 -39.15 11.10 29.31
N ILE A 214 -40.01 10.93 28.32
CA ILE A 214 -41.08 9.94 28.35
C ILE A 214 -40.58 8.67 27.62
N GLY A 215 -39.30 8.66 27.26
CA GLY A 215 -38.72 7.51 26.60
C GLY A 215 -37.45 7.07 27.28
N MET A 216 -37.02 5.84 26.96
CA MET A 216 -35.83 5.19 27.49
C MET A 216 -35.82 5.15 29.01
N HIS A 217 -36.83 4.46 29.56
CA HIS A 217 -36.91 4.23 30.99
C HIS A 217 -35.89 3.21 31.49
N ASP A 218 -35.26 2.46 30.58
CA ASP A 218 -34.18 1.55 30.99
C ASP A 218 -32.91 2.33 31.34
N VAL A 219 -32.65 3.45 30.65
CA VAL A 219 -31.55 4.33 31.03
C VAL A 219 -31.83 4.95 32.40
N LYS A 220 -33.09 5.31 32.66
CA LYS A 220 -33.50 5.79 33.97
C LYS A 220 -33.32 4.71 35.03
N GLN A 221 -33.59 3.45 34.68
CA GLN A 221 -33.42 2.35 35.63
C GLN A 221 -31.95 2.10 35.93
N VAL A 222 -31.08 2.15 34.91
CA VAL A 222 -29.67 1.85 35.14
C VAL A 222 -29.00 3.01 35.87
N LEU A 223 -29.45 4.25 35.64
CA LEU A 223 -28.93 5.35 36.44
C LEU A 223 -29.51 5.32 37.85
N HIS A 224 -30.76 4.88 37.97
CA HIS A 224 -31.44 4.71 39.25
C HIS A 224 -30.75 3.66 40.11
N GLU A 225 -30.18 2.63 39.49
CA GLU A 225 -29.46 1.59 40.20
C GLU A 225 -27.96 1.80 40.21
N ALA A 226 -27.45 2.85 39.54
CA ALA A 226 -26.01 3.09 39.52
C ALA A 226 -25.56 4.31 40.32
N VAL A 227 -26.36 5.37 40.44
CA VAL A 227 -25.95 6.57 41.16
C VAL A 227 -26.86 6.85 42.36
N THR A 228 -28.14 6.48 42.26
CA THR A 228 -29.06 6.72 43.37
C THR A 228 -29.09 5.57 44.36
N LEU A 229 -29.21 4.34 43.86
CA LEU A 229 -29.31 3.15 44.72
C LEU A 229 -28.02 2.73 45.43
N PRO A 230 -26.82 2.82 44.85
CA PRO A 230 -25.62 2.56 45.66
C PRO A 230 -25.20 3.72 46.57
N LEU A 231 -25.93 4.84 46.58
CA LEU A 231 -25.67 5.92 47.52
C LEU A 231 -26.75 6.08 48.56
N LEU A 232 -27.91 5.44 48.38
CA LEU A 232 -28.94 5.38 49.40
C LEU A 232 -28.74 4.12 50.24
N VAL A 233 -28.74 2.96 49.59
CA VAL A 233 -28.39 1.70 50.26
C VAL A 233 -27.15 1.12 49.58
N PRO A 234 -25.95 1.41 50.09
CA PRO A 234 -24.72 0.93 49.44
C PRO A 234 -24.45 -0.56 49.68
N GLU A 235 -25.26 -1.25 50.47
CA GLU A 235 -25.08 -2.68 50.69
C GLU A 235 -26.03 -3.52 49.85
N PHE A 236 -26.78 -2.90 48.94
CA PHE A 236 -27.62 -3.64 48.00
C PHE A 236 -26.93 -3.86 46.66
N PHE A 237 -26.02 -2.98 46.27
CA PHE A 237 -25.26 -3.10 45.03
C PHE A 237 -23.79 -3.23 45.42
N GLN A 238 -23.37 -4.46 45.70
CA GLN A 238 -22.03 -4.77 46.15
C GLN A 238 -21.73 -6.22 45.79
N GLY A 239 -20.45 -6.50 45.57
CA GLY A 239 -20.02 -7.87 45.29
C GLY A 239 -20.54 -8.44 43.98
N LEU A 240 -21.48 -9.38 44.07
CA LEU A 240 -22.07 -9.94 42.85
C LEU A 240 -22.94 -8.91 42.13
N ARG A 241 -23.68 -8.10 42.88
CA ARG A 241 -24.33 -6.94 42.28
C ARG A 241 -23.27 -5.89 42.00
N SER A 242 -22.69 -5.94 40.82
CA SER A 242 -21.46 -5.20 40.53
C SER A 242 -21.77 -3.73 40.27
N PRO A 243 -21.09 -2.80 40.94
CA PRO A 243 -21.22 -1.39 40.58
C PRO A 243 -20.51 -1.10 39.27
N TRP A 244 -21.21 -0.43 38.36
CA TRP A 244 -20.68 -0.14 37.04
C TRP A 244 -19.61 0.94 37.11
N LYS A 245 -18.92 1.14 36.00
CA LYS A 245 -17.92 2.19 35.92
C LYS A 245 -17.98 3.06 34.69
N ALA A 246 -18.58 2.60 33.58
CA ALA A 246 -18.64 3.42 32.39
C ALA A 246 -19.83 3.00 31.53
N MET A 247 -20.32 3.96 30.74
CA MET A 247 -21.39 3.77 29.78
C MET A 247 -21.14 4.70 28.59
N VAL A 248 -21.50 4.24 27.40
CA VAL A 248 -21.33 5.00 26.17
C VAL A 248 -22.70 5.16 25.54
N LEU A 249 -23.21 6.40 25.53
CA LEU A 249 -24.48 6.70 24.90
C LEU A 249 -24.29 6.86 23.39
N ALA A 250 -25.14 6.21 22.61
CA ALA A 250 -25.04 6.27 21.16
C ALA A 250 -26.43 6.38 20.54
N GLY A 251 -26.59 7.31 19.61
CA GLY A 251 -27.85 7.54 18.96
C GLY A 251 -27.84 8.72 18.02
N PRO A 252 -29.02 9.24 17.69
CA PRO A 252 -29.14 10.36 16.75
C PRO A 252 -28.68 11.66 17.40
N PRO A 253 -28.38 12.70 16.61
CA PRO A 253 -28.06 14.00 17.20
C PRO A 253 -29.28 14.84 17.59
N GLY A 254 -30.49 14.30 17.51
CA GLY A 254 -31.68 15.04 17.89
C GLY A 254 -32.23 14.64 19.24
N THR A 255 -31.80 13.49 19.74
CA THR A 255 -32.19 13.05 21.08
C THR A 255 -31.41 13.83 22.14
N GLY A 256 -31.77 13.61 23.40
CA GLY A 256 -31.19 14.37 24.49
C GLY A 256 -29.92 13.78 25.08
N LYS A 257 -28.80 13.89 24.35
CA LYS A 257 -27.55 13.36 24.88
C LYS A 257 -26.98 14.23 25.99
N THR A 258 -27.14 15.54 25.88
CA THR A 258 -26.73 16.46 26.94
C THR A 258 -27.77 16.56 28.04
N LEU A 259 -29.04 16.34 27.69
CA LEU A 259 -30.15 16.57 28.61
C LEU A 259 -30.16 15.56 29.75
N ILE A 260 -29.80 14.30 29.48
CA ILE A 260 -29.84 13.27 30.51
C ILE A 260 -28.71 13.48 31.52
N ALA A 261 -27.50 13.78 31.04
CA ALA A 261 -26.38 14.07 31.92
C ALA A 261 -26.62 15.35 32.72
N ARG A 262 -27.26 16.35 32.10
CA ARG A 262 -27.59 17.57 32.82
C ARG A 262 -28.70 17.34 33.84
N ALA A 263 -29.63 16.42 33.56
CA ALA A 263 -30.70 16.12 34.49
C ALA A 263 -30.18 15.38 35.71
N ILE A 264 -29.26 14.43 35.51
CA ILE A 264 -28.64 13.77 36.67
C ILE A 264 -27.68 14.72 37.39
N ALA A 265 -27.10 15.69 36.69
CA ALA A 265 -26.26 16.68 37.35
C ALA A 265 -27.09 17.61 38.24
N SER A 266 -28.23 18.06 37.74
CA SER A 266 -29.12 18.91 38.52
C SER A 266 -29.99 18.14 39.51
N GLU A 267 -30.01 16.81 39.42
CA GLU A 267 -30.83 15.97 40.30
C GLU A 267 -30.01 15.30 41.40
N SER A 268 -28.80 14.84 41.11
CA SER A 268 -27.96 14.27 42.14
C SER A 268 -27.22 15.38 42.88
N SER A 269 -26.48 14.99 43.92
CA SER A 269 -25.73 15.93 44.74
C SER A 269 -24.23 15.64 44.66
N SER A 270 -23.78 15.29 43.46
CA SER A 270 -22.38 14.96 43.22
C SER A 270 -21.75 16.03 42.34
N THR A 271 -20.42 16.15 42.46
CA THR A 271 -19.67 17.18 41.74
C THR A 271 -19.54 16.75 40.28
N PHE A 272 -20.45 17.24 39.45
CA PHE A 272 -20.47 16.92 38.03
C PHE A 272 -19.36 17.68 37.30
N PHE A 273 -18.40 16.96 36.77
CA PHE A 273 -17.41 17.52 35.85
C PHE A 273 -17.79 17.17 34.42
N THR A 274 -17.10 17.81 33.47
CA THR A 274 -17.34 17.56 32.07
C THR A 274 -16.03 17.66 31.31
N VAL A 275 -15.92 16.87 30.23
CA VAL A 275 -14.71 16.80 29.43
C VAL A 275 -15.12 16.86 27.97
N SER A 276 -14.82 17.96 27.31
CA SER A 276 -14.93 18.05 25.87
C SER A 276 -13.53 17.95 25.27
N SER A 277 -13.41 18.20 23.97
CA SER A 277 -12.11 18.29 23.34
C SER A 277 -11.42 19.63 23.57
N THR A 278 -12.08 20.55 24.28
CA THR A 278 -11.55 21.88 24.52
C THR A 278 -10.87 22.02 25.88
N ASP A 279 -11.10 21.11 26.81
CA ASP A 279 -10.53 21.19 28.15
C ASP A 279 -9.21 20.44 28.28
N LEU A 280 -8.68 19.92 27.18
CA LEU A 280 -7.48 19.08 27.22
C LEU A 280 -6.34 19.60 26.35
N SER A 281 -6.53 20.70 25.62
CA SER A 281 -5.56 21.18 24.64
C SER A 281 -4.73 22.32 25.21
N SER A 282 -3.41 22.18 25.15
CA SER A 282 -2.48 23.21 25.60
C SER A 282 -1.32 23.28 24.63
N LYS A 283 -0.61 24.42 24.67
CA LYS A 283 0.46 24.66 23.70
C LYS A 283 1.77 23.95 24.08
N TRP A 284 2.01 23.76 25.38
CA TRP A 284 3.26 23.16 25.81
C TRP A 284 3.18 21.64 25.75
N ARG A 285 4.34 21.00 25.65
CA ARG A 285 4.45 19.55 25.62
C ARG A 285 4.76 19.03 27.02
N GLY A 286 3.99 18.05 27.46
CA GLY A 286 4.12 17.51 28.80
C GLY A 286 3.09 18.03 29.79
N ASP A 287 2.26 18.99 29.39
CA ASP A 287 1.16 19.47 30.22
C ASP A 287 -0.20 19.07 29.67
N SER A 288 -0.24 18.43 28.50
CA SER A 288 -1.49 17.97 27.92
C SER A 288 -1.95 16.64 28.51
N GLU A 289 -1.08 15.97 29.28
CA GLU A 289 -1.44 14.72 29.93
C GLU A 289 -1.63 14.86 31.44
N LYS A 290 -1.06 15.90 32.06
CA LYS A 290 -1.20 16.10 33.50
C LYS A 290 -2.59 16.58 33.88
N ILE A 291 -3.33 17.17 32.94
CA ILE A 291 -4.63 17.76 33.22
C ILE A 291 -5.66 16.67 33.55
N VAL A 292 -5.57 15.52 32.89
CA VAL A 292 -6.51 14.43 33.19
C VAL A 292 -6.14 13.76 34.51
N ARG A 293 -4.86 13.78 34.90
CA ARG A 293 -4.47 13.30 36.21
C ARG A 293 -5.00 14.20 37.32
N LEU A 294 -4.91 15.52 37.12
CA LEU A 294 -5.48 16.45 38.09
C LEU A 294 -7.00 16.37 38.14
N LEU A 295 -7.64 16.12 36.99
CA LEU A 295 -9.09 16.02 36.93
C LEU A 295 -9.59 14.78 37.66
N PHE A 296 -8.94 13.63 37.45
CA PHE A 296 -9.34 12.43 38.17
C PHE A 296 -8.96 12.50 39.64
N GLU A 297 -7.86 13.19 39.97
CA GLU A 297 -7.50 13.38 41.38
C GLU A 297 -8.53 14.23 42.11
N LEU A 298 -9.00 15.30 41.48
CA LEU A 298 -10.05 16.12 42.07
C LEU A 298 -11.38 15.38 42.12
N ALA A 299 -11.65 14.53 41.12
CA ALA A 299 -12.87 13.73 41.10
C ALA A 299 -12.90 12.71 42.24
N ARG A 300 -11.76 12.05 42.50
CA ARG A 300 -11.70 11.13 43.63
C ARG A 300 -11.60 11.86 44.97
N PHE A 301 -11.02 13.07 44.99
CA PHE A 301 -10.77 13.78 46.23
C PHE A 301 -12.00 14.50 46.77
N TYR A 302 -12.84 15.05 45.90
CA TYR A 302 -13.96 15.85 46.37
C TYR A 302 -15.08 14.98 46.92
N ALA A 303 -15.63 14.09 46.10
CA ALA A 303 -16.84 13.35 46.45
C ALA A 303 -16.92 12.13 45.55
N PRO A 304 -17.84 11.18 45.83
CA PRO A 304 -18.15 10.15 44.83
C PRO A 304 -18.83 10.74 43.61
N SER A 305 -18.04 11.35 42.73
CA SER A 305 -18.50 12.25 41.69
C SER A 305 -19.00 11.49 40.47
N ILE A 306 -19.35 12.26 39.43
CA ILE A 306 -19.72 11.74 38.13
C ILE A 306 -19.18 12.68 37.06
N ILE A 307 -18.23 12.20 36.26
CA ILE A 307 -17.70 12.98 35.15
C ILE A 307 -18.32 12.45 33.87
N PHE A 308 -18.46 13.34 32.89
CA PHE A 308 -19.07 13.01 31.61
C PHE A 308 -18.16 13.51 30.51
N ILE A 309 -17.57 12.58 29.76
CA ILE A 309 -16.75 12.94 28.61
C ILE A 309 -17.68 13.28 27.44
N ASP A 310 -17.74 14.57 27.10
CA ASP A 310 -18.57 15.05 26.00
C ASP A 310 -17.77 15.01 24.71
N GLN A 311 -18.42 14.51 23.65
CA GLN A 311 -17.81 14.29 22.34
C GLN A 311 -16.56 13.42 22.45
N ILE A 312 -16.78 12.17 22.88
CA ILE A 312 -15.73 11.17 22.93
C ILE A 312 -15.30 10.74 21.53
N ASP A 313 -16.15 10.98 20.51
CA ASP A 313 -15.89 10.62 19.13
C ASP A 313 -14.67 11.29 18.52
N THR A 314 -14.22 12.42 19.08
CA THR A 314 -12.98 13.07 18.63
C THR A 314 -11.82 12.87 19.58
N LEU A 315 -12.09 12.49 20.84
CA LEU A 315 -11.02 12.32 21.81
C LEU A 315 -10.18 11.09 21.48
N GLY A 316 -10.81 9.92 21.54
CA GLY A 316 -10.12 8.67 21.26
C GLY A 316 -10.57 7.98 20.00
N GLY A 317 -9.70 7.96 18.99
CA GLY A 317 -9.92 7.19 17.78
C GLY A 317 -8.98 6.01 17.72
N GLN A 318 -8.35 5.79 16.57
CA GLN A 318 -7.35 4.74 16.44
C GLN A 318 -6.03 5.19 17.05
N ARG A 319 -5.43 4.31 17.83
CA ARG A 319 -4.14 4.60 18.45
C ARG A 319 -2.99 4.36 17.48
N GLY A 320 -2.98 3.20 16.82
CA GLY A 320 -1.94 2.87 15.87
C GLY A 320 -2.14 3.45 14.49
N ASN A 321 -2.37 4.76 14.42
CA ASN A 321 -2.51 5.46 13.16
C ASN A 321 -1.14 5.97 12.68
N SER A 322 -1.12 6.59 11.49
CA SER A 322 0.12 6.82 10.77
C SER A 322 0.55 8.28 10.73
N GLY A 323 -0.26 9.15 10.12
CA GLY A 323 0.17 10.53 9.91
C GLY A 323 -0.29 11.47 11.00
N GLU A 324 -0.73 10.91 12.12
CA GLU A 324 -1.11 11.70 13.29
C GLU A 324 0.11 11.87 14.17
N HIS A 325 0.19 13.00 14.86
CA HIS A 325 1.36 13.28 15.67
C HIS A 325 1.30 12.45 16.96
N GLU A 326 2.47 12.29 17.58
CA GLU A 326 2.64 11.30 18.63
C GLU A 326 2.02 11.71 19.97
N ALA A 327 1.63 12.98 20.12
CA ALA A 327 1.10 13.43 21.41
C ALA A 327 -0.30 12.91 21.70
N SER A 328 -1.06 12.57 20.65
CA SER A 328 -2.38 11.98 20.87
C SER A 328 -2.26 10.59 21.49
N ARG A 329 -1.25 9.83 21.07
CA ARG A 329 -1.01 8.52 21.67
C ARG A 329 -0.55 8.65 23.11
N ARG A 330 0.22 9.70 23.43
CA ARG A 330 0.68 9.91 24.80
C ARG A 330 -0.47 10.35 25.71
N VAL A 331 -1.36 11.23 25.22
CA VAL A 331 -2.48 11.64 26.07
C VAL A 331 -3.49 10.51 26.19
N LYS A 332 -3.61 9.63 25.18
CA LYS A 332 -4.49 8.48 25.33
C LYS A 332 -3.88 7.40 26.22
N SER A 333 -2.56 7.28 26.26
CA SER A 333 -1.94 6.36 27.21
C SER A 333 -2.08 6.89 28.65
N GLU A 334 -1.98 8.21 28.83
CA GLU A 334 -2.28 8.79 30.13
C GLU A 334 -3.76 8.70 30.47
N PHE A 335 -4.61 8.68 29.45
CA PHE A 335 -6.04 8.46 29.63
C PHE A 335 -6.32 7.04 30.12
N LEU A 336 -5.67 6.05 29.51
CA LEU A 336 -5.76 4.67 29.99
C LEU A 336 -5.07 4.47 31.33
N VAL A 337 -4.13 5.34 31.69
CA VAL A 337 -3.37 5.16 32.93
C VAL A 337 -4.22 5.46 34.15
N GLN A 338 -5.28 6.26 33.99
CA GLN A 338 -6.08 6.69 35.14
C GLN A 338 -7.57 6.37 34.99
N MET A 339 -7.96 5.49 34.07
CA MET A 339 -9.37 5.11 33.98
C MET A 339 -9.78 4.15 35.10
N ASP A 340 -8.82 3.43 35.67
CA ASP A 340 -9.08 2.46 36.73
C ASP A 340 -8.98 3.16 38.08
N GLY A 341 -10.14 3.43 38.68
CA GLY A 341 -10.19 4.08 39.98
C GLY A 341 -11.58 4.07 40.59
N ARG A 350 -18.36 5.60 43.65
CA ARG A 350 -17.16 6.39 43.41
C ARG A 350 -17.34 7.29 42.20
N VAL A 351 -16.25 7.50 41.45
CA VAL A 351 -16.27 8.35 40.26
C VAL A 351 -16.86 7.57 39.11
N PHE A 352 -17.95 8.08 38.53
CA PHE A 352 -18.72 7.39 37.50
C PHE A 352 -18.52 8.13 36.18
N VAL A 353 -17.66 7.60 35.33
CA VAL A 353 -17.43 8.18 34.01
C VAL A 353 -18.53 7.70 33.07
N LEU A 354 -18.95 8.57 32.15
CA LEU A 354 -19.98 8.21 31.20
C LEU A 354 -19.69 8.89 29.86
N ALA A 355 -19.89 8.16 28.77
CA ALA A 355 -19.58 8.61 27.43
C ALA A 355 -20.86 8.83 26.64
N ALA A 356 -20.78 9.73 25.66
CA ALA A 356 -21.85 9.94 24.70
C ALA A 356 -21.22 10.16 23.34
N THR A 357 -21.60 9.35 22.36
CA THR A 357 -21.03 9.43 21.02
C THR A 357 -22.13 9.43 19.97
N ASN A 358 -21.84 10.11 18.86
CA ASN A 358 -22.68 10.09 17.67
C ASN A 358 -22.09 9.24 16.56
N ILE A 359 -20.76 9.20 16.46
CA ILE A 359 -20.03 8.35 15.53
C ILE A 359 -19.27 7.33 16.36
N PRO A 360 -19.86 6.16 16.65
CA PRO A 360 -19.16 5.20 17.51
C PRO A 360 -18.23 4.25 16.77
N TRP A 361 -18.32 4.15 15.45
CA TRP A 361 -17.49 3.19 14.74
C TRP A 361 -16.04 3.62 14.59
N GLU A 362 -15.71 4.87 14.91
CA GLU A 362 -14.32 5.32 14.96
C GLU A 362 -13.59 4.90 16.24
N LEU A 363 -14.28 4.22 17.16
CA LEU A 363 -13.70 3.89 18.46
C LEU A 363 -12.75 2.70 18.33
N ASP A 364 -11.73 2.69 19.20
CA ASP A 364 -10.68 1.69 19.15
C ASP A 364 -11.14 0.37 19.76
N GLU A 365 -10.40 -0.70 19.43
CA GLU A 365 -10.75 -2.03 19.93
C GLU A 365 -10.37 -2.19 21.40
N ALA A 366 -9.44 -1.38 21.89
CA ALA A 366 -9.05 -1.42 23.30
C ALA A 366 -9.80 -0.40 24.15
N LEU A 367 -10.45 0.60 23.54
CA LEU A 367 -11.21 1.56 24.30
C LEU A 367 -12.52 0.99 24.81
N ARG A 368 -13.16 0.13 24.00
CA ARG A 368 -14.51 -0.34 24.28
C ARG A 368 -14.58 -1.38 25.39
N ARG A 369 -13.46 -1.78 25.98
CA ARG A 369 -13.52 -2.80 27.04
C ARG A 369 -14.11 -2.21 28.32
N ARG A 370 -13.75 -0.97 28.66
CA ARG A 370 -14.28 -0.33 29.85
C ARG A 370 -15.70 0.17 29.64
N PHE A 371 -16.11 0.42 28.39
CA PHE A 371 -17.47 0.90 28.11
C PHE A 371 -18.42 -0.29 28.27
N GLU A 372 -19.04 -0.39 29.44
CA GLU A 372 -19.73 -1.58 29.88
C GLU A 372 -21.09 -1.80 29.22
N LYS A 373 -21.65 -0.78 28.57
CA LYS A 373 -22.92 -0.93 27.88
C LYS A 373 -23.00 0.12 26.78
N ARG A 374 -23.09 -0.32 25.53
CA ARG A 374 -23.21 0.58 24.39
C ARG A 374 -24.66 0.49 23.94
N ILE A 375 -25.51 1.27 24.58
CA ILE A 375 -26.96 1.13 24.48
C ILE A 375 -27.46 1.83 23.23
N PHE A 376 -28.49 1.27 22.62
CA PHE A 376 -29.11 1.82 21.41
C PHE A 376 -30.18 2.82 21.81
N ILE A 377 -29.96 4.09 21.53
CA ILE A 377 -30.86 5.17 21.92
C ILE A 377 -31.70 5.55 20.72
N PRO A 378 -33.05 5.51 20.81
CA PRO A 378 -33.90 5.79 19.64
C PRO A 378 -34.29 7.25 19.46
N LEU A 379 -35.19 7.48 18.50
CA LEU A 379 -35.66 8.82 18.18
C LEU A 379 -36.61 9.34 19.26
N PRO A 380 -36.62 10.65 19.52
CA PRO A 380 -37.40 11.18 20.64
C PRO A 380 -38.83 11.56 20.27
N ASP A 381 -39.59 11.95 21.30
CA ASP A 381 -40.98 12.33 21.17
C ASP A 381 -41.08 13.84 20.91
N ILE A 382 -42.28 14.40 21.05
CA ILE A 382 -42.61 15.76 20.64
C ILE A 382 -42.03 16.83 21.56
N ASP A 383 -41.52 16.43 22.73
CA ASP A 383 -41.53 17.24 23.97
C ASP A 383 -40.89 18.62 23.84
N ALA A 384 -39.66 18.71 23.31
CA ALA A 384 -38.89 19.95 23.37
C ALA A 384 -38.71 20.62 22.02
N ARG A 385 -39.18 20.01 20.93
CA ARG A 385 -39.06 20.66 19.64
C ARG A 385 -40.10 21.76 19.46
N LYS A 386 -41.28 21.61 20.07
CA LYS A 386 -42.35 22.59 19.93
C LYS A 386 -41.99 23.91 20.59
N LYS A 387 -41.39 23.86 21.78
CA LYS A 387 -40.96 25.09 22.44
C LYS A 387 -39.82 25.77 21.68
N LEU A 388 -39.00 25.00 20.97
CA LEU A 388 -37.97 25.59 20.13
C LEU A 388 -38.55 26.18 18.85
N ILE A 389 -39.65 25.61 18.32
CA ILE A 389 -40.39 26.25 17.24
C ILE A 389 -40.95 27.60 17.71
N GLU A 390 -41.50 27.62 18.94
CA GLU A 390 -42.08 28.85 19.47
C GLU A 390 -41.01 29.90 19.78
N LYS A 391 -39.84 29.46 20.26
CA LYS A 391 -38.78 30.41 20.59
C LYS A 391 -38.04 30.89 19.34
N SER A 392 -37.98 30.08 18.29
CA SER A 392 -37.21 30.42 17.10
C SER A 392 -37.97 31.31 16.12
N MET A 393 -39.25 31.63 16.39
CA MET A 393 -40.01 32.48 15.48
C MET A 393 -40.34 33.85 16.09
N GLU A 394 -39.68 34.22 17.19
CA GLU A 394 -39.97 35.49 17.83
C GLU A 394 -39.36 36.64 17.02
N GLY A 395 -40.09 37.75 16.96
CA GLY A 395 -39.73 38.86 16.11
C GLY A 395 -40.35 38.81 14.73
N THR A 396 -41.00 37.70 14.36
CA THR A 396 -41.61 37.55 13.05
C THR A 396 -43.12 37.42 13.18
N PRO A 397 -43.89 38.22 12.44
CA PRO A 397 -45.36 38.14 12.54
C PRO A 397 -45.88 36.82 12.00
N LYS A 398 -46.85 36.26 12.72
CA LYS A 398 -47.44 34.97 12.37
C LYS A 398 -48.96 35.06 12.46
N SER A 399 -49.63 34.30 11.60
CA SER A 399 -51.08 34.19 11.65
C SER A 399 -51.52 33.29 12.81
N ASP A 400 -52.81 33.34 13.12
CA ASP A 400 -53.40 32.52 14.17
C ASP A 400 -54.02 31.24 13.62
N GLU A 401 -53.52 30.72 12.49
CA GLU A 401 -54.05 29.52 11.87
C GLU A 401 -53.04 28.38 11.83
N ILE A 402 -51.85 28.58 12.39
CA ILE A 402 -50.82 27.55 12.41
C ILE A 402 -51.01 26.70 13.66
N ASN A 403 -50.96 25.38 13.49
CA ASN A 403 -51.13 24.43 14.58
C ASN A 403 -49.79 23.74 14.82
N TYR A 404 -49.21 23.96 16.00
CA TYR A 404 -47.86 23.49 16.27
C TYR A 404 -47.81 22.00 16.60
N ASP A 405 -48.96 21.39 16.91
CA ASP A 405 -48.97 19.95 17.18
C ASP A 405 -48.75 19.13 15.91
N ASP A 406 -49.37 19.57 14.80
CA ASP A 406 -49.22 18.84 13.54
C ASP A 406 -47.81 19.01 12.98
N LEU A 407 -47.19 20.17 13.19
CA LEU A 407 -45.83 20.36 12.73
C LEU A 407 -44.82 19.68 13.64
N ALA A 408 -45.09 19.67 14.95
CA ALA A 408 -44.18 19.06 15.91
C ALA A 408 -44.36 17.55 16.01
N ALA A 409 -45.39 16.99 15.39
CA ALA A 409 -45.52 15.55 15.20
C ALA A 409 -44.93 15.08 13.88
N ARG A 410 -44.56 16.01 13.00
CA ARG A 410 -43.96 15.71 11.71
C ARG A 410 -42.44 15.95 11.71
N THR A 411 -41.89 16.48 12.81
CA THR A 411 -40.46 16.76 12.92
C THR A 411 -39.72 15.61 13.60
N GLU A 412 -40.17 14.38 13.39
CA GLU A 412 -39.60 13.19 14.03
C GLU A 412 -38.20 12.93 13.49
N GLY A 413 -37.19 13.28 14.27
CA GLY A 413 -35.81 13.01 13.91
C GLY A 413 -34.95 14.23 13.67
N PHE A 414 -35.50 15.45 13.72
CA PHE A 414 -34.72 16.64 13.48
C PHE A 414 -33.75 16.91 14.62
N SER A 415 -32.56 17.41 14.27
CA SER A 415 -31.53 17.74 15.24
C SER A 415 -31.78 19.12 15.84
N GLY A 416 -30.77 19.67 16.52
CA GLY A 416 -30.92 20.97 17.13
C GLY A 416 -31.03 22.10 16.10
N ALA A 417 -30.14 22.09 15.11
CA ALA A 417 -30.16 23.13 14.10
C ALA A 417 -31.13 22.83 12.96
N ASP A 418 -31.73 21.64 12.92
CA ASP A 418 -32.61 21.31 11.81
C ASP A 418 -33.95 22.02 11.91
N VAL A 419 -34.41 22.30 13.13
CA VAL A 419 -35.63 23.10 13.31
C VAL A 419 -35.38 24.54 12.90
N VAL A 420 -34.17 25.05 13.16
CA VAL A 420 -33.76 26.37 12.70
C VAL A 420 -33.71 26.40 11.18
N SER A 421 -33.27 25.31 10.56
CA SER A 421 -33.28 25.21 9.10
C SER A 421 -34.72 25.17 8.57
N LEU A 422 -35.63 24.53 9.31
CA LEU A 422 -37.04 24.49 8.92
C LEU A 422 -37.66 25.89 8.91
N CYS A 423 -37.47 26.64 10.00
CA CYS A 423 -38.03 27.98 10.06
C CYS A 423 -37.30 28.94 9.12
N ARG A 424 -36.03 28.67 8.79
CA ARG A 424 -35.33 29.50 7.81
C ARG A 424 -35.87 29.24 6.40
N THR A 425 -36.19 27.98 6.08
CA THR A 425 -36.82 27.67 4.81
C THR A 425 -38.19 28.34 4.68
N ALA A 426 -38.98 28.32 5.77
CA ALA A 426 -40.27 29.01 5.75
C ALA A 426 -40.10 30.52 5.61
N ALA A 427 -39.14 31.11 6.33
CA ALA A 427 -38.94 32.54 6.33
C ALA A 427 -38.46 33.06 4.99
N ILE A 428 -37.54 32.33 4.34
CA ILE A 428 -37.10 32.75 3.02
C ILE A 428 -38.11 32.36 1.94
N ASN A 429 -38.99 31.38 2.22
CA ASN A 429 -40.10 31.09 1.32
C ASN A 429 -41.08 32.26 1.28
N VAL A 430 -41.25 32.96 2.40
CA VAL A 430 -42.03 34.20 2.41
C VAL A 430 -41.44 35.23 1.44
N LEU A 431 -40.10 35.31 1.37
CA LEU A 431 -39.48 36.26 0.45
C LEU A 431 -39.59 35.79 -1.00
N ARG A 432 -39.36 34.50 -1.23
CA ARG A 432 -39.30 33.98 -2.60
C ARG A 432 -40.67 33.75 -3.22
N ARG A 433 -41.75 33.77 -2.43
CA ARG A 433 -43.08 33.68 -3.01
C ARG A 433 -43.44 34.91 -3.83
N TYR A 434 -42.84 36.06 -3.54
CA TYR A 434 -43.09 37.27 -4.30
C TYR A 434 -42.19 37.32 -5.52
N ASP A 435 -42.28 38.42 -6.28
CA ASP A 435 -41.56 38.58 -7.53
C ASP A 435 -40.61 39.77 -7.40
N THR A 436 -39.32 39.47 -7.25
CA THR A 436 -38.28 40.49 -7.25
C THR A 436 -37.08 40.13 -8.12
N LYS A 437 -37.03 38.91 -8.67
CA LYS A 437 -35.94 38.54 -9.55
C LYS A 437 -36.18 39.00 -10.98
N SER A 438 -37.44 39.04 -11.41
CA SER A 438 -37.76 39.44 -12.78
C SER A 438 -37.68 40.95 -12.96
N LEU A 439 -38.39 41.69 -12.13
CA LEU A 439 -38.40 43.15 -12.18
C LEU A 439 -37.34 43.68 -11.21
N ARG A 440 -36.62 44.71 -11.64
CA ARG A 440 -35.45 45.17 -10.94
C ARG A 440 -35.31 46.68 -11.06
N GLY A 441 -34.66 47.28 -10.07
CA GLY A 441 -34.37 48.70 -10.08
C GLY A 441 -35.52 49.60 -9.68
N GLY A 442 -36.57 49.61 -10.50
CA GLY A 442 -37.63 50.57 -10.34
C GLY A 442 -38.56 50.33 -9.15
N GLU A 443 -38.43 51.18 -8.13
CA GLU A 443 -39.33 51.25 -6.98
C GLU A 443 -39.41 49.93 -6.22
N LEU A 444 -38.26 49.28 -6.05
CA LEU A 444 -38.22 48.01 -5.30
C LEU A 444 -38.37 48.22 -3.80
N THR A 445 -38.23 49.46 -3.34
CA THR A 445 -38.35 49.74 -1.91
C THR A 445 -39.74 49.48 -1.39
N ALA A 446 -40.77 49.83 -2.16
CA ALA A 446 -42.15 49.62 -1.72
C ALA A 446 -42.52 48.14 -1.73
N ALA A 447 -42.08 47.41 -2.76
CA ALA A 447 -42.31 45.97 -2.82
C ALA A 447 -41.58 45.24 -1.69
N MET A 448 -40.37 45.70 -1.36
CA MET A 448 -39.60 45.08 -0.28
C MET A 448 -40.20 45.41 1.09
N GLU A 449 -40.73 46.62 1.27
CA GLU A 449 -41.37 46.95 2.54
C GLU A 449 -42.70 46.20 2.70
N SER A 450 -43.44 46.04 1.60
CA SER A 450 -44.66 45.24 1.65
C SER A 450 -44.36 43.76 1.87
N LEU A 451 -43.21 43.28 1.38
CA LEU A 451 -42.78 41.91 1.66
C LEU A 451 -42.32 41.77 3.12
N LYS A 452 -41.68 42.80 3.66
CA LYS A 452 -41.25 42.78 5.06
C LYS A 452 -42.44 42.86 6.00
N ALA A 453 -43.53 43.50 5.57
CA ALA A 453 -44.74 43.53 6.37
C ALA A 453 -45.47 42.19 6.38
N GLU A 454 -45.15 41.29 5.45
CA GLU A 454 -45.87 40.03 5.32
C GLU A 454 -45.55 39.09 6.48
N LEU A 455 -46.52 38.24 6.79
CA LEU A 455 -46.46 37.33 7.93
C LEU A 455 -46.50 35.90 7.43
N VAL A 456 -46.07 34.97 8.29
CA VAL A 456 -45.96 33.57 7.91
C VAL A 456 -47.34 32.93 7.93
N ARG A 457 -47.66 32.23 6.84
CA ARG A 457 -48.92 31.50 6.73
C ARG A 457 -48.66 30.01 6.96
N ASN A 458 -49.71 29.20 6.74
CA ASN A 458 -49.57 27.75 6.85
C ASN A 458 -48.96 27.15 5.59
N ILE A 459 -49.10 27.84 4.46
CA ILE A 459 -48.49 27.38 3.21
C ILE A 459 -46.97 27.50 3.27
N ASP A 460 -46.45 28.49 4.02
CA ASP A 460 -45.00 28.64 4.19
C ASP A 460 -44.41 27.47 4.94
N PHE A 461 -45.04 27.07 6.06
CA PHE A 461 -44.55 25.94 6.83
C PHE A 461 -44.80 24.61 6.11
N GLU A 462 -45.89 24.52 5.34
CA GLU A 462 -46.17 23.30 4.59
C GLU A 462 -45.18 23.11 3.44
N ALA A 463 -44.79 24.20 2.79
CA ALA A 463 -43.75 24.14 1.77
C ALA A 463 -42.36 24.03 2.39
N ALA A 464 -42.20 24.40 3.67
CA ALA A 464 -40.91 24.28 4.32
C ALA A 464 -40.65 22.87 4.84
N LEU A 465 -41.69 22.15 5.27
CA LEU A 465 -41.48 20.79 5.75
C LEU A 465 -41.14 19.82 4.63
N GLN A 466 -41.48 20.16 3.38
CA GLN A 466 -41.09 19.36 2.23
C GLN A 466 -39.81 19.87 1.56
N ALA A 467 -39.29 21.03 1.98
CA ALA A 467 -38.05 21.56 1.43
C ALA A 467 -36.91 21.62 2.43
N VAL A 468 -37.18 21.59 3.73
CA VAL A 468 -36.12 21.41 4.73
C VAL A 468 -36.06 19.92 5.03
N SER A 469 -35.36 19.21 4.15
CA SER A 469 -35.05 17.81 4.40
C SER A 469 -33.84 17.72 5.33
N PRO A 470 -33.82 16.77 6.27
CA PRO A 470 -32.77 16.76 7.29
C PRO A 470 -31.40 16.44 6.71
N SER A 471 -30.39 17.19 7.17
CA SER A 471 -29.01 16.89 6.80
C SER A 471 -28.54 15.58 7.42
N ALA A 472 -29.11 15.23 8.57
CA ALA A 472 -28.94 13.89 9.11
C ALA A 472 -29.70 12.92 8.21
N GLY A 473 -28.97 12.18 7.39
CA GLY A 473 -29.57 11.28 6.45
C GLY A 473 -30.00 9.99 7.10
N PRO A 474 -30.97 9.28 6.49
CA PRO A 474 -31.42 7.99 7.04
C PRO A 474 -30.49 6.83 6.66
N ASP A 475 -29.23 6.95 7.07
CA ASP A 475 -28.27 5.85 7.00
C ASP A 475 -27.40 5.72 8.25
N THR A 476 -27.28 6.77 9.06
CA THR A 476 -26.36 6.76 10.20
C THR A 476 -26.91 5.92 11.36
N MET A 477 -28.24 6.00 11.58
CA MET A 477 -28.88 5.20 12.62
C MET A 477 -28.80 3.71 12.30
N LEU A 478 -28.78 3.36 11.01
CA LEU A 478 -28.64 1.95 10.61
C LEU A 478 -27.23 1.43 10.93
N LYS A 479 -26.20 2.22 10.63
CA LYS A 479 -24.84 1.79 10.94
C LYS A 479 -24.60 1.79 12.45
N CYS A 480 -25.25 2.69 13.19
CA CYS A 480 -25.19 2.62 14.64
C CYS A 480 -25.90 1.38 15.18
N LYS A 481 -26.98 0.95 14.51
CA LYS A 481 -27.63 -0.30 14.87
C LYS A 481 -26.72 -1.50 14.64
N GLU A 482 -26.01 -1.52 13.51
CA GLU A 482 -25.10 -2.63 13.25
C GLU A 482 -23.88 -2.61 14.18
N TRP A 483 -23.45 -1.41 14.60
CA TRP A 483 -22.33 -1.33 15.53
C TRP A 483 -22.73 -1.75 16.94
N CYS A 484 -23.93 -1.35 17.39
CA CYS A 484 -24.37 -1.77 18.72
C CYS A 484 -24.78 -3.23 18.73
N ASP A 485 -25.13 -3.79 17.58
CA ASP A 485 -25.30 -5.23 17.49
C ASP A 485 -23.98 -5.97 17.45
N SER A 486 -22.93 -5.36 16.90
CA SER A 486 -21.64 -6.04 16.73
C SER A 486 -20.73 -5.89 17.96
N PHE A 487 -20.40 -4.65 18.32
CA PHE A 487 -19.41 -4.40 19.36
C PHE A 487 -20.01 -4.03 20.71
N GLY A 488 -21.28 -3.63 20.76
CA GLY A 488 -21.95 -3.33 22.00
C GLY A 488 -22.96 -4.40 22.40
N ALA A 489 -23.54 -4.22 23.59
CA ALA A 489 -24.61 -5.08 24.10
C ALA A 489 -25.86 -4.22 24.26
N MET A 490 -26.65 -4.14 23.20
CA MET A 490 -27.90 -3.38 23.22
C MET A 490 -29.03 -4.18 22.55
N LEU B 174 1.37 47.39 -4.23
CA LEU B 174 -0.04 47.53 -3.91
C LEU B 174 -0.57 48.91 -4.24
N PRO B 175 -1.82 49.00 -4.67
CA PRO B 175 -2.49 50.30 -4.73
C PRO B 175 -3.08 50.65 -3.38
N GLN B 176 -3.76 51.79 -3.28
CA GLN B 176 -4.49 52.11 -2.06
C GLN B 176 -5.89 51.53 -2.15
N ASN B 177 -6.76 51.92 -1.21
CA ASN B 177 -8.16 51.52 -1.21
C ASN B 177 -9.02 52.77 -1.43
N SER B 178 -10.32 52.62 -1.24
CA SER B 178 -11.19 53.79 -1.23
C SER B 178 -10.94 54.62 0.02
N ALA B 179 -11.42 55.86 -0.03
CA ALA B 179 -11.34 56.89 1.01
C ALA B 179 -9.92 57.30 1.37
N GLY B 180 -8.92 56.92 0.59
CA GLY B 180 -7.57 57.46 0.72
C GLY B 180 -6.68 56.80 1.74
N ASP B 181 -7.08 55.68 2.33
CA ASP B 181 -6.23 55.00 3.31
C ASP B 181 -5.13 54.23 2.60
N SER B 182 -4.30 53.51 3.38
CA SER B 182 -3.23 52.72 2.83
C SER B 182 -2.93 51.55 3.76
N PHE B 183 -2.54 50.42 3.19
CA PHE B 183 -2.26 49.21 3.93
C PHE B 183 -0.75 49.07 4.15
N ASP B 184 -0.38 48.72 5.39
CA ASP B 184 1.02 48.62 5.79
C ASP B 184 1.41 47.15 5.86
N ALA B 185 1.87 46.62 4.74
CA ALA B 185 2.36 45.24 4.67
C ALA B 185 3.88 45.22 4.77
N SER B 186 4.35 45.51 5.98
CA SER B 186 5.79 45.62 6.25
C SER B 186 6.36 44.38 6.92
N ALA B 187 5.53 43.49 7.44
CA ALA B 187 6.01 42.31 8.15
C ALA B 187 6.17 41.11 7.23
N TYR B 188 5.81 41.24 5.96
CA TYR B 188 5.94 40.15 4.99
C TYR B 188 7.03 40.48 4.00
N ASP B 189 7.55 39.44 3.36
CA ASP B 189 8.51 39.64 2.29
C ASP B 189 7.80 40.20 1.05
N ALA B 190 8.60 40.67 0.09
CA ALA B 190 8.00 41.28 -1.09
C ALA B 190 7.39 40.24 -2.01
N TYR B 191 7.92 39.02 -2.01
CA TYR B 191 7.42 38.01 -2.94
C TYR B 191 6.09 37.41 -2.50
N ILE B 192 5.80 37.40 -1.21
CA ILE B 192 4.47 36.98 -0.76
C ILE B 192 3.42 38.00 -1.20
N VAL B 193 3.77 39.29 -1.09
CA VAL B 193 2.90 40.35 -1.58
C VAL B 193 2.73 40.24 -3.09
N GLN B 194 3.79 39.84 -3.79
CA GLN B 194 3.68 39.61 -5.23
C GLN B 194 2.78 38.43 -5.56
N ALA B 195 2.87 37.35 -4.77
CA ALA B 195 2.07 36.16 -5.05
C ALA B 195 0.60 36.37 -4.73
N VAL B 196 0.30 37.23 -3.76
CA VAL B 196 -1.12 37.55 -3.50
C VAL B 196 -1.65 38.62 -4.45
N ARG B 197 -0.80 39.55 -4.88
CA ARG B 197 -1.22 40.61 -5.78
C ARG B 197 -1.40 40.11 -7.20
N GLY B 198 -0.70 39.05 -7.58
CA GLY B 198 -0.86 38.47 -8.90
C GLY B 198 -2.20 37.81 -9.15
N THR B 199 -2.98 37.56 -8.11
CA THR B 199 -4.29 36.94 -8.28
C THR B 199 -5.40 37.95 -8.51
N MET B 200 -5.31 39.13 -7.90
CA MET B 200 -6.37 40.12 -7.99
C MET B 200 -6.40 40.81 -9.35
N GLU B 205 -12.88 44.89 -17.02
CA GLU B 205 -13.92 43.89 -16.89
C GLU B 205 -14.56 43.56 -18.23
N ASN B 206 -14.12 42.47 -18.85
CA ASN B 206 -14.70 41.96 -20.09
C ASN B 206 -16.13 41.51 -19.81
N THR B 207 -17.10 42.24 -20.35
CA THR B 207 -18.47 42.20 -19.85
C THR B 207 -19.18 40.93 -20.29
N MET B 208 -19.57 40.13 -19.31
CA MET B 208 -20.61 39.12 -19.46
C MET B 208 -21.86 39.59 -18.74
N SER B 209 -22.92 38.79 -18.83
CA SER B 209 -24.15 39.10 -18.13
C SER B 209 -24.68 37.82 -17.50
N LEU B 210 -25.44 37.98 -16.42
CA LEU B 210 -25.97 36.83 -15.71
C LEU B 210 -27.10 36.15 -16.47
N ASP B 211 -27.64 36.79 -17.51
CA ASP B 211 -28.66 36.21 -18.37
C ASP B 211 -28.04 35.36 -19.47
N ASP B 212 -26.71 35.33 -19.55
CA ASP B 212 -26.02 34.54 -20.56
C ASP B 212 -25.77 33.10 -20.11
N ILE B 213 -26.34 32.69 -18.98
CA ILE B 213 -26.20 31.33 -18.46
C ILE B 213 -27.58 30.69 -18.45
N ILE B 214 -27.69 29.50 -19.03
CA ILE B 214 -28.97 28.83 -19.21
C ILE B 214 -29.17 27.84 -18.07
N GLY B 215 -30.29 27.98 -17.37
CA GLY B 215 -30.58 27.13 -16.24
C GLY B 215 -30.13 27.74 -14.94
N MET B 216 -30.26 26.95 -13.87
CA MET B 216 -29.71 27.23 -12.54
C MET B 216 -30.27 28.53 -11.95
N HIS B 217 -31.57 28.53 -11.71
CA HIS B 217 -32.21 29.71 -11.12
C HIS B 217 -31.93 29.82 -9.62
N ASP B 218 -31.69 28.69 -8.96
CA ASP B 218 -31.47 28.69 -7.51
C ASP B 218 -30.11 29.28 -7.15
N VAL B 219 -29.08 28.98 -7.95
CA VAL B 219 -27.75 29.52 -7.69
C VAL B 219 -27.75 31.02 -7.91
N LYS B 220 -28.43 31.50 -8.96
CA LYS B 220 -28.59 32.92 -9.17
C LYS B 220 -29.44 33.55 -8.08
N GLN B 221 -30.36 32.78 -7.49
CA GLN B 221 -31.20 33.29 -6.40
C GLN B 221 -30.36 33.57 -5.15
N VAL B 222 -29.49 32.62 -4.80
CA VAL B 222 -28.59 32.82 -3.66
C VAL B 222 -27.57 33.93 -3.94
N LEU B 223 -27.06 34.00 -5.18
CA LEU B 223 -26.10 35.04 -5.53
C LEU B 223 -26.74 36.42 -5.48
N HIS B 224 -28.00 36.51 -5.92
CA HIS B 224 -28.78 37.75 -5.84
C HIS B 224 -28.90 38.21 -4.40
N GLU B 225 -29.46 37.33 -3.54
CA GLU B 225 -29.68 37.66 -2.13
C GLU B 225 -28.39 37.87 -1.35
N ALA B 226 -27.26 37.35 -1.83
CA ALA B 226 -26.02 37.44 -1.08
C ALA B 226 -25.08 38.54 -1.55
N VAL B 227 -25.20 39.00 -2.79
CA VAL B 227 -24.31 40.03 -3.32
C VAL B 227 -25.04 41.32 -3.63
N THR B 228 -26.19 41.25 -4.30
CA THR B 228 -26.75 42.46 -4.91
C THR B 228 -27.65 43.23 -3.98
N LEU B 229 -28.44 42.54 -3.14
CA LEU B 229 -29.34 43.23 -2.22
C LEU B 229 -28.67 44.05 -1.11
N PRO B 230 -27.58 43.63 -0.44
CA PRO B 230 -27.01 44.51 0.60
C PRO B 230 -26.39 45.80 0.07
N LEU B 231 -26.15 45.93 -1.24
CA LEU B 231 -25.72 47.21 -1.77
C LEU B 231 -26.87 48.22 -1.77
N LEU B 232 -28.07 47.77 -2.12
CA LEU B 232 -29.21 48.65 -2.31
C LEU B 232 -29.99 48.90 -1.02
N VAL B 233 -30.22 47.86 -0.22
CA VAL B 233 -30.96 48.01 1.02
C VAL B 233 -30.10 47.61 2.22
N PRO B 234 -29.14 48.46 2.63
CA PRO B 234 -28.27 48.09 3.75
C PRO B 234 -28.94 48.22 5.12
N GLU B 235 -30.15 48.75 5.19
CA GLU B 235 -30.87 48.84 6.45
C GLU B 235 -31.66 47.58 6.75
N PHE B 236 -32.06 46.83 5.73
CA PHE B 236 -32.83 45.62 5.96
C PHE B 236 -31.95 44.51 6.55
N PHE B 237 -30.71 44.41 6.09
CA PHE B 237 -29.77 43.42 6.63
C PHE B 237 -29.03 44.06 7.80
N GLN B 238 -29.60 43.94 8.99
CA GLN B 238 -28.96 44.47 10.19
C GLN B 238 -28.58 43.38 11.18
N GLY B 239 -29.54 42.55 11.60
CA GLY B 239 -29.29 41.59 12.66
C GLY B 239 -29.31 40.13 12.23
N LEU B 240 -30.43 39.45 12.52
CA LEU B 240 -30.54 38.01 12.30
C LEU B 240 -30.88 37.66 10.86
N ARG B 241 -31.20 38.65 10.03
CA ARG B 241 -31.39 38.42 8.60
C ARG B 241 -30.12 38.71 7.80
N SER B 242 -28.96 38.44 8.40
CA SER B 242 -27.68 38.69 7.75
C SER B 242 -27.51 37.76 6.54
N PRO B 243 -26.80 38.21 5.50
CA PRO B 243 -26.69 37.41 4.28
C PRO B 243 -25.80 36.20 4.47
N TRP B 244 -25.87 35.29 3.51
CA TRP B 244 -25.00 34.12 3.50
C TRP B 244 -23.55 34.54 3.29
N LYS B 245 -22.63 33.68 3.73
CA LYS B 245 -21.21 34.01 3.68
C LYS B 245 -20.35 32.92 3.06
N ALA B 246 -20.95 31.91 2.45
CA ALA B 246 -20.21 30.83 1.82
C ALA B 246 -21.10 30.17 0.79
N MET B 247 -20.49 29.30 -0.03
CA MET B 247 -21.17 28.51 -1.04
C MET B 247 -20.17 27.51 -1.60
N VAL B 248 -20.68 26.35 -2.01
CA VAL B 248 -19.86 25.38 -2.72
C VAL B 248 -20.72 24.58 -3.71
N LEU B 249 -20.34 24.63 -4.98
CA LEU B 249 -21.10 24.03 -6.05
C LEU B 249 -20.51 22.66 -6.34
N ALA B 250 -21.36 21.64 -6.40
CA ALA B 250 -20.94 20.29 -6.72
C ALA B 250 -21.67 19.80 -7.96
N GLY B 251 -21.01 18.94 -8.74
CA GLY B 251 -21.65 18.39 -9.91
C GLY B 251 -20.71 17.77 -10.91
N PRO B 252 -21.25 17.35 -12.05
CA PRO B 252 -20.45 16.66 -13.05
C PRO B 252 -19.61 17.64 -13.84
N PRO B 253 -18.57 17.18 -14.53
CA PRO B 253 -17.74 18.10 -15.30
C PRO B 253 -18.45 18.56 -16.56
N GLY B 254 -18.47 19.88 -16.76
CA GLY B 254 -19.05 20.46 -17.96
C GLY B 254 -20.38 21.13 -17.77
N THR B 255 -20.84 21.33 -16.54
CA THR B 255 -22.16 21.86 -16.28
C THR B 255 -22.17 23.36 -16.03
N GLY B 256 -21.02 24.01 -16.05
CA GLY B 256 -21.00 25.46 -15.99
C GLY B 256 -20.76 26.05 -14.62
N LYS B 257 -19.79 25.53 -13.88
CA LYS B 257 -19.54 26.08 -12.54
C LYS B 257 -18.75 27.38 -12.60
N THR B 258 -17.72 27.44 -13.46
CA THR B 258 -16.88 28.63 -13.50
C THR B 258 -17.53 29.80 -14.23
N LEU B 259 -18.52 29.53 -15.09
CA LEU B 259 -19.20 30.62 -15.78
C LEU B 259 -20.02 31.46 -14.82
N ILE B 260 -20.60 30.85 -13.79
CA ILE B 260 -21.33 31.60 -12.77
C ILE B 260 -20.37 32.50 -12.01
N ALA B 261 -19.17 31.98 -11.71
CA ALA B 261 -18.20 32.76 -10.95
C ALA B 261 -17.65 33.91 -11.75
N ARG B 262 -17.37 33.70 -13.04
CA ARG B 262 -16.88 34.81 -13.85
C ARG B 262 -17.97 35.83 -14.16
N ALA B 263 -19.22 35.37 -14.31
CA ALA B 263 -20.31 36.31 -14.54
C ALA B 263 -20.59 37.16 -13.32
N ILE B 264 -20.54 36.57 -12.12
CA ILE B 264 -20.68 37.38 -10.91
C ILE B 264 -19.41 38.16 -10.61
N ALA B 265 -18.30 37.81 -11.24
CA ALA B 265 -17.11 38.66 -11.13
C ALA B 265 -17.24 39.90 -12.00
N SER B 266 -17.85 39.76 -13.17
CA SER B 266 -17.91 40.87 -14.11
C SER B 266 -18.85 41.98 -13.64
N GLU B 267 -20.13 41.67 -13.50
CA GLU B 267 -21.15 42.69 -13.29
C GLU B 267 -21.37 42.99 -11.80
N SER B 268 -20.27 43.32 -11.14
CA SER B 268 -20.34 43.72 -9.75
C SER B 268 -19.21 44.70 -9.46
N SER B 269 -19.47 45.61 -8.53
CA SER B 269 -18.46 46.56 -8.05
C SER B 269 -17.64 45.98 -6.91
N SER B 270 -17.73 44.68 -6.67
CA SER B 270 -16.95 44.05 -5.62
C SER B 270 -15.58 43.65 -6.14
N THR B 271 -14.60 43.68 -5.26
CA THR B 271 -13.25 43.27 -5.60
C THR B 271 -13.19 41.76 -5.72
N PHE B 272 -12.74 41.27 -6.86
CA PHE B 272 -12.67 39.83 -7.08
C PHE B 272 -11.27 39.31 -6.74
N PHE B 273 -11.19 37.99 -6.55
CA PHE B 273 -9.93 37.30 -6.31
C PHE B 273 -9.99 35.96 -7.02
N THR B 274 -8.87 35.25 -7.06
CA THR B 274 -8.85 33.90 -7.62
C THR B 274 -7.74 33.12 -6.94
N VAL B 275 -8.11 32.07 -6.23
CA VAL B 275 -7.15 31.22 -5.53
C VAL B 275 -7.19 29.84 -6.14
N SER B 276 -6.02 29.28 -6.41
CA SER B 276 -5.89 27.93 -6.91
C SER B 276 -4.83 27.20 -6.09
N SER B 277 -4.64 25.92 -6.36
CA SER B 277 -3.73 25.12 -5.55
C SER B 277 -2.27 25.32 -5.92
N THR B 278 -2.00 25.81 -7.12
CA THR B 278 -0.64 26.18 -7.51
C THR B 278 -0.24 27.55 -6.97
N ASP B 279 -1.12 28.22 -6.24
CA ASP B 279 -0.87 29.53 -5.68
C ASP B 279 -0.50 29.48 -4.21
N LEU B 280 -0.53 28.29 -3.62
CA LEU B 280 -0.10 28.07 -2.24
C LEU B 280 1.06 27.09 -2.26
N SER B 281 2.03 27.33 -3.14
CA SER B 281 3.11 26.39 -3.40
C SER B 281 4.06 26.33 -2.21
N SER B 282 4.74 27.44 -1.92
CA SER B 282 5.46 27.68 -0.66
C SER B 282 6.54 26.62 -0.40
N LYS B 283 7.59 26.70 -1.23
CA LYS B 283 8.72 25.76 -1.10
C LYS B 283 9.43 25.88 0.24
N TRP B 284 9.42 27.06 0.86
CA TRP B 284 10.00 27.19 2.18
C TRP B 284 9.07 26.61 3.24
N ARG B 285 9.47 26.73 4.50
CA ARG B 285 8.72 26.17 5.60
C ARG B 285 8.10 27.30 6.40
N GLY B 286 6.81 27.17 6.71
CA GLY B 286 6.11 28.19 7.45
C GLY B 286 5.79 29.40 6.61
N ASP B 287 5.41 29.19 5.35
CA ASP B 287 5.13 30.31 4.46
C ASP B 287 3.80 30.20 3.73
N SER B 288 3.18 29.02 3.65
CA SER B 288 1.88 28.91 3.01
C SER B 288 0.79 29.59 3.84
N GLU B 289 0.86 29.43 5.17
CA GLU B 289 -0.10 30.08 6.05
C GLU B 289 0.04 31.60 6.00
N LYS B 290 1.23 32.09 5.69
CA LYS B 290 1.42 33.53 5.56
C LYS B 290 0.71 34.05 4.31
N ILE B 291 0.74 33.29 3.22
CA ILE B 291 0.02 33.65 2.01
C ILE B 291 -1.48 33.65 2.26
N VAL B 292 -2.00 32.62 2.94
CA VAL B 292 -3.43 32.52 3.20
C VAL B 292 -3.91 33.65 4.11
N ARG B 293 -3.14 33.94 5.17
CA ARG B 293 -3.51 35.00 6.08
C ARG B 293 -3.41 36.37 5.43
N LEU B 294 -2.44 36.56 4.53
CA LEU B 294 -2.36 37.85 3.85
C LEU B 294 -3.49 38.02 2.86
N LEU B 295 -3.96 36.92 2.26
CA LEU B 295 -5.11 37.00 1.37
C LEU B 295 -6.37 37.41 2.13
N PHE B 296 -6.62 36.77 3.28
CA PHE B 296 -7.82 37.13 4.03
C PHE B 296 -7.69 38.46 4.77
N GLU B 297 -6.47 38.95 4.97
CA GLU B 297 -6.33 40.32 5.45
C GLU B 297 -6.55 41.33 4.34
N LEU B 298 -6.18 40.99 3.11
CA LEU B 298 -6.42 41.89 1.99
C LEU B 298 -7.87 41.84 1.53
N ALA B 299 -8.61 40.79 1.84
CA ALA B 299 -10.02 40.77 1.48
C ALA B 299 -10.85 41.64 2.41
N ARG B 300 -10.50 41.68 3.68
CA ARG B 300 -11.18 42.54 4.65
C ARG B 300 -10.65 43.95 4.66
N PHE B 301 -9.83 44.31 3.68
CA PHE B 301 -9.34 45.66 3.48
C PHE B 301 -10.16 46.41 2.44
N TYR B 302 -10.31 45.84 1.25
CA TYR B 302 -11.27 46.31 0.26
C TYR B 302 -12.64 45.76 0.66
N ALA B 303 -13.53 46.64 1.12
CA ALA B 303 -14.65 46.29 1.98
C ALA B 303 -15.70 45.37 1.35
N PRO B 304 -16.07 45.50 0.06
CA PRO B 304 -16.76 44.37 -0.56
C PRO B 304 -15.74 43.44 -1.20
N SER B 305 -15.92 42.13 -1.06
CA SER B 305 -14.92 41.20 -1.57
C SER B 305 -15.58 39.85 -1.85
N ILE B 306 -15.14 39.22 -2.93
CA ILE B 306 -15.60 37.89 -3.31
C ILE B 306 -14.35 37.06 -3.64
N ILE B 307 -14.24 35.90 -3.00
CA ILE B 307 -13.11 34.99 -3.21
C ILE B 307 -13.64 33.73 -3.86
N PHE B 308 -12.89 33.21 -4.82
CA PHE B 308 -13.33 32.04 -5.60
C PHE B 308 -12.22 31.00 -5.57
N ILE B 309 -12.25 30.12 -4.58
CA ILE B 309 -11.26 29.06 -4.45
C ILE B 309 -11.66 27.94 -5.41
N ASP B 310 -10.99 27.88 -6.55
CA ASP B 310 -11.32 26.88 -7.55
C ASP B 310 -10.66 25.55 -7.22
N GLN B 311 -11.38 24.46 -7.46
CA GLN B 311 -10.95 23.08 -7.25
C GLN B 311 -10.52 22.85 -5.80
N ILE B 312 -11.50 22.94 -4.91
CA ILE B 312 -11.23 22.78 -3.48
C ILE B 312 -11.12 21.31 -3.07
N ASP B 313 -11.12 20.38 -4.04
CA ASP B 313 -10.75 18.99 -3.78
C ASP B 313 -9.33 18.90 -3.24
N THR B 314 -8.37 19.49 -3.94
CA THR B 314 -7.06 19.74 -3.38
C THR B 314 -7.18 20.69 -2.20
N LEU B 315 -6.26 20.55 -1.24
CA LEU B 315 -6.18 21.13 0.10
C LEU B 315 -7.32 20.70 1.01
N GLY B 316 -8.22 19.83 0.57
CA GLY B 316 -9.34 19.43 1.39
C GLY B 316 -9.37 17.97 1.72
N GLY B 317 -8.21 17.36 1.95
CA GLY B 317 -8.16 16.00 2.39
C GLY B 317 -8.54 15.87 3.86
N GLN B 318 -8.58 14.63 4.33
CA GLN B 318 -8.83 14.39 5.74
C GLN B 318 -7.61 14.80 6.56
N ARG B 319 -7.85 15.50 7.67
CA ARG B 319 -6.77 16.10 8.45
C ARG B 319 -5.93 15.08 9.21
N GLY B 320 -6.35 13.82 9.27
CA GLY B 320 -5.52 12.78 9.86
C GLY B 320 -5.27 11.64 8.90
N ASN B 321 -5.07 11.96 7.63
CA ASN B 321 -4.92 10.96 6.59
C ASN B 321 -3.55 10.29 6.67
N SER B 322 -3.36 9.26 5.84
CA SER B 322 -2.18 8.42 5.93
C SER B 322 -0.94 9.09 5.35
N GLY B 323 -0.96 9.36 4.05
CA GLY B 323 0.14 10.06 3.43
C GLY B 323 -0.11 11.55 3.33
N GLU B 324 0.37 12.30 4.31
CA GLU B 324 0.18 13.74 4.34
C GLU B 324 1.43 14.40 4.90
N HIS B 325 1.69 15.60 4.42
CA HIS B 325 2.83 16.34 4.92
C HIS B 325 2.49 16.98 6.26
N GLU B 326 3.49 17.59 6.87
CA GLU B 326 3.30 18.30 8.12
C GLU B 326 2.90 19.75 7.90
N ALA B 327 2.71 20.15 6.64
CA ALA B 327 2.38 21.53 6.30
C ALA B 327 0.96 21.73 5.80
N SER B 328 0.37 20.71 5.14
CA SER B 328 -0.97 20.88 4.58
C SER B 328 -2.03 20.98 5.67
N ARG B 329 -1.80 20.33 6.81
CA ARG B 329 -2.69 20.45 7.94
C ARG B 329 -2.69 21.87 8.49
N ARG B 330 -1.56 22.56 8.39
CA ARG B 330 -1.53 23.98 8.73
C ARG B 330 -2.37 24.81 7.76
N VAL B 331 -2.44 24.40 6.48
CA VAL B 331 -3.27 25.12 5.52
C VAL B 331 -4.75 24.95 5.86
N LYS B 332 -5.16 23.71 6.14
CA LYS B 332 -6.56 23.47 6.49
C LYS B 332 -6.92 24.13 7.83
N SER B 333 -6.00 24.13 8.79
CA SER B 333 -6.26 24.80 10.05
C SER B 333 -6.30 26.30 9.88
N GLU B 334 -5.51 26.85 8.96
CA GLU B 334 -5.53 28.28 8.73
C GLU B 334 -6.82 28.73 8.05
N PHE B 335 -7.38 27.89 7.17
CA PHE B 335 -8.73 28.16 6.68
C PHE B 335 -9.75 28.07 7.80
N LEU B 336 -9.73 26.99 8.59
CA LEU B 336 -10.75 26.78 9.60
C LEU B 336 -10.70 27.81 10.73
N VAL B 337 -9.56 28.46 10.95
CA VAL B 337 -9.54 29.59 11.87
C VAL B 337 -9.82 30.89 11.14
N GLN B 338 -9.56 30.96 9.84
CA GLN B 338 -9.56 32.23 9.13
C GLN B 338 -10.89 32.50 8.43
N MET B 339 -11.79 31.51 8.38
CA MET B 339 -13.08 31.75 7.71
C MET B 339 -13.98 32.66 8.52
N ASP B 340 -13.83 32.67 9.83
CA ASP B 340 -14.67 33.51 10.68
C ASP B 340 -14.16 34.95 10.72
N ARG B 349 -16.99 45.50 6.42
CA ARG B 349 -16.09 44.42 6.04
C ARG B 349 -16.90 43.16 5.75
N ARG B 350 -17.18 42.92 4.46
CA ARG B 350 -18.02 41.81 4.03
C ARG B 350 -17.27 40.99 2.99
N VAL B 351 -17.18 39.68 3.21
CA VAL B 351 -16.53 38.76 2.28
C VAL B 351 -17.55 37.70 1.86
N PHE B 352 -17.16 36.90 0.87
CA PHE B 352 -18.01 35.83 0.35
C PHE B 352 -17.11 34.87 -0.42
N VAL B 353 -17.21 33.57 -0.11
CA VAL B 353 -16.27 32.57 -0.61
C VAL B 353 -17.05 31.54 -1.43
N LEU B 354 -16.79 31.48 -2.73
CA LEU B 354 -17.31 30.43 -3.57
C LEU B 354 -16.33 29.26 -3.65
N ALA B 355 -16.79 28.16 -4.22
CA ALA B 355 -15.94 27.02 -4.52
C ALA B 355 -16.61 26.21 -5.64
N ALA B 356 -15.93 25.15 -6.09
CA ALA B 356 -16.47 24.27 -7.11
C ALA B 356 -15.72 22.94 -7.04
N THR B 357 -16.42 21.84 -7.29
CA THR B 357 -15.84 20.52 -7.14
C THR B 357 -16.40 19.58 -8.19
N ASN B 358 -15.60 18.57 -8.55
CA ASN B 358 -16.11 17.42 -9.27
C ASN B 358 -16.34 16.23 -8.35
N ILE B 359 -15.51 16.07 -7.33
CA ILE B 359 -15.64 14.95 -6.40
C ILE B 359 -15.88 15.50 -4.99
N PRO B 360 -17.13 15.80 -4.64
CA PRO B 360 -17.39 16.50 -3.38
C PRO B 360 -17.36 15.62 -2.15
N TRP B 361 -17.35 14.29 -2.31
CA TRP B 361 -17.38 13.40 -1.15
C TRP B 361 -16.05 13.39 -0.41
N GLU B 362 -14.98 13.84 -1.04
CA GLU B 362 -13.66 13.89 -0.42
C GLU B 362 -13.44 15.16 0.37
N LEU B 363 -14.45 15.97 0.58
CA LEU B 363 -14.30 17.13 1.44
C LEU B 363 -14.32 16.71 2.91
N ASP B 364 -13.61 17.47 3.74
CA ASP B 364 -13.48 17.14 5.15
C ASP B 364 -14.77 17.47 5.90
N GLU B 365 -14.87 16.93 7.12
CA GLU B 365 -16.08 17.12 7.91
C GLU B 365 -16.13 18.48 8.58
N ALA B 366 -14.99 18.96 9.06
CA ALA B 366 -14.94 20.31 9.60
C ALA B 366 -14.92 21.37 8.51
N LEU B 367 -14.46 21.03 7.32
CA LEU B 367 -14.52 21.96 6.21
C LEU B 367 -15.90 22.01 5.56
N ARG B 368 -16.74 21.00 5.81
CA ARG B 368 -18.05 20.99 5.20
C ARG B 368 -19.01 21.94 5.90
N ARG B 369 -19.06 21.90 7.23
CA ARG B 369 -20.03 22.69 7.97
C ARG B 369 -19.66 24.16 8.08
N ARG B 370 -18.51 24.57 7.56
CA ARG B 370 -18.23 26.00 7.42
C ARG B 370 -18.87 26.58 6.18
N PHE B 371 -19.37 25.75 5.27
CA PHE B 371 -20.01 26.21 4.05
C PHE B 371 -21.51 26.18 4.23
N GLU B 372 -22.13 27.35 4.12
CA GLU B 372 -23.54 27.50 4.48
C GLU B 372 -24.50 26.90 3.46
N LYS B 373 -24.05 26.65 2.23
CA LYS B 373 -24.96 26.23 1.18
C LYS B 373 -24.22 25.28 0.25
N ARG B 374 -24.65 24.04 0.20
CA ARG B 374 -24.08 23.02 -0.68
C ARG B 374 -25.12 22.70 -1.76
N ILE B 375 -24.97 23.32 -2.92
CA ILE B 375 -25.97 23.25 -3.98
C ILE B 375 -25.53 22.16 -4.95
N PHE B 376 -26.51 21.53 -5.60
CA PHE B 376 -26.25 20.60 -6.69
C PHE B 376 -26.41 21.31 -8.02
N ILE B 377 -25.66 20.85 -9.02
CA ILE B 377 -25.74 21.37 -10.38
C ILE B 377 -26.05 20.23 -11.33
N PRO B 378 -27.24 20.18 -11.93
CA PRO B 378 -27.63 19.00 -12.71
C PRO B 378 -27.29 19.10 -14.18
N LEU B 379 -27.42 17.99 -14.90
CA LEU B 379 -27.24 17.97 -16.34
C LEU B 379 -28.41 18.68 -17.01
N PRO B 380 -28.25 19.11 -18.27
CA PRO B 380 -29.37 19.74 -18.97
C PRO B 380 -30.48 18.76 -19.29
N ASP B 381 -31.72 19.23 -19.10
CA ASP B 381 -32.94 18.50 -19.40
C ASP B 381 -33.31 18.63 -20.88
N ILE B 382 -34.54 18.23 -21.23
CA ILE B 382 -34.97 18.32 -22.62
C ILE B 382 -35.25 19.77 -23.00
N ASP B 383 -35.67 20.60 -22.05
CA ASP B 383 -36.02 21.97 -22.37
C ASP B 383 -34.79 22.88 -22.42
N ALA B 384 -33.78 22.60 -21.61
CA ALA B 384 -32.61 23.48 -21.57
C ALA B 384 -31.73 23.29 -22.80
N ARG B 385 -31.70 22.09 -23.36
CA ARG B 385 -30.82 21.81 -24.49
C ARG B 385 -31.26 22.55 -25.74
N LYS B 386 -32.57 22.66 -25.97
CA LYS B 386 -33.05 23.40 -27.13
C LYS B 386 -32.73 24.89 -27.00
N LYS B 387 -32.84 25.44 -25.79
CA LYS B 387 -32.41 26.81 -25.56
C LYS B 387 -30.93 27.00 -25.77
N LEU B 388 -30.12 25.98 -25.44
CA LEU B 388 -28.67 26.13 -25.61
C LEU B 388 -28.28 26.06 -27.08
N ILE B 389 -28.90 25.15 -27.85
CA ILE B 389 -28.61 25.11 -29.29
C ILE B 389 -29.14 26.36 -29.98
N GLU B 390 -30.25 26.93 -29.52
CA GLU B 390 -30.73 28.14 -30.17
C GLU B 390 -29.94 29.37 -29.74
N LYS B 391 -29.31 29.34 -28.56
CA LYS B 391 -28.52 30.50 -28.16
C LYS B 391 -27.13 30.49 -28.77
N SER B 392 -26.51 29.32 -28.90
CA SER B 392 -25.13 29.28 -29.40
C SER B 392 -25.06 29.62 -30.87
N MET B 393 -26.09 29.31 -31.65
CA MET B 393 -26.12 29.64 -33.07
C MET B 393 -26.89 30.93 -33.29
N GLU B 394 -26.30 32.02 -32.78
CA GLU B 394 -26.88 33.34 -32.97
C GLU B 394 -26.11 34.19 -33.97
N GLY B 395 -24.89 33.81 -34.32
CA GLY B 395 -24.13 34.57 -35.29
C GLY B 395 -24.22 34.03 -36.70
N THR B 396 -23.97 32.73 -36.86
CA THR B 396 -23.97 32.13 -38.18
C THR B 396 -25.40 31.91 -38.68
N PRO B 397 -25.63 32.07 -39.98
CA PRO B 397 -27.00 31.97 -40.51
C PRO B 397 -27.53 30.55 -40.66
N LYS B 398 -28.43 30.14 -39.77
CA LYS B 398 -29.27 28.97 -40.02
C LYS B 398 -30.46 29.38 -40.87
N SER B 399 -30.95 28.45 -41.68
CA SER B 399 -31.91 28.81 -42.72
C SER B 399 -33.30 28.24 -42.48
N ASP B 400 -33.42 26.92 -42.40
CA ASP B 400 -34.74 26.31 -42.23
C ASP B 400 -34.75 25.16 -41.23
N GLU B 401 -33.59 24.82 -40.64
CA GLU B 401 -33.48 23.69 -39.72
C GLU B 401 -34.04 24.08 -38.36
N ILE B 402 -35.37 24.26 -38.33
CA ILE B 402 -36.04 24.73 -37.13
C ILE B 402 -36.59 23.53 -36.37
N ASN B 403 -36.06 22.35 -36.69
CA ASN B 403 -36.44 21.10 -36.01
C ASN B 403 -35.64 20.91 -34.73
N TYR B 404 -35.66 21.92 -33.86
CA TYR B 404 -34.84 21.91 -32.65
C TYR B 404 -35.35 20.95 -31.59
N ASP B 405 -36.62 20.55 -31.66
CA ASP B 405 -37.12 19.53 -30.75
C ASP B 405 -36.48 18.18 -31.03
N ASP B 406 -36.17 17.90 -32.29
CA ASP B 406 -35.49 16.65 -32.64
C ASP B 406 -34.06 16.65 -32.11
N LEU B 407 -33.37 17.78 -32.22
CA LEU B 407 -32.02 17.86 -31.67
C LEU B 407 -32.03 17.87 -30.16
N ALA B 408 -33.12 18.36 -29.55
CA ALA B 408 -33.28 18.20 -28.12
C ALA B 408 -33.74 16.81 -27.73
N ALA B 409 -34.14 15.98 -28.70
CA ALA B 409 -34.55 14.62 -28.44
C ALA B 409 -33.44 13.60 -28.66
N ARG B 410 -32.56 13.82 -29.64
CA ARG B 410 -31.59 12.79 -29.98
C ARG B 410 -30.35 12.83 -29.10
N THR B 411 -29.92 14.01 -28.68
CA THR B 411 -28.82 14.11 -27.71
C THR B 411 -29.36 13.69 -26.35
N GLU B 412 -29.09 12.44 -25.96
CA GLU B 412 -29.71 11.89 -24.76
C GLU B 412 -29.03 12.39 -23.49
N GLY B 413 -27.76 12.07 -23.32
CA GLY B 413 -27.08 12.39 -22.09
C GLY B 413 -25.93 13.36 -22.28
N PHE B 414 -26.15 14.37 -23.12
CA PHE B 414 -25.11 15.35 -23.39
C PHE B 414 -24.94 16.27 -22.19
N SER B 415 -23.70 16.58 -21.87
CA SER B 415 -23.35 17.17 -20.58
C SER B 415 -23.30 18.68 -20.60
N GLY B 416 -24.09 19.33 -21.44
CA GLY B 416 -24.08 20.79 -21.46
C GLY B 416 -22.95 21.45 -22.20
N ALA B 417 -21.71 21.03 -21.95
CA ALA B 417 -20.55 21.51 -22.68
C ALA B 417 -20.24 20.66 -23.90
N ASP B 418 -21.17 19.83 -24.34
CA ASP B 418 -21.00 19.04 -25.54
C ASP B 418 -21.89 19.48 -26.68
N VAL B 419 -23.03 20.13 -26.40
CA VAL B 419 -23.87 20.65 -27.46
C VAL B 419 -23.23 21.87 -28.10
N VAL B 420 -22.40 22.60 -27.34
CA VAL B 420 -21.59 23.66 -27.94
C VAL B 420 -20.58 23.07 -28.91
N SER B 421 -20.01 21.91 -28.56
CA SER B 421 -19.17 21.19 -29.50
C SER B 421 -19.97 20.67 -30.69
N LEU B 422 -21.26 20.41 -30.49
CA LEU B 422 -22.11 19.98 -31.60
C LEU B 422 -22.32 21.10 -32.60
N CYS B 423 -22.62 22.32 -32.12
CA CYS B 423 -22.76 23.46 -33.02
C CYS B 423 -21.44 23.80 -33.71
N ARG B 424 -20.32 23.69 -32.96
CA ARG B 424 -19.03 23.98 -33.56
C ARG B 424 -18.67 22.96 -34.64
N THR B 425 -19.00 21.69 -34.41
CA THR B 425 -18.75 20.67 -35.43
C THR B 425 -19.67 20.85 -36.62
N ALA B 426 -20.86 21.40 -36.41
CA ALA B 426 -21.75 21.71 -37.54
C ALA B 426 -21.17 22.80 -38.43
N ALA B 427 -20.64 23.87 -37.82
CA ALA B 427 -20.05 24.95 -38.62
C ALA B 427 -18.77 24.48 -39.34
N ILE B 428 -17.95 23.67 -38.67
CA ILE B 428 -16.76 23.19 -39.35
C ILE B 428 -17.12 22.16 -40.42
N ASN B 429 -18.25 21.46 -40.27
CA ASN B 429 -18.67 20.60 -41.35
C ASN B 429 -19.25 21.38 -42.52
N VAL B 430 -19.75 22.60 -42.28
CA VAL B 430 -20.02 23.51 -43.39
C VAL B 430 -18.74 23.83 -44.13
N LEU B 431 -17.64 23.98 -43.40
CA LEU B 431 -16.35 24.14 -44.08
C LEU B 431 -15.91 22.88 -44.81
N ARG B 432 -16.22 21.69 -44.30
CA ARG B 432 -15.63 20.46 -44.82
C ARG B 432 -16.24 19.98 -46.13
N ARG B 433 -17.37 20.54 -46.57
CA ARG B 433 -18.02 19.98 -47.75
C ARG B 433 -17.36 20.44 -49.05
N TYR B 434 -16.74 21.61 -49.06
CA TYR B 434 -15.94 22.06 -50.19
C TYR B 434 -14.51 21.61 -49.96
N ASP B 435 -14.00 20.76 -50.85
CA ASP B 435 -12.68 20.15 -50.65
C ASP B 435 -11.60 21.21 -50.81
N THR B 436 -11.05 21.65 -49.68
CA THR B 436 -10.09 22.74 -49.65
C THR B 436 -8.65 22.28 -49.46
N LYS B 437 -8.42 20.98 -49.23
CA LYS B 437 -7.07 20.46 -49.05
C LYS B 437 -6.32 20.29 -50.36
N SER B 438 -6.94 20.59 -51.49
CA SER B 438 -6.31 20.48 -52.79
C SER B 438 -5.70 21.79 -53.30
N LEU B 439 -6.27 22.92 -52.90
CA LEU B 439 -5.75 24.21 -53.33
C LEU B 439 -4.43 24.52 -52.64
N ARG B 440 -3.57 25.25 -53.34
CA ARG B 440 -2.26 25.64 -52.81
C ARG B 440 -2.08 27.13 -53.04
N GLY B 441 -2.58 27.93 -52.10
CA GLY B 441 -2.46 29.39 -52.17
C GLY B 441 -3.38 30.11 -53.12
N GLY B 442 -3.44 29.69 -54.38
CA GLY B 442 -4.28 30.35 -55.35
C GLY B 442 -5.74 30.06 -55.10
N GLU B 443 -6.58 31.10 -55.24
CA GLU B 443 -8.04 31.05 -55.07
C GLU B 443 -8.44 30.58 -53.67
N LEU B 444 -7.60 30.81 -52.66
CA LEU B 444 -7.93 30.51 -51.27
C LEU B 444 -8.39 31.75 -50.52
N THR B 445 -8.86 32.76 -51.23
CA THR B 445 -9.55 33.89 -50.64
C THR B 445 -10.97 34.05 -51.17
N ALA B 446 -11.16 33.90 -52.48
CA ALA B 446 -12.51 34.00 -53.04
C ALA B 446 -13.33 32.77 -52.72
N ALA B 447 -12.69 31.59 -52.71
CA ALA B 447 -13.37 30.40 -52.22
C ALA B 447 -13.65 30.49 -50.73
N MET B 448 -12.74 31.11 -49.98
CA MET B 448 -13.01 31.41 -48.58
C MET B 448 -14.00 32.55 -48.43
N GLU B 449 -14.22 33.34 -49.48
CA GLU B 449 -15.35 34.25 -49.52
C GLU B 449 -16.61 33.57 -50.04
N SER B 450 -16.48 32.45 -50.75
CA SER B 450 -17.65 31.67 -51.14
C SER B 450 -18.25 30.90 -49.98
N LEU B 451 -17.49 30.72 -48.90
CA LEU B 451 -17.98 30.03 -47.71
C LEU B 451 -18.32 30.99 -46.57
N LYS B 452 -18.00 32.27 -46.71
CA LYS B 452 -18.32 33.22 -45.64
C LYS B 452 -19.80 33.56 -45.59
N ALA B 453 -20.54 33.30 -46.66
CA ALA B 453 -21.98 33.49 -46.68
C ALA B 453 -22.73 32.17 -46.80
N GLU B 454 -22.03 31.04 -46.80
CA GLU B 454 -22.68 29.75 -46.95
C GLU B 454 -23.48 29.39 -45.70
N LEU B 455 -24.75 29.07 -45.88
CA LEU B 455 -25.65 28.79 -44.78
C LEU B 455 -25.65 27.31 -44.42
N VAL B 456 -25.97 27.03 -43.15
CA VAL B 456 -25.90 25.69 -42.57
C VAL B 456 -27.18 24.95 -42.94
N ARG B 457 -27.09 23.99 -43.85
CA ARG B 457 -28.23 23.14 -44.14
C ARG B 457 -28.41 22.10 -43.04
N ASN B 458 -29.50 21.33 -43.12
CA ASN B 458 -29.78 20.29 -42.15
C ASN B 458 -29.25 18.93 -42.58
N ILE B 459 -28.28 18.89 -43.48
CA ILE B 459 -27.49 17.69 -43.66
C ILE B 459 -26.32 17.68 -42.68
N ASP B 460 -25.89 18.86 -42.24
CA ASP B 460 -24.69 18.96 -41.42
C ASP B 460 -24.96 18.64 -39.97
N PHE B 461 -26.15 18.93 -39.45
CA PHE B 461 -26.48 18.52 -38.09
C PHE B 461 -26.60 17.01 -37.99
N GLU B 462 -27.18 16.36 -39.01
CA GLU B 462 -27.24 14.91 -39.03
C GLU B 462 -25.85 14.30 -39.20
N ALA B 463 -24.97 14.94 -39.97
CA ALA B 463 -23.61 14.44 -40.07
C ALA B 463 -22.78 14.78 -38.85
N ALA B 464 -23.23 15.71 -38.01
CA ALA B 464 -22.54 16.04 -36.78
C ALA B 464 -23.03 15.23 -35.58
N LEU B 465 -24.22 14.63 -35.65
CA LEU B 465 -24.63 13.73 -34.59
C LEU B 465 -23.97 12.36 -34.68
N GLN B 466 -23.40 12.02 -35.84
CA GLN B 466 -22.68 10.76 -36.00
C GLN B 466 -21.24 10.83 -35.56
N ALA B 467 -20.76 12.00 -35.11
CA ALA B 467 -19.36 12.13 -34.78
C ALA B 467 -19.13 12.88 -33.48
N VAL B 468 -20.14 13.01 -32.63
CA VAL B 468 -20.01 13.59 -31.31
C VAL B 468 -20.71 12.67 -30.32
N SER B 469 -19.99 12.27 -29.29
CA SER B 469 -20.50 11.41 -28.23
C SER B 469 -20.18 12.06 -26.89
N PRO B 470 -20.93 11.74 -25.84
CA PRO B 470 -20.66 12.36 -24.54
C PRO B 470 -19.33 11.94 -23.95
N SER B 471 -18.78 12.81 -23.12
CA SER B 471 -17.41 12.68 -22.64
C SER B 471 -17.26 11.63 -21.53
N ALA B 472 -18.34 11.15 -20.95
CA ALA B 472 -18.26 10.22 -19.84
C ALA B 472 -19.54 9.39 -19.79
N GLY B 473 -19.64 8.56 -18.76
CA GLY B 473 -20.83 7.78 -18.52
C GLY B 473 -21.63 8.36 -17.37
N PRO B 474 -22.78 7.78 -17.09
CA PRO B 474 -23.58 8.23 -15.94
C PRO B 474 -23.17 7.52 -14.64
N ASP B 475 -22.00 7.86 -14.13
CA ASP B 475 -21.54 7.35 -12.84
C ASP B 475 -21.32 8.45 -11.81
N THR B 476 -20.50 9.44 -12.16
CA THR B 476 -20.22 10.54 -11.25
C THR B 476 -21.45 11.41 -11.02
N MET B 477 -22.36 11.47 -11.99
CA MET B 477 -23.64 12.13 -11.78
C MET B 477 -24.42 11.49 -10.64
N LEU B 478 -24.51 10.16 -10.66
CA LEU B 478 -25.23 9.43 -9.61
C LEU B 478 -24.53 9.55 -8.26
N LYS B 479 -23.20 9.53 -8.26
CA LYS B 479 -22.47 9.60 -6.99
C LYS B 479 -22.61 10.98 -6.35
N CYS B 480 -22.46 12.05 -7.12
CA CYS B 480 -22.69 13.37 -6.55
C CYS B 480 -24.15 13.61 -6.22
N LYS B 481 -25.07 12.96 -6.93
CA LYS B 481 -26.48 13.08 -6.58
C LYS B 481 -26.79 12.44 -5.23
N GLU B 482 -26.19 11.28 -4.97
CA GLU B 482 -26.37 10.63 -3.67
C GLU B 482 -25.69 11.41 -2.56
N TRP B 483 -24.53 12.01 -2.85
CA TRP B 483 -23.87 12.82 -1.82
C TRP B 483 -24.66 14.09 -1.52
N CYS B 484 -25.28 14.71 -2.53
CA CYS B 484 -26.11 15.86 -2.23
C CYS B 484 -27.42 15.48 -1.57
N ASP B 485 -27.93 14.27 -1.83
CA ASP B 485 -29.10 13.81 -1.11
C ASP B 485 -28.78 13.49 0.35
N SER B 486 -27.55 13.08 0.63
CA SER B 486 -27.22 12.75 2.01
C SER B 486 -26.75 13.96 2.82
N PHE B 487 -25.92 14.83 2.25
CA PHE B 487 -25.35 15.95 2.99
C PHE B 487 -25.75 17.32 2.46
N GLY B 488 -26.10 17.44 1.18
CA GLY B 488 -26.25 18.74 0.55
C GLY B 488 -27.46 19.52 1.01
N ALA B 489 -27.22 20.65 1.68
CA ALA B 489 -28.30 21.52 2.15
C ALA B 489 -28.80 22.35 0.97
N MET B 490 -29.61 21.72 0.14
CA MET B 490 -30.17 22.38 -1.04
C MET B 490 -31.27 23.35 -0.64
N LEU C 174 16.41 33.10 -22.13
CA LEU C 174 15.17 33.07 -22.90
C LEU C 174 15.23 34.03 -24.07
N PRO C 175 15.20 33.51 -25.29
CA PRO C 175 15.24 34.38 -26.47
C PRO C 175 13.94 35.16 -26.60
N GLN C 176 14.02 36.25 -27.34
CA GLN C 176 12.83 37.04 -27.58
C GLN C 176 11.97 36.39 -28.66
N ASN C 177 10.70 36.78 -28.70
CA ASN C 177 9.76 36.28 -29.68
C ASN C 177 9.89 37.06 -30.97
N SER C 178 8.92 36.92 -31.86
CA SER C 178 8.77 37.89 -32.93
C SER C 178 8.27 39.21 -32.36
N ALA C 179 8.48 40.28 -33.12
CA ALA C 179 8.13 41.66 -32.79
C ALA C 179 8.81 42.18 -31.52
N GLY C 180 9.93 41.56 -31.13
CA GLY C 180 10.88 42.15 -30.20
C GLY C 180 10.40 42.37 -28.78
N ASP C 181 9.50 41.52 -28.28
CA ASP C 181 9.03 41.66 -26.91
C ASP C 181 10.04 41.03 -25.96
N SER C 182 9.71 40.97 -24.67
CA SER C 182 10.59 40.39 -23.68
C SER C 182 9.79 39.78 -22.55
N PHE C 183 10.26 38.65 -22.02
CA PHE C 183 9.63 37.98 -20.90
C PHE C 183 10.34 38.35 -19.61
N ASP C 184 9.56 38.49 -18.53
CA ASP C 184 10.09 38.83 -17.21
C ASP C 184 9.94 37.60 -16.32
N ALA C 185 10.95 36.73 -16.35
CA ALA C 185 10.98 35.55 -15.50
C ALA C 185 11.72 35.90 -14.21
N SER C 186 10.99 36.55 -13.30
CA SER C 186 11.57 37.03 -12.06
C SER C 186 11.12 36.24 -10.84
N ALA C 187 9.88 35.79 -10.81
CA ALA C 187 9.35 35.12 -9.63
C ALA C 187 9.72 33.65 -9.55
N TYR C 188 10.51 33.14 -10.48
CA TYR C 188 10.83 31.73 -10.55
C TYR C 188 12.32 31.51 -10.29
N ASP C 189 12.65 30.31 -9.85
CA ASP C 189 14.04 29.95 -9.61
C ASP C 189 14.76 29.73 -10.94
N ALA C 190 16.08 29.61 -10.87
CA ALA C 190 16.91 29.57 -12.06
C ALA C 190 17.05 28.18 -12.66
N TYR C 191 16.47 27.16 -12.04
CA TYR C 191 16.52 25.82 -12.61
C TYR C 191 15.18 25.35 -13.15
N ILE C 192 14.09 26.05 -12.83
CA ILE C 192 12.82 25.77 -13.50
C ILE C 192 12.88 26.23 -14.94
N VAL C 193 13.35 27.47 -15.16
CA VAL C 193 13.43 28.06 -16.48
C VAL C 193 14.42 27.32 -17.35
N GLN C 194 15.47 26.77 -16.76
CA GLN C 194 16.39 25.90 -17.50
C GLN C 194 15.71 24.61 -17.95
N ALA C 195 14.79 24.08 -17.14
CA ALA C 195 14.08 22.86 -17.53
C ALA C 195 13.10 23.14 -18.66
N VAL C 196 12.33 24.23 -18.55
CA VAL C 196 11.36 24.58 -19.58
C VAL C 196 12.07 24.95 -20.88
N ARG C 197 13.22 25.63 -20.79
CA ARG C 197 14.05 25.86 -21.96
C ARG C 197 14.63 24.56 -22.51
N GLY C 198 14.83 23.57 -21.65
CA GLY C 198 15.24 22.27 -22.13
C GLY C 198 14.15 21.52 -22.87
N THR C 199 12.88 21.83 -22.61
CA THR C 199 11.82 21.20 -23.40
C THR C 199 11.78 21.78 -24.81
N MET C 200 11.99 23.08 -24.96
CA MET C 200 11.85 23.77 -26.24
C MET C 200 12.91 23.37 -27.25
N GLU C 205 15.47 22.63 -39.32
CA GLU C 205 14.39 21.66 -39.43
C GLU C 205 13.96 21.51 -40.89
N ASN C 206 12.64 21.36 -41.09
CA ASN C 206 12.01 21.20 -42.40
C ASN C 206 12.58 20.00 -43.18
N THR C 207 12.41 18.82 -42.60
CA THR C 207 12.84 17.57 -43.20
C THR C 207 11.68 16.70 -43.67
N MET C 208 10.71 16.44 -42.80
CA MET C 208 9.61 15.56 -43.11
C MET C 208 8.45 16.33 -43.73
N SER C 209 7.36 15.62 -44.01
CA SER C 209 6.17 16.22 -44.58
C SER C 209 4.95 15.40 -44.18
N LEU C 210 3.78 15.97 -44.40
CA LEU C 210 2.52 15.28 -44.14
C LEU C 210 2.12 14.33 -45.24
N ASP C 211 2.97 14.10 -46.23
CA ASP C 211 2.71 13.10 -47.26
C ASP C 211 3.43 11.78 -46.99
N ASP C 212 4.42 11.78 -46.09
CA ASP C 212 5.16 10.56 -45.78
C ASP C 212 4.34 9.58 -44.97
N ILE C 213 3.33 10.06 -44.25
CA ILE C 213 2.45 9.18 -43.49
C ILE C 213 1.30 8.75 -44.38
N ILE C 214 1.01 7.46 -44.40
CA ILE C 214 -0.07 6.93 -45.22
C ILE C 214 -1.23 6.55 -44.33
N GLY C 215 -2.42 6.58 -44.89
CA GLY C 215 -3.62 6.43 -44.09
C GLY C 215 -3.87 7.69 -43.27
N MET C 216 -4.74 7.54 -42.28
CA MET C 216 -5.03 8.54 -41.25
C MET C 216 -5.53 9.86 -41.86
N HIS C 217 -6.68 9.78 -42.53
CA HIS C 217 -7.22 10.97 -43.18
C HIS C 217 -7.91 11.90 -42.20
N ASP C 218 -8.53 11.35 -41.15
CA ASP C 218 -9.33 12.16 -40.24
C ASP C 218 -8.44 13.10 -39.42
N VAL C 219 -7.35 12.57 -38.89
CA VAL C 219 -6.45 13.38 -38.08
C VAL C 219 -5.71 14.40 -38.96
N LYS C 220 -5.49 14.08 -40.23
CA LYS C 220 -4.92 15.06 -41.15
C LYS C 220 -5.90 16.19 -41.44
N GLN C 221 -7.19 15.88 -41.53
CA GLN C 221 -8.20 16.93 -41.71
C GLN C 221 -8.28 17.83 -40.49
N VAL C 222 -8.21 17.25 -39.29
CA VAL C 222 -8.28 18.06 -38.07
C VAL C 222 -7.05 18.94 -37.93
N LEU C 223 -5.88 18.40 -38.28
CA LEU C 223 -4.65 19.21 -38.26
C LEU C 223 -4.70 20.32 -39.29
N HIS C 224 -5.25 20.03 -40.48
CA HIS C 224 -5.33 21.03 -41.54
C HIS C 224 -6.30 22.14 -41.19
N GLU C 225 -7.35 21.85 -40.46
CA GLU C 225 -8.29 22.89 -40.07
C GLU C 225 -7.94 23.55 -38.73
N ALA C 226 -6.99 23.02 -37.98
CA ALA C 226 -6.63 23.65 -36.71
C ALA C 226 -5.26 24.31 -36.69
N VAL C 227 -4.36 23.98 -37.62
CA VAL C 227 -3.00 24.48 -37.61
C VAL C 227 -2.69 25.31 -38.85
N THR C 228 -2.96 24.77 -40.03
CA THR C 228 -2.54 25.44 -41.25
C THR C 228 -3.51 26.56 -41.64
N LEU C 229 -4.77 26.23 -41.84
CA LEU C 229 -5.78 27.19 -42.31
C LEU C 229 -6.06 28.42 -41.44
N PRO C 230 -5.86 28.42 -40.11
CA PRO C 230 -5.89 29.71 -39.41
C PRO C 230 -4.78 30.67 -39.80
N LEU C 231 -3.68 30.18 -40.38
CA LEU C 231 -2.61 31.09 -40.76
C LEU C 231 -2.90 31.83 -42.05
N LEU C 232 -3.60 31.19 -42.99
CA LEU C 232 -3.85 31.81 -44.28
C LEU C 232 -4.97 32.84 -44.21
N VAL C 233 -6.14 32.44 -43.72
CA VAL C 233 -7.28 33.35 -43.68
C VAL C 233 -7.81 33.47 -42.25
N PRO C 234 -7.13 34.21 -41.36
CA PRO C 234 -7.59 34.33 -39.99
C PRO C 234 -8.76 35.29 -39.78
N GLU C 235 -9.34 35.84 -40.85
CA GLU C 235 -10.56 36.62 -40.74
C GLU C 235 -11.80 35.76 -40.86
N PHE C 236 -11.64 34.45 -41.02
CA PHE C 236 -12.74 33.51 -41.09
C PHE C 236 -12.99 32.79 -39.78
N PHE C 237 -11.93 32.41 -39.07
CA PHE C 237 -12.04 31.70 -37.80
C PHE C 237 -12.31 32.72 -36.70
N GLN C 238 -13.58 33.10 -36.58
CA GLN C 238 -14.02 33.98 -35.50
C GLN C 238 -15.36 33.49 -34.98
N GLY C 239 -15.65 33.87 -33.73
CA GLY C 239 -16.92 33.56 -33.12
C GLY C 239 -17.15 32.09 -32.85
N LEU C 240 -18.18 31.52 -33.48
CA LEU C 240 -18.46 30.09 -33.31
C LEU C 240 -17.41 29.24 -33.99
N ARG C 241 -16.80 29.75 -35.06
CA ARG C 241 -15.78 29.01 -35.79
C ARG C 241 -14.38 29.28 -35.27
N SER C 242 -14.22 29.58 -33.99
CA SER C 242 -12.90 29.67 -33.40
C SER C 242 -12.23 28.30 -33.44
N PRO C 243 -10.95 28.23 -33.77
CA PRO C 243 -10.32 26.94 -34.09
C PRO C 243 -10.19 26.04 -32.88
N TRP C 244 -9.92 24.77 -33.15
CA TRP C 244 -9.88 23.74 -32.11
C TRP C 244 -8.71 23.98 -31.15
N LYS C 245 -8.80 23.34 -29.99
CA LYS C 245 -7.86 23.64 -28.92
C LYS C 245 -7.14 22.43 -28.35
N ALA C 246 -7.48 21.21 -28.76
CA ALA C 246 -6.84 20.02 -28.22
C ALA C 246 -7.15 18.83 -29.13
N MET C 247 -6.43 17.73 -28.90
CA MET C 247 -6.66 16.46 -29.59
C MET C 247 -5.96 15.34 -28.84
N VAL C 248 -6.48 14.12 -28.99
CA VAL C 248 -5.89 12.92 -28.41
C VAL C 248 -5.85 11.85 -29.49
N LEU C 249 -4.66 11.34 -29.78
CA LEU C 249 -4.52 10.16 -30.61
C LEU C 249 -4.42 8.94 -29.71
N ALA C 250 -5.28 7.95 -29.93
CA ALA C 250 -5.31 6.77 -29.09
C ALA C 250 -5.51 5.54 -29.95
N GLY C 251 -4.77 4.48 -29.63
CA GLY C 251 -4.87 3.25 -30.38
C GLY C 251 -3.86 2.19 -30.01
N PRO C 252 -3.65 1.23 -30.91
CA PRO C 252 -2.68 0.16 -30.69
C PRO C 252 -1.26 0.71 -30.61
N PRO C 253 -0.32 -0.02 -30.00
CA PRO C 253 0.95 0.61 -29.63
C PRO C 253 1.93 0.82 -30.76
N GLY C 254 1.61 0.45 -32.00
CA GLY C 254 2.58 0.61 -33.06
C GLY C 254 2.09 1.12 -34.41
N THR C 255 1.09 1.99 -34.44
CA THR C 255 0.47 2.36 -35.71
C THR C 255 0.92 3.70 -36.25
N GLY C 256 1.64 4.48 -35.48
CA GLY C 256 2.19 5.75 -35.91
C GLY C 256 1.40 6.92 -35.37
N LYS C 257 1.80 7.41 -34.20
CA LYS C 257 1.18 8.57 -33.60
C LYS C 257 2.19 9.47 -32.92
N THR C 258 3.46 9.08 -32.85
CA THR C 258 4.56 10.00 -32.59
C THR C 258 5.26 10.38 -33.86
N LEU C 259 4.88 9.79 -34.99
CA LEU C 259 5.40 10.22 -36.27
C LEU C 259 4.67 11.45 -36.75
N ILE C 260 3.37 11.56 -36.47
CA ILE C 260 2.64 12.73 -36.94
C ILE C 260 2.96 13.97 -36.11
N ALA C 261 3.48 13.80 -34.90
CA ALA C 261 3.92 14.98 -34.16
C ALA C 261 5.20 15.53 -34.75
N ARG C 262 6.11 14.67 -35.17
CA ARG C 262 7.29 15.13 -35.89
C ARG C 262 6.92 15.70 -37.24
N ALA C 263 5.91 15.15 -37.90
CA ALA C 263 5.51 15.67 -39.19
C ALA C 263 4.79 17.01 -39.09
N ILE C 264 4.15 17.31 -37.95
CA ILE C 264 3.58 18.64 -37.79
C ILE C 264 4.60 19.61 -37.20
N ALA C 265 5.67 19.11 -36.58
CA ALA C 265 6.73 20.02 -36.14
C ALA C 265 7.64 20.43 -37.29
N SER C 266 7.85 19.53 -38.26
CA SER C 266 8.71 19.86 -39.38
C SER C 266 8.01 20.80 -40.35
N GLU C 267 6.71 20.63 -40.57
CA GLU C 267 5.99 21.30 -41.64
C GLU C 267 5.13 22.43 -41.11
N SER C 268 5.62 23.17 -40.11
CA SER C 268 4.90 24.33 -39.62
C SER C 268 5.88 25.44 -39.29
N SER C 269 5.33 26.62 -39.04
CA SER C 269 6.09 27.81 -38.69
C SER C 269 5.75 28.24 -37.28
N SER C 270 5.70 27.29 -36.36
CA SER C 270 5.22 27.52 -35.00
C SER C 270 6.18 26.91 -33.99
N THR C 271 6.22 27.52 -32.81
CA THR C 271 7.07 27.04 -31.73
C THR C 271 6.55 25.72 -31.20
N PHE C 272 7.35 24.67 -31.30
CA PHE C 272 6.92 23.32 -30.98
C PHE C 272 7.60 22.87 -29.70
N PHE C 273 6.85 22.89 -28.60
CA PHE C 273 7.35 22.31 -27.35
C PHE C 273 7.31 20.79 -27.42
N THR C 274 7.90 20.16 -26.42
CA THR C 274 7.82 18.71 -26.25
C THR C 274 7.96 18.40 -24.78
N VAL C 275 6.95 17.77 -24.20
CA VAL C 275 6.91 17.54 -22.76
C VAL C 275 6.60 16.08 -22.53
N SER C 276 7.54 15.36 -21.96
CA SER C 276 7.29 13.97 -21.56
C SER C 276 6.85 13.97 -20.11
N SER C 277 6.79 12.80 -19.49
CA SER C 277 6.36 12.74 -18.10
C SER C 277 7.46 13.06 -17.11
N THR C 278 8.71 13.26 -17.54
CA THR C 278 9.81 13.46 -16.63
C THR C 278 10.26 14.92 -16.52
N ASP C 279 9.81 15.80 -17.40
CA ASP C 279 10.11 17.22 -17.21
C ASP C 279 9.02 17.91 -16.43
N LEU C 280 8.56 17.29 -15.35
CA LEU C 280 7.62 17.89 -14.42
C LEU C 280 7.98 17.64 -12.98
N SER C 281 8.86 16.67 -12.69
CA SER C 281 9.09 16.19 -11.34
C SER C 281 10.34 16.84 -10.75
N SER C 282 10.20 17.34 -9.53
CA SER C 282 11.33 17.75 -8.73
C SER C 282 11.11 17.26 -7.30
N LYS C 283 12.19 16.95 -6.61
CA LYS C 283 12.05 16.38 -5.28
C LYS C 283 11.75 17.43 -4.22
N TRP C 284 11.63 18.70 -4.59
CA TRP C 284 11.21 19.73 -3.66
C TRP C 284 9.70 19.89 -3.73
N ARG C 285 9.11 20.25 -2.59
CA ARG C 285 7.67 20.41 -2.54
C ARG C 285 7.26 21.70 -3.24
N GLY C 286 6.37 21.58 -4.21
CA GLY C 286 5.81 22.76 -4.83
C GLY C 286 6.67 23.40 -5.89
N ASP C 287 7.50 22.63 -6.57
CA ASP C 287 8.07 23.06 -7.83
C ASP C 287 7.58 22.24 -9.00
N SER C 288 6.75 21.24 -8.75
CA SER C 288 6.25 20.42 -9.83
C SER C 288 5.02 21.03 -10.49
N GLU C 289 4.24 21.80 -9.73
CA GLU C 289 3.09 22.50 -10.28
C GLU C 289 3.37 23.96 -10.59
N LYS C 290 4.65 24.34 -10.73
CA LYS C 290 5.01 25.62 -11.29
C LYS C 290 5.70 25.51 -12.64
N ILE C 291 6.32 24.36 -12.93
CA ILE C 291 6.85 24.09 -14.26
C ILE C 291 5.72 24.09 -15.29
N VAL C 292 4.55 23.57 -14.92
CA VAL C 292 3.40 23.56 -15.82
C VAL C 292 2.93 24.99 -16.12
N ARG C 293 2.90 25.83 -15.09
CA ARG C 293 2.44 27.21 -15.29
C ARG C 293 3.43 28.01 -16.11
N LEU C 294 4.73 27.77 -15.91
CA LEU C 294 5.72 28.42 -16.74
C LEU C 294 5.65 27.93 -18.17
N LEU C 295 5.34 26.64 -18.38
CA LEU C 295 5.21 26.11 -19.72
C LEU C 295 4.05 26.75 -20.47
N PHE C 296 2.90 26.89 -19.81
CA PHE C 296 1.78 27.51 -20.49
C PHE C 296 1.99 29.00 -20.69
N GLU C 297 2.68 29.67 -19.78
CA GLU C 297 2.91 31.11 -19.97
C GLU C 297 3.93 31.37 -21.07
N LEU C 298 4.96 30.53 -21.20
CA LEU C 298 5.88 30.66 -22.31
C LEU C 298 5.23 30.30 -23.63
N ALA C 299 4.36 29.28 -23.64
CA ALA C 299 3.69 28.91 -24.87
C ALA C 299 2.71 29.97 -25.32
N ARG C 300 2.12 30.71 -24.37
CA ARG C 300 1.32 31.85 -24.77
C ARG C 300 2.19 33.00 -25.24
N PHE C 301 3.31 33.24 -24.56
CA PHE C 301 4.06 34.46 -24.82
C PHE C 301 4.82 34.42 -26.13
N TYR C 302 5.35 33.25 -26.52
CA TYR C 302 6.19 33.22 -27.71
C TYR C 302 5.37 33.36 -28.99
N ALA C 303 4.39 32.51 -29.19
CA ALA C 303 3.90 32.41 -30.56
C ALA C 303 2.51 31.81 -30.61
N PRO C 304 1.92 31.68 -31.78
CA PRO C 304 0.90 30.66 -31.96
C PRO C 304 1.52 29.27 -31.93
N SER C 305 1.74 28.74 -30.75
CA SER C 305 2.60 27.58 -30.53
C SER C 305 1.80 26.29 -30.43
N ILE C 306 2.52 25.19 -30.21
CA ILE C 306 1.97 23.84 -30.16
C ILE C 306 2.67 23.11 -29.04
N ILE C 307 1.91 22.48 -28.15
CA ILE C 307 2.45 21.65 -27.08
C ILE C 307 2.13 20.20 -27.39
N PHE C 308 3.09 19.30 -27.17
CA PHE C 308 2.91 17.89 -27.47
C PHE C 308 3.24 17.08 -26.21
N ILE C 309 2.22 16.74 -25.44
CA ILE C 309 2.41 15.98 -24.22
C ILE C 309 2.36 14.51 -24.56
N ASP C 310 3.50 13.85 -24.56
CA ASP C 310 3.55 12.46 -24.92
C ASP C 310 3.24 11.60 -23.72
N GLN C 311 2.57 10.46 -23.96
CA GLN C 311 2.16 9.47 -22.96
C GLN C 311 1.29 10.11 -21.86
N ILE C 312 0.11 10.53 -22.30
CA ILE C 312 -0.79 11.27 -21.42
C ILE C 312 -1.50 10.38 -20.40
N ASP C 313 -1.38 9.05 -20.50
CA ASP C 313 -1.98 8.21 -19.48
C ASP C 313 -1.21 8.28 -18.16
N THR C 314 0.09 8.52 -18.22
CA THR C 314 0.79 9.10 -17.09
C THR C 314 0.40 10.57 -17.01
N LEU C 315 0.20 11.08 -15.79
CA LEU C 315 -0.49 12.35 -15.46
C LEU C 315 -1.96 12.30 -15.88
N GLY C 316 -2.53 11.11 -15.94
CA GLY C 316 -3.96 10.97 -16.20
C GLY C 316 -4.62 10.30 -15.03
N GLY C 317 -5.55 9.38 -15.30
CA GLY C 317 -6.18 8.63 -14.23
C GLY C 317 -7.23 9.40 -13.46
N GLN C 318 -8.18 8.70 -12.86
CA GLN C 318 -9.19 9.38 -12.06
C GLN C 318 -8.56 9.92 -10.79
N ARG C 319 -9.11 11.02 -10.29
CA ARG C 319 -8.54 11.68 -9.13
C ARG C 319 -8.98 11.08 -7.81
N GLY C 320 -9.93 10.14 -7.82
CA GLY C 320 -10.33 9.51 -6.58
C GLY C 320 -9.73 8.13 -6.46
N ASN C 321 -8.52 7.97 -7.00
CA ASN C 321 -7.89 6.66 -7.08
C ASN C 321 -7.27 6.30 -5.73
N SER C 322 -6.68 5.12 -5.67
CA SER C 322 -5.96 4.66 -4.48
C SER C 322 -4.47 4.74 -4.74
N GLY C 323 -3.72 5.15 -3.72
CA GLY C 323 -2.29 5.26 -3.87
C GLY C 323 -1.84 6.43 -4.71
N GLU C 324 -2.56 7.54 -4.65
CA GLU C 324 -2.27 8.73 -5.44
C GLU C 324 -1.59 9.75 -4.53
N HIS C 325 -0.39 10.18 -4.92
CA HIS C 325 0.41 11.06 -4.10
C HIS C 325 -0.20 12.47 -4.09
N GLU C 326 0.28 13.28 -3.17
CA GLU C 326 -0.31 14.61 -2.98
C GLU C 326 0.15 15.62 -4.01
N ALA C 327 1.40 15.52 -4.49
CA ALA C 327 1.85 16.41 -5.54
C ALA C 327 1.27 16.01 -6.89
N SER C 328 1.04 14.73 -7.09
CA SER C 328 0.52 14.25 -8.36
C SER C 328 -0.97 14.50 -8.52
N ARG C 329 -1.62 15.14 -7.57
CA ARG C 329 -2.94 15.70 -7.77
C ARG C 329 -2.88 17.19 -8.08
N ARG C 330 -1.93 17.93 -7.50
CA ARG C 330 -1.78 19.33 -7.87
C ARG C 330 -1.27 19.51 -9.29
N VAL C 331 -0.55 18.52 -9.84
CA VAL C 331 -0.19 18.56 -11.26
C VAL C 331 -1.45 18.52 -12.12
N LYS C 332 -2.35 17.58 -11.82
CA LYS C 332 -3.59 17.46 -12.57
C LYS C 332 -4.50 18.67 -12.36
N SER C 333 -4.46 19.27 -11.17
CA SER C 333 -5.27 20.46 -10.96
C SER C 333 -4.70 21.68 -11.69
N GLU C 334 -3.37 21.76 -11.86
CA GLU C 334 -2.81 22.86 -12.64
C GLU C 334 -3.09 22.69 -14.12
N PHE C 335 -3.05 21.46 -14.63
CA PHE C 335 -3.51 21.22 -15.99
C PHE C 335 -4.99 21.52 -16.16
N LEU C 336 -5.78 21.25 -15.13
CA LEU C 336 -7.21 21.49 -15.25
C LEU C 336 -7.53 22.99 -15.24
N VAL C 337 -6.87 23.76 -14.39
CA VAL C 337 -7.19 25.17 -14.32
C VAL C 337 -6.51 25.96 -15.43
N GLN C 338 -5.46 25.43 -16.05
CA GLN C 338 -4.75 26.22 -17.04
C GLN C 338 -5.28 26.05 -18.44
N MET C 339 -6.00 24.96 -18.73
CA MET C 339 -6.34 24.61 -20.11
C MET C 339 -7.71 25.14 -20.52
N ASP C 340 -8.15 26.27 -19.98
CA ASP C 340 -9.40 26.89 -20.39
C ASP C 340 -9.27 28.40 -20.34
N GLY C 341 -10.20 29.09 -21.00
CA GLY C 341 -10.24 30.54 -20.97
C GLY C 341 -9.10 31.21 -21.71
N ASP C 347 -7.57 38.44 -26.34
CA ASP C 347 -6.52 37.44 -26.19
C ASP C 347 -6.52 36.46 -27.34
N SER C 348 -6.11 36.92 -28.52
CA SER C 348 -6.10 36.09 -29.71
C SER C 348 -4.72 35.45 -29.89
N ARG C 349 -4.40 34.57 -28.95
CA ARG C 349 -3.17 33.80 -28.98
C ARG C 349 -3.51 32.34 -28.81
N ARG C 350 -2.91 31.50 -29.65
CA ARG C 350 -3.37 30.13 -29.82
C ARG C 350 -2.31 29.16 -29.34
N VAL C 351 -2.73 28.17 -28.55
CA VAL C 351 -1.93 27.00 -28.22
C VAL C 351 -2.77 25.77 -28.51
N PHE C 352 -2.13 24.72 -29.01
CA PHE C 352 -2.85 23.55 -29.51
C PHE C 352 -2.22 22.31 -28.89
N VAL C 353 -2.68 21.93 -27.71
CA VAL C 353 -2.07 20.82 -26.98
C VAL C 353 -2.50 19.49 -27.62
N LEU C 354 -1.52 18.67 -27.98
CA LEU C 354 -1.75 17.44 -28.73
C LEU C 354 -1.15 16.28 -27.94
N ALA C 355 -1.97 15.29 -27.59
CA ALA C 355 -1.51 14.20 -26.76
C ALA C 355 -1.65 12.87 -27.49
N ALA C 356 -0.85 11.90 -27.06
CA ALA C 356 -0.87 10.57 -27.65
C ALA C 356 -0.76 9.53 -26.54
N THR C 357 -1.53 8.45 -26.67
CA THR C 357 -1.52 7.39 -25.68
C THR C 357 -1.97 6.09 -26.31
N ASN C 358 -1.75 5.00 -25.59
CA ASN C 358 -2.29 3.70 -25.98
C ASN C 358 -3.09 3.03 -24.89
N ILE C 359 -3.29 3.68 -23.75
CA ILE C 359 -4.24 3.26 -22.74
C ILE C 359 -5.19 4.44 -22.54
N PRO C 360 -6.29 4.50 -23.28
CA PRO C 360 -7.14 5.69 -23.22
C PRO C 360 -8.16 5.66 -22.11
N TRP C 361 -8.58 4.46 -21.68
CA TRP C 361 -9.63 4.38 -20.68
C TRP C 361 -9.16 4.77 -19.29
N GLU C 362 -7.86 4.83 -19.07
CA GLU C 362 -7.31 5.25 -17.79
C GLU C 362 -7.05 6.75 -17.77
N LEU C 363 -8.01 7.53 -18.21
CA LEU C 363 -7.91 8.98 -18.21
C LEU C 363 -8.91 9.55 -17.22
N ASP C 364 -8.71 10.82 -16.87
CA ASP C 364 -9.58 11.47 -15.93
C ASP C 364 -10.93 11.77 -16.58
N GLU C 365 -11.93 12.03 -15.75
CA GLU C 365 -13.24 12.38 -16.25
C GLU C 365 -13.39 13.85 -16.56
N ALA C 366 -12.60 14.71 -15.92
CA ALA C 366 -12.62 16.13 -16.17
C ALA C 366 -11.40 16.60 -16.93
N LEU C 367 -10.63 15.68 -17.49
CA LEU C 367 -9.55 16.01 -18.41
C LEU C 367 -9.84 15.59 -19.83
N ARG C 368 -10.52 14.48 -20.06
CA ARG C 368 -10.90 14.12 -21.41
C ARG C 368 -12.15 14.84 -21.88
N ARG C 369 -12.68 15.76 -21.09
CA ARG C 369 -13.62 16.74 -21.63
C ARG C 369 -12.88 17.84 -22.38
N ARG C 370 -11.67 18.17 -21.95
CA ARG C 370 -10.94 19.29 -22.53
C ARG C 370 -10.35 18.92 -23.87
N PHE C 371 -10.08 17.64 -24.10
CA PHE C 371 -9.54 17.20 -25.37
C PHE C 371 -10.71 17.03 -26.34
N GLU C 372 -10.96 18.10 -27.09
CA GLU C 372 -12.17 18.30 -27.85
C GLU C 372 -12.28 17.38 -29.07
N LYS C 373 -11.23 16.65 -29.41
CA LYS C 373 -11.27 15.70 -30.51
C LYS C 373 -10.51 14.45 -30.09
N ARG C 374 -11.20 13.33 -29.94
CA ARG C 374 -10.57 12.07 -29.55
C ARG C 374 -10.73 11.09 -30.70
N ILE C 375 -9.63 10.77 -31.37
CA ILE C 375 -9.65 10.03 -32.62
C ILE C 375 -9.01 8.67 -32.42
N PHE C 376 -9.45 7.70 -33.21
CA PHE C 376 -8.91 6.35 -33.23
C PHE C 376 -8.06 6.15 -34.49
N ILE C 377 -7.01 5.34 -34.37
CA ILE C 377 -6.19 4.96 -35.50
C ILE C 377 -6.07 3.44 -35.55
N PRO C 378 -6.45 2.80 -36.64
CA PRO C 378 -6.44 1.33 -36.68
C PRO C 378 -5.12 0.79 -37.20
N LEU C 379 -5.02 -0.53 -37.20
CA LEU C 379 -3.98 -1.19 -37.96
C LEU C 379 -4.24 -0.99 -39.45
N PRO C 380 -3.20 -1.01 -40.28
CA PRO C 380 -3.42 -0.79 -41.72
C PRO C 380 -4.16 -1.95 -42.39
N ASP C 381 -5.03 -1.59 -43.32
CA ASP C 381 -5.83 -2.55 -44.07
C ASP C 381 -4.99 -3.16 -45.20
N ILE C 382 -5.64 -3.86 -46.14
CA ILE C 382 -4.91 -4.59 -47.16
C ILE C 382 -4.29 -3.65 -48.20
N ASP C 383 -4.90 -2.51 -48.45
CA ASP C 383 -4.36 -1.61 -49.46
C ASP C 383 -3.35 -0.61 -48.89
N ALA C 384 -3.40 -0.33 -47.59
CA ALA C 384 -2.40 0.56 -47.01
C ALA C 384 -1.05 -0.13 -46.88
N ARG C 385 -1.05 -1.44 -46.61
CA ARG C 385 0.20 -2.15 -46.42
C ARG C 385 1.01 -2.27 -47.70
N LYS C 386 0.33 -2.32 -48.85
CA LYS C 386 1.06 -2.36 -50.11
C LYS C 386 1.77 -1.04 -50.37
N LYS C 387 1.12 0.08 -50.05
CA LYS C 387 1.79 1.37 -50.17
C LYS C 387 2.90 1.51 -49.14
N LEU C 388 2.76 0.87 -47.99
CA LEU C 388 3.82 0.94 -46.98
C LEU C 388 5.04 0.14 -47.41
N ILE C 389 4.83 -1.04 -47.99
CA ILE C 389 5.90 -1.85 -48.56
C ILE C 389 6.62 -1.07 -49.66
N GLU C 390 5.85 -0.46 -50.57
CA GLU C 390 6.46 0.24 -51.69
C GLU C 390 7.15 1.54 -51.24
N LYS C 391 6.66 2.17 -50.18
CA LYS C 391 7.31 3.39 -49.73
C LYS C 391 8.57 3.12 -48.93
N SER C 392 8.63 2.02 -48.20
CA SER C 392 9.87 1.73 -47.49
C SER C 392 10.91 1.11 -48.42
N MET C 393 10.49 0.31 -49.39
CA MET C 393 11.44 -0.43 -50.19
C MET C 393 12.12 0.42 -51.26
N GLU C 394 11.57 1.58 -51.61
CA GLU C 394 12.16 2.39 -52.68
C GLU C 394 13.40 3.13 -52.16
N GLY C 395 14.42 3.16 -53.00
CA GLY C 395 15.74 3.64 -52.59
C GLY C 395 16.76 2.54 -52.43
N THR C 396 16.35 1.28 -52.54
CA THR C 396 17.24 0.13 -52.43
C THR C 396 17.00 -0.74 -53.66
N PRO C 397 18.05 -1.09 -54.41
CA PRO C 397 17.84 -1.77 -55.69
C PRO C 397 17.38 -3.21 -55.52
N LYS C 398 16.32 -3.56 -56.26
CA LYS C 398 15.64 -4.82 -56.04
C LYS C 398 15.41 -5.57 -57.35
N SER C 399 14.63 -6.65 -57.28
CA SER C 399 14.22 -7.40 -58.45
C SER C 399 12.87 -6.88 -58.95
N ASP C 400 12.54 -7.26 -60.19
CA ASP C 400 11.25 -6.94 -60.77
C ASP C 400 10.32 -8.14 -60.78
N GLU C 401 10.62 -9.17 -59.99
CA GLU C 401 9.78 -10.37 -59.90
C GLU C 401 9.06 -10.47 -58.57
N ILE C 402 9.21 -9.49 -57.68
CA ILE C 402 8.49 -9.50 -56.42
C ILE C 402 7.04 -9.13 -56.68
N ASN C 403 6.11 -9.98 -56.24
CA ASN C 403 4.69 -9.73 -56.38
C ASN C 403 4.20 -9.10 -55.09
N TYR C 404 3.98 -7.78 -55.13
CA TYR C 404 3.69 -7.04 -53.91
C TYR C 404 2.31 -7.37 -53.34
N ASP C 405 1.38 -7.80 -54.19
CA ASP C 405 0.03 -8.08 -53.72
C ASP C 405 -0.01 -9.30 -52.81
N ASP C 406 0.87 -10.28 -53.05
CA ASP C 406 0.92 -11.43 -52.15
C ASP C 406 1.51 -11.04 -50.80
N LEU C 407 2.52 -10.17 -50.78
CA LEU C 407 3.07 -9.73 -49.51
C LEU C 407 2.14 -8.75 -48.81
N ALA C 408 1.17 -8.17 -49.53
CA ALA C 408 0.17 -7.38 -48.84
C ALA C 408 -0.93 -8.26 -48.28
N ALA C 409 -1.30 -9.33 -48.98
CA ALA C 409 -2.36 -10.21 -48.52
C ALA C 409 -1.87 -11.29 -47.57
N ARG C 410 -0.56 -11.40 -47.38
CA ARG C 410 0.02 -12.47 -46.58
C ARG C 410 0.37 -12.05 -45.16
N THR C 411 0.37 -10.75 -44.86
CA THR C 411 0.72 -10.33 -43.51
C THR C 411 -0.45 -10.59 -42.56
N GLU C 412 -1.58 -9.90 -42.78
CA GLU C 412 -2.86 -10.10 -42.09
C GLU C 412 -2.72 -9.96 -40.57
N GLY C 413 -2.41 -8.74 -40.15
CA GLY C 413 -2.37 -8.47 -38.73
C GLY C 413 -1.12 -7.73 -38.29
N PHE C 414 -0.28 -7.37 -39.24
CA PHE C 414 0.96 -6.68 -38.92
C PHE C 414 0.68 -5.26 -38.48
N SER C 415 1.41 -4.81 -37.47
CA SER C 415 1.05 -3.63 -36.71
C SER C 415 1.37 -2.31 -37.41
N GLY C 416 1.92 -2.33 -38.62
CA GLY C 416 2.27 -1.11 -39.30
C GLY C 416 3.64 -0.56 -38.95
N ALA C 417 4.18 -0.92 -37.80
CA ALA C 417 5.59 -0.72 -37.51
C ALA C 417 6.38 -2.01 -37.63
N ASP C 418 5.71 -3.14 -37.80
CA ASP C 418 6.36 -4.41 -38.07
C ASP C 418 6.56 -4.65 -39.55
N VAL C 419 5.89 -3.90 -40.41
CA VAL C 419 6.11 -4.04 -41.85
C VAL C 419 7.45 -3.43 -42.24
N VAL C 420 7.86 -2.37 -41.55
CA VAL C 420 9.20 -1.83 -41.73
C VAL C 420 10.24 -2.84 -41.25
N SER C 421 9.93 -3.59 -40.19
CA SER C 421 10.83 -4.62 -39.72
C SER C 421 10.90 -5.79 -40.70
N LEU C 422 9.79 -6.12 -41.36
CA LEU C 422 9.82 -7.13 -42.40
C LEU C 422 10.66 -6.69 -43.58
N CYS C 423 10.56 -5.42 -43.96
CA CYS C 423 11.39 -4.89 -45.04
C CYS C 423 12.87 -4.91 -44.67
N ARG C 424 13.21 -4.58 -43.42
CA ARG C 424 14.61 -4.57 -43.01
C ARG C 424 15.18 -5.97 -42.92
N THR C 425 14.39 -6.93 -42.42
CA THR C 425 14.88 -8.31 -42.37
C THR C 425 14.98 -8.89 -43.77
N ALA C 426 14.16 -8.42 -44.71
CA ALA C 426 14.32 -8.85 -46.08
C ALA C 426 15.55 -8.22 -46.72
N ALA C 427 15.91 -7.02 -46.31
CA ALA C 427 17.04 -6.35 -46.93
C ALA C 427 18.37 -6.81 -46.36
N ILE C 428 18.41 -7.17 -45.08
CA ILE C 428 19.68 -7.61 -44.48
C ILE C 428 19.97 -9.07 -44.80
N ASN C 429 19.01 -9.82 -45.33
CA ASN C 429 19.20 -11.23 -45.63
C ASN C 429 20.14 -11.47 -46.79
N VAL C 430 20.49 -10.44 -47.56
CA VAL C 430 21.51 -10.62 -48.59
C VAL C 430 22.91 -10.65 -47.98
N LEU C 431 23.05 -10.25 -46.71
CA LEU C 431 24.31 -10.37 -46.01
C LEU C 431 24.50 -11.75 -45.40
N ARG C 432 23.41 -12.45 -45.09
CA ARG C 432 23.49 -13.78 -44.52
C ARG C 432 23.47 -14.87 -45.58
N ARG C 433 23.42 -14.52 -46.85
CA ARG C 433 23.51 -15.51 -47.92
C ARG C 433 24.95 -15.71 -48.37
N TYR C 434 25.67 -14.62 -48.58
CA TYR C 434 27.13 -14.67 -48.74
C TYR C 434 27.72 -14.58 -47.34
N ASP C 435 28.23 -15.71 -46.85
CA ASP C 435 28.67 -15.79 -45.46
C ASP C 435 29.95 -14.99 -45.26
N THR C 436 29.88 -13.97 -44.42
CA THR C 436 31.03 -13.14 -44.08
C THR C 436 31.63 -13.48 -42.72
N LYS C 437 31.07 -14.46 -42.01
CA LYS C 437 31.59 -14.89 -40.72
C LYS C 437 32.83 -15.77 -40.85
N SER C 438 33.22 -16.13 -42.07
CA SER C 438 34.45 -16.87 -42.31
C SER C 438 35.62 -15.98 -42.70
N LEU C 439 35.35 -14.88 -43.39
CA LEU C 439 36.38 -13.92 -43.75
C LEU C 439 36.47 -12.85 -42.68
N ARG C 440 37.67 -12.66 -42.13
CA ARG C 440 37.90 -11.65 -41.08
C ARG C 440 39.12 -10.83 -41.48
N GLY C 441 38.89 -9.71 -42.11
CA GLY C 441 39.97 -8.83 -42.54
C GLY C 441 40.52 -9.09 -43.91
N GLY C 442 40.82 -10.35 -44.22
CA GLY C 442 41.43 -10.68 -45.49
C GLY C 442 40.48 -10.61 -46.66
N GLU C 443 40.66 -9.58 -47.50
CA GLU C 443 39.86 -9.30 -48.70
C GLU C 443 38.37 -9.14 -48.39
N LEU C 444 38.05 -8.70 -47.17
CA LEU C 444 36.64 -8.56 -46.79
C LEU C 444 36.03 -7.32 -47.39
N THR C 445 36.78 -6.22 -47.42
CA THR C 445 36.24 -4.92 -47.81
C THR C 445 35.94 -4.83 -49.31
N ALA C 446 36.46 -5.75 -50.12
CA ALA C 446 36.01 -5.86 -51.51
C ALA C 446 34.81 -6.79 -51.64
N ALA C 447 34.69 -7.78 -50.76
CA ALA C 447 33.47 -8.59 -50.72
C ALA C 447 32.28 -7.76 -50.28
N MET C 448 32.49 -6.79 -49.40
CA MET C 448 31.45 -5.85 -49.03
C MET C 448 31.20 -4.80 -50.09
N GLU C 449 32.01 -4.76 -51.15
CA GLU C 449 31.66 -3.97 -52.33
C GLU C 449 30.91 -4.81 -53.36
N SER C 450 31.27 -6.09 -53.48
CA SER C 450 30.50 -6.99 -54.33
C SER C 450 29.12 -7.29 -53.75
N LEU C 451 28.94 -7.12 -52.44
CA LEU C 451 27.64 -7.23 -51.80
C LEU C 451 26.95 -5.88 -51.64
N LYS C 452 27.53 -4.81 -52.17
CA LYS C 452 26.93 -3.50 -52.02
C LYS C 452 25.80 -3.29 -53.02
N ALA C 453 25.94 -3.83 -54.22
CA ALA C 453 24.96 -3.59 -55.27
C ALA C 453 24.32 -4.89 -55.74
N GLU C 454 23.92 -5.74 -54.79
CA GLU C 454 23.23 -6.97 -55.11
C GLU C 454 21.74 -6.81 -54.88
N LEU C 455 20.94 -7.36 -55.80
CA LEU C 455 19.50 -7.16 -55.77
C LEU C 455 18.86 -7.93 -54.63
N VAL C 456 17.66 -7.51 -54.24
CA VAL C 456 16.87 -8.17 -53.23
C VAL C 456 15.86 -9.04 -53.97
N ARG C 457 16.15 -10.34 -54.06
CA ARG C 457 15.32 -11.24 -54.82
C ARG C 457 14.16 -11.75 -53.96
N ASN C 458 13.30 -12.59 -54.54
CA ASN C 458 12.11 -13.07 -53.86
C ASN C 458 12.43 -14.08 -52.77
N ILE C 459 13.59 -14.74 -52.86
CA ILE C 459 14.01 -15.68 -51.83
C ILE C 459 14.25 -14.96 -50.51
N ASP C 460 14.65 -13.68 -50.58
CA ASP C 460 14.83 -12.89 -49.37
C ASP C 460 13.52 -12.66 -48.64
N PHE C 461 12.46 -12.31 -49.37
CA PHE C 461 11.17 -12.10 -48.72
C PHE C 461 10.56 -13.41 -48.25
N GLU C 462 10.75 -14.48 -49.02
CA GLU C 462 10.23 -15.79 -48.59
C GLU C 462 10.96 -16.32 -47.37
N ALA C 463 12.26 -16.03 -47.24
CA ALA C 463 13.00 -16.44 -46.06
C ALA C 463 12.92 -15.42 -44.94
N ALA C 464 12.32 -14.26 -45.18
CA ALA C 464 12.10 -13.30 -44.11
C ALA C 464 10.68 -13.35 -43.56
N LEU C 465 9.75 -13.96 -44.26
CA LEU C 465 8.40 -14.09 -43.72
C LEU C 465 8.29 -15.15 -42.65
N GLN C 466 9.22 -16.09 -42.60
CA GLN C 466 9.21 -17.13 -41.57
C GLN C 466 10.03 -16.78 -40.35
N ALA C 467 10.47 -15.53 -40.24
CA ALA C 467 11.24 -15.09 -39.09
C ALA C 467 10.76 -13.78 -38.49
N VAL C 468 9.64 -13.23 -38.95
CA VAL C 468 9.07 -12.02 -38.38
C VAL C 468 7.61 -12.27 -38.06
N SER C 469 7.22 -12.01 -36.82
CA SER C 469 5.87 -12.17 -36.32
C SER C 469 5.50 -10.91 -35.56
N PRO C 470 4.22 -10.58 -35.47
CA PRO C 470 3.83 -9.34 -34.79
C PRO C 470 3.98 -9.45 -33.28
N SER C 471 4.00 -8.29 -32.62
CA SER C 471 3.85 -8.23 -31.17
C SER C 471 2.36 -8.17 -30.84
N ALA C 472 1.70 -9.29 -31.10
CA ALA C 472 0.25 -9.40 -31.24
C ALA C 472 -0.45 -9.45 -29.90
N GLY C 473 -1.64 -10.03 -29.88
CA GLY C 473 -2.59 -9.81 -28.82
C GLY C 473 -3.58 -8.72 -29.18
N PRO C 474 -4.43 -8.98 -30.18
CA PRO C 474 -5.32 -7.92 -30.67
C PRO C 474 -6.44 -7.52 -29.72
N ASP C 475 -6.50 -8.05 -28.50
CA ASP C 475 -7.51 -7.59 -27.55
C ASP C 475 -7.24 -6.18 -27.05
N THR C 476 -5.99 -5.71 -27.11
CA THR C 476 -5.73 -4.31 -26.84
C THR C 476 -6.31 -3.43 -27.94
N MET C 477 -6.18 -3.88 -29.20
CA MET C 477 -6.79 -3.16 -30.30
C MET C 477 -8.32 -3.20 -30.22
N LEU C 478 -8.89 -4.30 -29.75
CA LEU C 478 -10.34 -4.37 -29.63
C LEU C 478 -10.85 -3.51 -28.48
N LYS C 479 -10.10 -3.45 -27.37
CA LYS C 479 -10.47 -2.57 -26.27
C LYS C 479 -10.40 -1.11 -26.69
N CYS C 480 -9.36 -0.74 -27.45
CA CYS C 480 -9.26 0.64 -27.93
C CYS C 480 -10.33 0.96 -28.95
N LYS C 481 -10.70 -0.01 -29.79
CA LYS C 481 -11.80 0.20 -30.73
C LYS C 481 -13.13 0.39 -30.01
N GLU C 482 -13.38 -0.40 -28.97
CA GLU C 482 -14.62 -0.27 -28.21
C GLU C 482 -14.70 1.07 -27.48
N TRP C 483 -13.59 1.51 -26.89
CA TRP C 483 -13.60 2.79 -26.20
C TRP C 483 -13.72 3.95 -27.17
N CYS C 484 -13.06 3.87 -28.32
CA CYS C 484 -13.16 4.97 -29.26
C CYS C 484 -14.41 4.93 -30.12
N ASP C 485 -15.15 3.82 -30.10
CA ASP C 485 -16.46 3.78 -30.75
C ASP C 485 -17.60 4.08 -29.79
N SER C 486 -17.34 4.05 -28.48
CA SER C 486 -18.35 4.47 -27.51
C SER C 486 -18.12 5.87 -26.97
N PHE C 487 -16.93 6.45 -27.15
CA PHE C 487 -16.65 7.76 -26.61
C PHE C 487 -15.88 8.68 -27.56
N GLY C 488 -15.48 8.20 -28.73
CA GLY C 488 -14.66 9.01 -29.62
C GLY C 488 -15.49 10.04 -30.37
N ALA C 489 -14.91 11.22 -30.56
CA ALA C 489 -15.57 12.33 -31.22
C ALA C 489 -14.70 12.80 -32.39
N MET C 490 -14.87 12.16 -33.53
CA MET C 490 -14.05 12.47 -34.70
C MET C 490 -14.39 13.82 -35.30
N LEU D 174 33.40 12.44 -13.46
CA LEU D 174 33.25 11.80 -14.77
C LEU D 174 34.52 11.92 -15.59
N PRO D 175 34.89 10.87 -16.30
CA PRO D 175 36.05 10.93 -17.18
C PRO D 175 35.71 11.68 -18.46
N GLN D 176 36.72 11.87 -19.30
CA GLN D 176 36.50 12.38 -20.65
C GLN D 176 36.15 11.22 -21.56
N ASN D 177 36.05 11.47 -22.84
CA ASN D 177 35.78 10.45 -23.83
C ASN D 177 36.87 10.47 -24.89
N SER D 178 36.64 9.78 -25.99
CA SER D 178 37.49 9.96 -27.16
C SER D 178 37.32 11.37 -27.70
N ALA D 179 38.37 11.86 -28.36
CA ALA D 179 38.49 13.21 -28.91
C ALA D 179 38.34 14.31 -27.86
N GLY D 180 38.62 14.00 -26.60
CA GLY D 180 38.89 15.01 -25.59
C GLY D 180 37.73 15.88 -25.14
N ASP D 181 36.50 15.53 -25.46
CA ASP D 181 35.38 16.35 -25.02
C ASP D 181 35.08 16.10 -23.54
N SER D 182 34.13 16.84 -22.99
CA SER D 182 33.75 16.69 -21.59
C SER D 182 32.26 16.91 -21.43
N PHE D 183 31.63 16.06 -20.63
CA PHE D 183 30.19 16.17 -20.37
C PHE D 183 29.94 17.20 -19.28
N ASP D 184 28.84 17.93 -19.43
CA ASP D 184 28.50 19.04 -18.53
C ASP D 184 27.31 18.64 -17.67
N ALA D 185 27.60 17.94 -16.56
CA ALA D 185 26.55 17.44 -15.67
C ALA D 185 26.35 18.44 -14.55
N SER D 186 25.51 19.44 -14.81
CA SER D 186 25.28 20.51 -13.85
C SER D 186 23.92 20.48 -13.20
N ALA D 187 22.89 20.01 -13.89
CA ALA D 187 21.53 20.02 -13.36
C ALA D 187 21.22 18.81 -12.51
N TYR D 188 22.14 17.87 -12.37
CA TYR D 188 21.93 16.66 -11.60
C TYR D 188 22.75 16.72 -10.31
N ASP D 189 22.21 16.13 -9.26
CA ASP D 189 22.90 16.15 -7.97
C ASP D 189 24.07 15.16 -7.99
N ALA D 190 24.81 15.12 -6.88
CA ALA D 190 26.03 14.33 -6.84
C ALA D 190 25.73 12.85 -6.75
N TYR D 191 24.72 12.47 -5.99
CA TYR D 191 24.44 11.05 -5.77
C TYR D 191 23.67 10.40 -6.90
N ILE D 192 23.30 11.14 -7.95
CA ILE D 192 22.75 10.52 -9.16
C ILE D 192 23.85 10.23 -10.15
N VAL D 193 24.75 11.19 -10.36
CA VAL D 193 25.88 10.97 -11.26
C VAL D 193 26.84 9.97 -10.65
N GLN D 194 26.87 9.82 -9.32
CA GLN D 194 27.65 8.74 -8.72
C GLN D 194 26.99 7.39 -8.98
N ALA D 195 25.66 7.32 -8.90
CA ALA D 195 24.98 6.05 -9.11
C ALA D 195 24.97 5.64 -10.57
N VAL D 196 25.23 6.56 -11.48
CA VAL D 196 25.42 6.19 -12.88
C VAL D 196 26.90 5.91 -13.20
N ARG D 197 27.83 6.59 -12.51
CA ARG D 197 29.24 6.28 -12.67
C ARG D 197 29.58 4.91 -12.11
N GLY D 198 28.84 4.44 -11.11
CA GLY D 198 29.13 3.17 -10.50
C GLY D 198 28.76 1.94 -11.28
N THR D 199 28.24 2.07 -12.51
CA THR D 199 27.85 0.91 -13.30
C THR D 199 28.52 0.87 -14.67
N MET D 200 29.68 1.49 -14.83
CA MET D 200 30.40 1.41 -16.08
C MET D 200 31.47 0.32 -16.03
N ASN D 206 37.63 -13.81 -17.42
CA ASN D 206 38.28 -12.56 -17.79
C ASN D 206 39.01 -12.71 -19.12
N THR D 207 38.80 -11.70 -19.99
CA THR D 207 39.33 -11.66 -21.35
C THR D 207 38.98 -12.93 -22.13
N MET D 208 37.71 -13.32 -22.07
CA MET D 208 37.23 -14.49 -22.76
C MET D 208 36.78 -14.14 -24.17
N SER D 209 36.71 -15.14 -25.03
CA SER D 209 36.37 -14.97 -26.43
C SER D 209 34.95 -15.45 -26.69
N LEU D 210 34.41 -15.03 -27.83
CA LEU D 210 33.07 -15.46 -28.24
C LEU D 210 33.05 -16.89 -28.76
N ASP D 211 34.19 -17.53 -28.92
CA ASP D 211 34.26 -18.87 -29.48
C ASP D 211 34.14 -19.98 -28.44
N ASP D 212 33.98 -19.63 -27.16
CA ASP D 212 33.77 -20.66 -26.15
C ASP D 212 32.31 -20.84 -25.77
N ILE D 213 31.41 -20.00 -26.28
CA ILE D 213 29.99 -20.18 -26.03
C ILE D 213 29.47 -21.28 -26.93
N ILE D 214 28.99 -22.36 -26.33
CA ILE D 214 28.60 -23.53 -27.10
C ILE D 214 27.20 -23.31 -27.67
N GLY D 215 27.06 -23.48 -28.98
CA GLY D 215 25.77 -23.28 -29.61
C GLY D 215 25.43 -21.81 -29.76
N MET D 216 24.13 -21.55 -29.86
CA MET D 216 23.54 -20.22 -30.02
C MET D 216 24.11 -19.51 -31.26
N HIS D 217 23.80 -20.08 -32.42
CA HIS D 217 24.37 -19.56 -33.65
C HIS D 217 23.68 -18.28 -34.11
N ASP D 218 22.36 -18.20 -33.98
CA ASP D 218 21.64 -17.02 -34.46
C ASP D 218 21.85 -15.81 -33.56
N VAL D 219 22.06 -16.03 -32.26
CA VAL D 219 22.41 -14.93 -31.35
C VAL D 219 23.78 -14.38 -31.69
N LYS D 220 24.72 -15.27 -32.01
CA LYS D 220 26.03 -14.83 -32.50
C LYS D 220 25.91 -14.08 -33.82
N GLN D 221 24.97 -14.48 -34.68
CA GLN D 221 24.78 -13.81 -35.96
C GLN D 221 24.27 -12.39 -35.78
N VAL D 222 23.27 -12.20 -34.91
CA VAL D 222 22.71 -10.87 -34.73
C VAL D 222 23.71 -9.97 -34.00
N LEU D 223 24.45 -10.52 -33.02
CA LEU D 223 25.48 -9.72 -32.37
C LEU D 223 26.61 -9.38 -33.32
N HIS D 224 26.92 -10.29 -34.25
CA HIS D 224 27.91 -10.04 -35.29
C HIS D 224 27.50 -8.86 -36.16
N GLU D 225 26.37 -8.96 -36.83
CA GLU D 225 25.96 -7.89 -37.73
C GLU D 225 25.34 -6.68 -37.03
N ALA D 226 25.31 -6.63 -35.71
CA ALA D 226 24.91 -5.41 -35.03
C ALA D 226 26.00 -4.76 -34.20
N VAL D 227 27.14 -5.41 -33.97
CA VAL D 227 28.24 -4.81 -33.22
C VAL D 227 29.52 -4.79 -34.04
N THR D 228 29.88 -5.93 -34.65
CA THR D 228 31.20 -6.04 -35.25
C THR D 228 31.29 -5.29 -36.57
N LEU D 229 30.38 -5.57 -37.49
CA LEU D 229 30.42 -4.98 -38.82
C LEU D 229 30.19 -3.47 -38.93
N PRO D 230 29.47 -2.77 -38.04
CA PRO D 230 29.47 -1.31 -38.12
C PRO D 230 30.77 -0.62 -37.73
N LEU D 231 31.79 -1.34 -37.27
CA LEU D 231 33.09 -0.71 -37.07
C LEU D 231 34.02 -0.85 -38.26
N LEU D 232 33.95 -1.98 -38.96
CA LEU D 232 34.87 -2.20 -40.06
C LEU D 232 34.44 -1.43 -41.30
N VAL D 233 33.26 -1.73 -41.83
CA VAL D 233 32.77 -1.05 -43.02
C VAL D 233 31.45 -0.34 -42.70
N PRO D 234 31.51 0.95 -42.35
CA PRO D 234 30.27 1.70 -42.08
C PRO D 234 29.64 2.32 -43.30
N GLU D 235 30.23 2.13 -44.49
CA GLU D 235 29.66 2.65 -45.72
C GLU D 235 28.51 1.80 -46.24
N PHE D 236 28.23 0.67 -45.59
CA PHE D 236 27.19 -0.26 -45.99
C PHE D 236 25.90 -0.04 -45.22
N PHE D 237 25.99 0.17 -43.91
CA PHE D 237 24.82 0.27 -43.04
C PHE D 237 24.35 1.73 -42.98
N GLN D 238 23.77 2.19 -44.08
CA GLN D 238 23.43 3.62 -44.19
C GLN D 238 21.93 3.87 -44.35
N GLY D 239 21.28 3.23 -45.30
CA GLY D 239 19.92 3.62 -45.63
C GLY D 239 18.86 2.83 -44.90
N LEU D 240 18.24 1.89 -45.60
CA LEU D 240 17.31 0.96 -44.98
C LEU D 240 18.01 0.01 -44.02
N ARG D 241 19.31 -0.18 -44.17
CA ARG D 241 20.07 -1.15 -43.38
C ARG D 241 20.72 -0.51 -42.17
N SER D 242 20.06 0.43 -41.50
CA SER D 242 20.55 0.93 -40.24
C SER D 242 20.62 -0.22 -39.23
N PRO D 243 21.67 -0.29 -38.41
CA PRO D 243 21.87 -1.46 -37.54
C PRO D 243 20.81 -1.53 -36.46
N TRP D 244 20.64 -2.74 -35.94
CA TRP D 244 19.59 -3.02 -34.96
C TRP D 244 19.86 -2.25 -33.68
N LYS D 245 18.78 -1.95 -32.96
CA LYS D 245 18.90 -1.10 -31.79
C LYS D 245 18.56 -1.80 -30.49
N ALA D 246 18.22 -3.08 -30.51
CA ALA D 246 17.78 -3.79 -29.33
C ALA D 246 17.77 -5.29 -29.60
N MET D 247 17.73 -6.08 -28.52
CA MET D 247 17.60 -7.53 -28.58
C MET D 247 17.24 -8.06 -27.21
N VAL D 248 16.30 -9.00 -27.15
CA VAL D 248 15.91 -9.67 -25.92
C VAL D 248 16.14 -11.15 -26.08
N LEU D 249 16.90 -11.74 -25.17
CA LEU D 249 17.03 -13.18 -25.08
C LEU D 249 15.95 -13.69 -24.13
N ALA D 250 15.50 -14.92 -24.36
CA ALA D 250 14.46 -15.49 -23.51
C ALA D 250 14.64 -17.00 -23.49
N GLY D 251 14.32 -17.61 -22.35
CA GLY D 251 14.44 -19.04 -22.23
C GLY D 251 14.44 -19.53 -20.80
N PRO D 252 14.75 -20.82 -20.60
CA PRO D 252 14.75 -21.39 -19.27
C PRO D 252 15.97 -20.93 -18.48
N PRO D 253 15.98 -21.08 -17.16
CA PRO D 253 17.13 -20.58 -16.39
C PRO D 253 18.35 -21.47 -16.53
N GLY D 254 19.50 -20.81 -16.63
CA GLY D 254 20.77 -21.51 -16.72
C GLY D 254 21.06 -22.03 -18.09
N THR D 255 21.17 -21.14 -19.08
CA THR D 255 21.34 -21.60 -20.45
C THR D 255 22.40 -20.82 -21.23
N GLY D 256 22.87 -19.67 -20.76
CA GLY D 256 23.86 -18.96 -21.54
C GLY D 256 23.54 -17.55 -21.98
N LYS D 257 22.83 -16.78 -21.16
CA LYS D 257 22.48 -15.39 -21.49
C LYS D 257 23.49 -14.38 -20.95
N THR D 258 23.70 -14.35 -19.64
CA THR D 258 24.69 -13.44 -19.07
C THR D 258 26.11 -13.79 -19.51
N LEU D 259 26.35 -15.04 -19.90
CA LEU D 259 27.64 -15.40 -20.45
C LEU D 259 27.85 -14.77 -21.82
N ILE D 260 26.80 -14.71 -22.65
CA ILE D 260 26.96 -14.06 -23.95
C ILE D 260 27.06 -12.56 -23.76
N ALA D 261 26.48 -12.02 -22.68
CA ALA D 261 26.64 -10.58 -22.42
C ALA D 261 28.06 -10.26 -21.98
N ARG D 262 28.64 -11.07 -21.11
CA ARG D 262 30.02 -10.83 -20.70
C ARG D 262 31.01 -11.12 -21.82
N ALA D 263 30.70 -12.06 -22.71
CA ALA D 263 31.58 -12.30 -23.84
C ALA D 263 31.54 -11.16 -24.85
N ILE D 264 30.37 -10.53 -25.02
CA ILE D 264 30.31 -9.34 -25.88
C ILE D 264 31.04 -8.18 -25.24
N ALA D 265 30.95 -8.04 -23.91
CA ALA D 265 31.70 -6.98 -23.23
C ALA D 265 33.20 -7.22 -23.29
N SER D 266 33.63 -8.47 -23.38
CA SER D 266 35.05 -8.76 -23.42
C SER D 266 35.63 -8.78 -24.82
N GLU D 267 34.83 -9.01 -25.86
CA GLU D 267 35.40 -9.07 -27.21
C GLU D 267 35.24 -7.78 -27.99
N SER D 268 34.21 -6.98 -27.73
CA SER D 268 34.06 -5.71 -28.40
C SER D 268 34.97 -4.66 -27.78
N SER D 269 34.96 -3.47 -28.38
CA SER D 269 35.73 -2.33 -27.89
C SER D 269 34.80 -1.19 -27.49
N SER D 270 33.62 -1.52 -27.00
CA SER D 270 32.61 -0.54 -26.67
C SER D 270 32.62 -0.23 -25.17
N THR D 271 32.06 0.91 -24.82
CA THR D 271 31.76 1.20 -23.43
C THR D 271 30.57 0.38 -22.98
N PHE D 272 30.69 -0.29 -21.84
CA PHE D 272 29.72 -1.29 -21.43
C PHE D 272 29.06 -0.88 -20.13
N PHE D 273 27.74 -0.87 -20.10
CA PHE D 273 26.95 -0.52 -18.93
C PHE D 273 26.18 -1.76 -18.48
N THR D 274 26.26 -2.10 -17.19
CA THR D 274 25.52 -3.25 -16.66
C THR D 274 24.57 -2.76 -15.58
N VAL D 275 23.39 -2.32 -15.96
CA VAL D 275 22.45 -1.85 -14.97
C VAL D 275 21.53 -3.00 -14.58
N SER D 276 20.86 -2.84 -13.44
CA SER D 276 19.93 -3.83 -12.93
C SER D 276 18.79 -3.10 -12.26
N SER D 277 17.90 -3.85 -11.62
CA SER D 277 16.71 -3.26 -11.03
C SER D 277 16.97 -2.55 -9.72
N THR D 278 18.20 -2.49 -9.23
CA THR D 278 18.51 -1.87 -7.96
C THR D 278 19.35 -0.62 -8.09
N ASP D 279 19.78 -0.26 -9.29
CA ASP D 279 20.45 1.00 -9.51
C ASP D 279 19.46 2.11 -9.82
N LEU D 280 18.23 1.76 -10.15
CA LEU D 280 17.23 2.70 -10.65
C LEU D 280 16.22 3.09 -9.59
N SER D 281 16.53 2.88 -8.33
CA SER D 281 15.55 3.07 -7.26
C SER D 281 16.12 3.95 -6.16
N SER D 282 15.32 4.91 -5.71
CA SER D 282 15.68 5.75 -4.60
C SER D 282 14.41 6.28 -3.95
N LYS D 283 14.48 6.51 -2.64
CA LYS D 283 13.29 6.85 -1.87
C LYS D 283 12.80 8.28 -2.08
N TRP D 284 13.58 9.14 -2.73
CA TRP D 284 13.08 10.46 -3.06
C TRP D 284 12.20 10.39 -4.28
N ARG D 285 11.38 11.42 -4.45
CA ARG D 285 10.42 11.47 -5.55
C ARG D 285 11.07 12.16 -6.73
N GLY D 286 11.19 11.45 -7.84
CA GLY D 286 11.80 12.02 -9.02
C GLY D 286 13.26 11.72 -9.21
N ASP D 287 13.75 10.59 -8.72
CA ASP D 287 15.09 10.15 -9.03
C ASP D 287 15.13 8.89 -9.89
N SER D 288 14.09 8.06 -9.81
CA SER D 288 14.03 6.86 -10.62
C SER D 288 13.93 7.21 -12.10
N GLU D 289 13.20 8.26 -12.45
CA GLU D 289 13.08 8.66 -13.84
C GLU D 289 14.10 9.71 -14.22
N LYS D 290 15.12 9.94 -13.41
CA LYS D 290 16.26 10.74 -13.81
C LYS D 290 17.55 9.95 -13.92
N ILE D 291 17.68 8.86 -13.16
CA ILE D 291 18.83 7.97 -13.34
C ILE D 291 18.80 7.34 -14.74
N VAL D 292 17.59 7.01 -15.23
CA VAL D 292 17.46 6.45 -16.58
C VAL D 292 17.84 7.46 -17.64
N ARG D 293 17.41 8.71 -17.46
CA ARG D 293 17.71 9.74 -18.45
C ARG D 293 19.19 10.05 -18.49
N LEU D 294 19.83 10.13 -17.32
CA LEU D 294 21.27 10.34 -17.27
C LEU D 294 22.03 9.17 -17.86
N LEU D 295 21.52 7.95 -17.67
CA LEU D 295 22.16 6.76 -18.23
C LEU D 295 22.13 6.80 -19.75
N PHE D 296 20.98 7.11 -20.33
CA PHE D 296 20.92 7.15 -21.80
C PHE D 296 21.69 8.32 -22.37
N GLU D 297 21.77 9.44 -21.64
CA GLU D 297 22.55 10.57 -22.14
C GLU D 297 24.03 10.27 -22.13
N LEU D 298 24.53 9.59 -21.09
CA LEU D 298 25.93 9.20 -21.10
C LEU D 298 26.21 8.12 -22.14
N ALA D 299 25.26 7.21 -22.36
CA ALA D 299 25.49 6.15 -23.34
C ALA D 299 25.49 6.68 -24.76
N ARG D 300 24.75 7.75 -25.02
CA ARG D 300 24.83 8.36 -26.34
C ARG D 300 25.95 9.37 -26.45
N PHE D 301 26.46 9.89 -25.33
CA PHE D 301 27.55 10.84 -25.41
C PHE D 301 28.89 10.13 -25.58
N TYR D 302 29.10 9.01 -24.89
CA TYR D 302 30.44 8.46 -24.79
C TYR D 302 30.94 7.84 -26.08
N ALA D 303 30.27 6.83 -26.57
CA ALA D 303 30.91 5.98 -27.54
C ALA D 303 29.85 5.21 -28.31
N PRO D 304 30.21 4.38 -29.26
CA PRO D 304 29.28 3.32 -29.67
C PRO D 304 29.05 2.29 -28.58
N SER D 305 28.29 2.64 -27.55
CA SER D 305 28.23 1.87 -26.31
C SER D 305 27.17 0.78 -26.39
N ILE D 306 27.13 -0.04 -25.34
CA ILE D 306 26.21 -1.17 -25.23
C ILE D 306 25.64 -1.16 -23.82
N ILE D 307 24.33 -1.09 -23.71
CA ILE D 307 23.66 -1.15 -22.40
C ILE D 307 23.13 -2.56 -22.23
N PHE D 308 23.38 -3.16 -21.07
CA PHE D 308 22.93 -4.52 -20.77
C PHE D 308 22.04 -4.46 -19.54
N ILE D 309 20.73 -4.38 -19.76
CA ILE D 309 19.77 -4.34 -18.67
C ILE D 309 19.41 -5.77 -18.32
N ASP D 310 19.67 -6.17 -17.09
CA ASP D 310 19.50 -7.56 -16.70
C ASP D 310 18.22 -7.74 -15.90
N GLN D 311 17.55 -8.88 -16.13
CA GLN D 311 16.27 -9.24 -15.51
C GLN D 311 15.22 -8.16 -15.74
N ILE D 312 14.91 -7.92 -17.01
CA ILE D 312 14.05 -6.81 -17.39
C ILE D 312 12.60 -7.09 -17.03
N ASP D 313 12.24 -8.35 -16.79
CA ASP D 313 10.89 -8.69 -16.34
C ASP D 313 10.58 -8.09 -14.96
N THR D 314 11.61 -7.79 -14.17
CA THR D 314 11.42 -7.07 -12.92
C THR D 314 11.06 -5.62 -13.18
N LEU D 315 11.72 -5.00 -14.16
CA LEU D 315 11.71 -3.56 -14.37
C LEU D 315 10.53 -3.11 -15.23
N GLY D 316 10.38 -3.68 -16.41
CA GLY D 316 9.24 -3.35 -17.23
C GLY D 316 8.17 -4.43 -17.21
N GLY D 317 7.14 -4.23 -16.40
CA GLY D 317 6.01 -5.14 -16.36
C GLY D 317 4.87 -4.64 -17.23
N GLN D 318 3.73 -5.31 -17.11
CA GLN D 318 2.53 -4.89 -17.82
C GLN D 318 2.04 -3.58 -17.22
N ARG D 319 1.59 -2.66 -18.08
CA ARG D 319 1.42 -1.28 -17.66
C ARG D 319 0.10 -1.06 -16.92
N GLY D 320 -1.02 -1.38 -17.56
CA GLY D 320 -2.29 -1.18 -16.90
C GLY D 320 -2.65 -2.32 -15.97
N ASN D 321 -1.90 -2.47 -14.87
CA ASN D 321 -1.99 -3.63 -14.02
C ASN D 321 -2.63 -3.25 -12.68
N SER D 322 -2.68 -4.22 -11.77
CA SER D 322 -3.46 -4.07 -10.54
C SER D 322 -2.65 -3.47 -9.40
N GLY D 323 -1.56 -4.11 -9.02
CA GLY D 323 -0.84 -3.75 -7.82
C GLY D 323 0.38 -2.91 -8.06
N GLU D 324 0.27 -1.94 -8.96
CA GLU D 324 1.40 -1.16 -9.43
C GLU D 324 1.50 0.13 -8.65
N HIS D 325 2.62 0.34 -7.98
CA HIS D 325 2.92 1.62 -7.35
C HIS D 325 3.15 2.66 -8.43
N GLU D 326 2.91 3.93 -8.08
CA GLU D 326 2.90 5.00 -9.07
C GLU D 326 4.28 5.28 -9.65
N ALA D 327 5.34 5.10 -8.86
CA ALA D 327 6.66 5.47 -9.31
C ALA D 327 7.34 4.41 -10.16
N SER D 328 6.65 3.36 -10.57
CA SER D 328 7.15 2.46 -11.59
C SER D 328 6.64 2.82 -12.97
N ARG D 329 5.49 3.48 -13.02
CA ARG D 329 4.93 3.93 -14.28
C ARG D 329 5.82 4.95 -14.95
N ARG D 330 6.48 5.80 -14.15
CA ARG D 330 7.37 6.79 -14.72
C ARG D 330 8.65 6.17 -15.26
N VAL D 331 9.13 5.08 -14.65
CA VAL D 331 10.31 4.41 -15.18
C VAL D 331 9.97 3.69 -16.49
N LYS D 332 8.81 3.04 -16.56
CA LYS D 332 8.41 2.40 -17.81
C LYS D 332 8.17 3.44 -18.90
N SER D 333 7.59 4.59 -18.55
CA SER D 333 7.41 5.64 -19.53
C SER D 333 8.74 6.24 -19.98
N GLU D 334 9.74 6.28 -19.10
CA GLU D 334 11.04 6.80 -19.52
C GLU D 334 11.76 5.85 -20.45
N PHE D 335 11.63 4.54 -20.21
CA PHE D 335 12.18 3.59 -21.17
C PHE D 335 11.43 3.63 -22.49
N LEU D 336 10.13 3.94 -22.47
CA LEU D 336 9.41 4.06 -23.73
C LEU D 336 9.81 5.31 -24.49
N VAL D 337 10.11 6.41 -23.79
CA VAL D 337 10.41 7.65 -24.49
C VAL D 337 11.84 7.64 -25.03
N GLN D 338 12.81 7.13 -24.25
CA GLN D 338 14.20 7.27 -24.65
C GLN D 338 14.58 6.34 -25.80
N MET D 339 13.93 5.19 -25.92
CA MET D 339 14.45 4.11 -26.73
C MET D 339 13.97 4.12 -28.19
N ASP D 340 13.51 5.25 -28.71
CA ASP D 340 13.13 5.30 -30.11
C ASP D 340 13.65 6.52 -30.88
N GLY D 341 14.00 7.60 -30.21
CA GLY D 341 14.50 8.78 -30.89
C GLY D 341 15.92 8.63 -31.40
N ASN D 344 15.99 13.13 -35.31
CA ASN D 344 16.81 13.81 -36.32
C ASN D 344 17.69 12.81 -37.05
N LYS D 345 17.91 13.06 -38.35
CA LYS D 345 18.78 12.21 -39.15
C LYS D 345 20.25 12.40 -38.85
N PHE D 346 20.60 13.41 -38.07
CA PHE D 346 21.93 13.54 -37.50
C PHE D 346 21.97 12.74 -36.19
N ASP D 347 23.01 12.99 -35.37
CA ASP D 347 23.32 12.25 -34.14
C ASP D 347 23.50 10.76 -34.44
N SER D 348 24.52 10.47 -35.24
CA SER D 348 24.87 9.10 -35.60
C SER D 348 25.83 8.47 -34.60
N ARG D 349 25.44 8.50 -33.33
CA ARG D 349 26.12 7.77 -32.27
C ARG D 349 25.23 6.62 -31.85
N ARG D 350 25.79 5.42 -31.75
CA ARG D 350 25.00 4.21 -31.65
C ARG D 350 24.89 3.75 -30.20
N VAL D 351 23.72 3.22 -29.86
CA VAL D 351 23.44 2.63 -28.56
C VAL D 351 22.65 1.35 -28.77
N PHE D 352 23.15 0.24 -28.25
CA PHE D 352 22.57 -1.09 -28.47
C PHE D 352 22.15 -1.66 -27.12
N VAL D 353 20.84 -1.84 -26.94
CA VAL D 353 20.26 -2.22 -25.65
C VAL D 353 20.00 -3.71 -25.66
N LEU D 354 20.79 -4.49 -24.93
CA LEU D 354 20.65 -5.93 -24.86
C LEU D 354 20.05 -6.31 -23.51
N ALA D 355 19.07 -7.20 -23.51
CA ALA D 355 18.34 -7.51 -22.29
C ALA D 355 18.07 -9.00 -22.20
N ALA D 356 18.04 -9.51 -20.97
CA ALA D 356 17.82 -10.92 -20.72
C ALA D 356 16.69 -11.11 -19.73
N THR D 357 15.99 -12.23 -19.84
CA THR D 357 14.88 -12.55 -18.95
C THR D 357 14.66 -14.05 -19.00
N ASN D 358 13.77 -14.53 -18.11
CA ASN D 358 13.33 -15.91 -18.22
C ASN D 358 11.84 -16.08 -17.96
N ILE D 359 11.08 -14.99 -17.86
CA ILE D 359 9.63 -15.02 -17.92
C ILE D 359 9.18 -13.94 -18.90
N PRO D 360 9.20 -14.23 -20.20
CA PRO D 360 9.03 -13.16 -21.20
C PRO D 360 7.61 -12.72 -21.42
N TRP D 361 6.61 -13.47 -20.98
CA TRP D 361 5.22 -13.10 -21.23
C TRP D 361 4.70 -12.02 -20.30
N GLU D 362 5.56 -11.33 -19.56
CA GLU D 362 5.14 -10.26 -18.68
C GLU D 362 5.66 -8.90 -19.13
N LEU D 363 6.25 -8.80 -20.32
CA LEU D 363 6.71 -7.51 -20.81
C LEU D 363 5.53 -6.70 -21.34
N ASP D 364 5.62 -5.39 -21.22
CA ASP D 364 4.58 -4.50 -21.70
C ASP D 364 4.49 -4.54 -23.22
N GLU D 365 3.28 -4.33 -23.74
CA GLU D 365 3.08 -4.41 -25.18
C GLU D 365 3.71 -3.23 -25.91
N ALA D 366 3.93 -2.11 -25.24
CA ALA D 366 4.64 -1.01 -25.85
C ALA D 366 6.14 -1.15 -25.76
N LEU D 367 6.63 -2.07 -24.93
CA LEU D 367 8.06 -2.30 -24.79
C LEU D 367 8.51 -3.57 -25.48
N ARG D 368 7.59 -4.49 -25.76
CA ARG D 368 7.91 -5.67 -26.55
C ARG D 368 8.15 -5.31 -28.01
N ARG D 369 7.66 -4.15 -28.45
CA ARG D 369 7.85 -3.71 -29.83
C ARG D 369 9.24 -3.14 -30.07
N ARG D 370 9.81 -2.47 -29.05
CA ARG D 370 11.11 -1.84 -29.19
C ARG D 370 12.22 -2.86 -29.43
N PHE D 371 12.16 -3.97 -28.72
CA PHE D 371 13.13 -5.05 -28.88
C PHE D 371 12.80 -5.79 -30.15
N GLU D 372 13.41 -5.37 -31.25
CA GLU D 372 13.09 -5.90 -32.56
C GLU D 372 13.85 -7.17 -32.90
N LYS D 373 14.44 -7.83 -31.91
CA LYS D 373 14.95 -9.18 -32.06
C LYS D 373 14.67 -9.91 -30.75
N ARG D 374 13.90 -10.99 -30.80
CA ARG D 374 13.39 -11.64 -29.61
C ARG D 374 13.71 -13.12 -29.61
N ILE D 375 14.98 -13.45 -29.80
CA ILE D 375 15.42 -14.82 -30.03
C ILE D 375 15.19 -15.69 -28.81
N PHE D 376 14.85 -16.95 -29.06
CA PHE D 376 14.69 -17.99 -28.05
C PHE D 376 16.01 -18.72 -27.87
N ILE D 377 16.25 -19.24 -26.66
CA ILE D 377 17.46 -19.98 -26.36
C ILE D 377 17.08 -21.36 -25.84
N PRO D 378 17.46 -22.45 -26.50
CA PRO D 378 16.99 -23.76 -26.08
C PRO D 378 17.93 -24.46 -25.12
N LEU D 379 17.44 -25.46 -24.39
CA LEU D 379 18.30 -26.37 -23.67
C LEU D 379 19.12 -27.18 -24.68
N PRO D 380 20.34 -27.59 -24.31
CA PRO D 380 21.21 -28.26 -25.29
C PRO D 380 20.72 -29.64 -25.66
N ASP D 381 20.88 -29.98 -26.95
CA ASP D 381 20.54 -31.30 -27.46
C ASP D 381 21.69 -32.27 -27.26
N ILE D 382 21.56 -33.47 -27.82
CA ILE D 382 22.51 -34.55 -27.53
C ILE D 382 23.84 -34.40 -28.25
N ASP D 383 24.02 -33.37 -29.06
CA ASP D 383 25.29 -33.12 -29.71
C ASP D 383 26.00 -31.89 -29.16
N ALA D 384 25.29 -31.05 -28.41
CA ALA D 384 25.90 -29.88 -27.79
C ALA D 384 26.25 -30.11 -26.33
N ARG D 385 25.98 -31.30 -25.80
CA ARG D 385 26.50 -31.64 -24.49
C ARG D 385 27.83 -32.35 -24.57
N LYS D 386 28.12 -33.01 -25.69
CA LYS D 386 29.43 -33.62 -25.88
C LYS D 386 30.52 -32.55 -25.96
N LYS D 387 30.26 -31.46 -26.68
CA LYS D 387 31.23 -30.37 -26.77
C LYS D 387 31.37 -29.65 -25.43
N LEU D 388 30.31 -29.59 -24.65
CA LEU D 388 30.38 -28.92 -23.35
C LEU D 388 31.18 -29.75 -22.34
N ILE D 389 30.97 -31.07 -22.34
CA ILE D 389 31.74 -31.95 -21.47
C ILE D 389 33.21 -31.97 -21.90
N GLU D 390 33.47 -31.90 -23.21
CA GLU D 390 34.86 -31.82 -23.65
C GLU D 390 35.50 -30.48 -23.32
N LYS D 391 34.71 -29.40 -23.30
CA LYS D 391 35.28 -28.09 -23.02
C LYS D 391 35.60 -27.91 -21.55
N SER D 392 34.72 -28.36 -20.65
CA SER D 392 34.95 -28.09 -19.24
C SER D 392 36.01 -28.99 -18.62
N MET D 393 36.45 -30.03 -19.31
CA MET D 393 37.44 -30.96 -18.76
C MET D 393 38.80 -30.82 -19.43
N GLU D 394 39.19 -29.59 -19.77
CA GLU D 394 40.54 -29.31 -20.23
C GLU D 394 41.32 -28.69 -19.08
N GLY D 395 42.30 -29.42 -18.57
CA GLY D 395 43.09 -28.93 -17.45
C GLY D 395 43.25 -29.97 -16.38
N THR D 396 42.26 -30.82 -16.19
CA THR D 396 42.38 -31.84 -15.17
C THR D 396 42.76 -33.16 -15.82
N PRO D 397 43.74 -33.88 -15.28
CA PRO D 397 44.20 -35.11 -15.92
C PRO D 397 43.19 -36.23 -15.79
N LYS D 398 42.68 -36.68 -16.93
CA LYS D 398 41.67 -37.72 -17.00
C LYS D 398 42.28 -38.97 -17.62
N SER D 399 41.53 -40.07 -17.56
CA SER D 399 42.01 -41.31 -18.14
C SER D 399 41.59 -41.37 -19.61
N ASP D 400 41.78 -42.52 -20.25
CA ASP D 400 41.32 -42.76 -21.60
C ASP D 400 40.18 -43.77 -21.65
N GLU D 401 39.56 -44.05 -20.51
CA GLU D 401 38.52 -45.06 -20.43
C GLU D 401 37.13 -44.48 -20.62
N ILE D 402 36.93 -43.22 -20.24
CA ILE D 402 35.60 -42.63 -20.28
C ILE D 402 35.18 -42.37 -21.73
N ASN D 403 33.95 -42.71 -22.05
CA ASN D 403 33.40 -42.53 -23.38
C ASN D 403 32.31 -41.48 -23.31
N TYR D 404 32.49 -40.39 -24.05
CA TYR D 404 31.59 -39.25 -23.92
C TYR D 404 30.22 -39.48 -24.54
N ASP D 405 30.06 -40.49 -25.40
CA ASP D 405 28.75 -40.73 -26.00
C ASP D 405 27.75 -41.25 -24.98
N ASP D 406 28.19 -42.16 -24.10
CA ASP D 406 27.29 -42.67 -23.07
C ASP D 406 26.94 -41.58 -22.06
N LEU D 407 27.90 -40.70 -21.76
CA LEU D 407 27.62 -39.59 -20.86
C LEU D 407 26.78 -38.52 -21.54
N ALA D 408 26.80 -38.44 -22.86
CA ALA D 408 25.89 -37.54 -23.55
C ALA D 408 24.50 -38.13 -23.67
N ALA D 409 24.39 -39.45 -23.67
CA ALA D 409 23.09 -40.09 -23.83
C ALA D 409 22.39 -40.37 -22.51
N ARG D 410 23.10 -40.39 -21.38
CA ARG D 410 22.42 -40.57 -20.10
C ARG D 410 21.96 -39.28 -19.47
N THR D 411 22.33 -38.13 -20.02
CA THR D 411 21.84 -36.86 -19.54
C THR D 411 20.79 -36.34 -20.52
N GLU D 412 19.55 -36.24 -20.05
CA GLU D 412 18.45 -35.69 -20.83
C GLU D 412 17.73 -34.66 -19.99
N GLY D 413 17.54 -33.46 -20.53
CA GLY D 413 16.95 -32.39 -19.77
C GLY D 413 17.93 -31.63 -18.91
N PHE D 414 19.21 -31.96 -18.97
CA PHE D 414 20.22 -31.19 -18.26
C PHE D 414 20.43 -29.86 -18.96
N SER D 415 20.64 -28.82 -18.16
CA SER D 415 20.95 -27.50 -18.70
C SER D 415 22.45 -27.40 -18.96
N GLY D 416 22.96 -26.20 -19.20
CA GLY D 416 24.39 -26.05 -19.29
C GLY D 416 25.02 -26.08 -17.91
N ALA D 417 24.37 -25.38 -16.97
CA ALA D 417 24.89 -25.28 -15.61
C ALA D 417 24.93 -26.61 -14.90
N ASP D 418 23.96 -27.49 -15.18
CA ASP D 418 23.97 -28.80 -14.56
C ASP D 418 25.08 -29.68 -15.11
N VAL D 419 25.42 -29.53 -16.39
CA VAL D 419 26.51 -30.29 -16.98
C VAL D 419 27.85 -29.82 -16.42
N VAL D 420 28.00 -28.52 -16.23
CA VAL D 420 29.21 -28.01 -15.58
C VAL D 420 29.29 -28.46 -14.12
N SER D 421 28.14 -28.54 -13.44
CA SER D 421 28.13 -28.99 -12.05
C SER D 421 28.48 -30.47 -11.93
N LEU D 422 28.04 -31.27 -12.91
CA LEU D 422 28.43 -32.69 -12.95
C LEU D 422 29.92 -32.85 -13.19
N CYS D 423 30.48 -32.06 -14.12
CA CYS D 423 31.92 -32.12 -14.36
C CYS D 423 32.74 -31.59 -13.19
N ARG D 424 32.15 -30.81 -12.29
CA ARG D 424 32.85 -30.42 -11.08
C ARG D 424 32.77 -31.50 -10.00
N THR D 425 31.58 -32.10 -9.85
CA THR D 425 31.37 -33.12 -8.82
C THR D 425 32.17 -34.38 -9.12
N ALA D 426 32.56 -34.62 -10.38
CA ALA D 426 33.45 -35.75 -10.67
C ALA D 426 34.84 -35.57 -10.02
N ALA D 427 35.42 -34.38 -10.12
CA ALA D 427 36.75 -34.16 -9.52
C ALA D 427 36.67 -34.12 -8.00
N ILE D 428 35.58 -33.55 -7.47
CA ILE D 428 35.47 -33.62 -6.01
C ILE D 428 35.22 -35.05 -5.54
N ASN D 429 34.58 -35.88 -6.37
CA ASN D 429 34.48 -37.31 -6.05
C ASN D 429 35.82 -38.01 -6.12
N VAL D 430 36.76 -37.51 -6.93
CA VAL D 430 38.14 -38.00 -6.85
C VAL D 430 38.72 -37.68 -5.47
N LEU D 431 38.38 -36.51 -4.93
CA LEU D 431 38.82 -36.22 -3.56
C LEU D 431 38.13 -37.12 -2.53
N ARG D 432 36.86 -37.46 -2.73
CA ARG D 432 36.06 -38.07 -1.67
C ARG D 432 36.35 -39.54 -1.43
N ARG D 433 37.30 -40.15 -2.13
CA ARG D 433 37.59 -41.55 -1.85
C ARG D 433 38.58 -41.71 -0.72
N TYR D 434 39.45 -40.74 -0.50
CA TYR D 434 40.40 -40.79 0.60
C TYR D 434 39.76 -40.20 1.85
N ASP D 435 39.94 -40.87 2.99
CA ASP D 435 39.41 -40.35 4.24
C ASP D 435 40.28 -39.20 4.72
N THR D 436 39.93 -37.98 4.33
CA THR D 436 40.68 -36.80 4.74
C THR D 436 40.04 -36.11 5.94
N LYS D 437 39.06 -36.73 6.58
CA LYS D 437 38.58 -36.25 7.86
C LYS D 437 39.42 -36.74 9.03
N SER D 438 40.38 -37.62 8.77
CA SER D 438 41.16 -38.26 9.82
C SER D 438 42.41 -37.48 10.18
N LEU D 439 43.19 -37.07 9.18
CA LEU D 439 44.45 -36.39 9.44
C LEU D 439 44.19 -34.98 9.94
N ARG D 440 44.88 -34.60 11.01
CA ARG D 440 44.66 -33.32 11.68
C ARG D 440 45.99 -32.57 11.71
N GLY D 441 46.17 -31.64 10.79
CA GLY D 441 47.34 -30.77 10.81
C GLY D 441 48.67 -31.32 10.37
N GLY D 442 49.06 -32.49 10.88
CA GLY D 442 50.38 -33.02 10.63
C GLY D 442 50.57 -33.58 9.23
N GLU D 443 51.34 -32.85 8.41
CA GLU D 443 51.71 -33.23 7.04
C GLU D 443 50.49 -33.48 6.17
N LEU D 444 49.43 -32.71 6.37
CA LEU D 444 48.24 -32.83 5.54
C LEU D 444 48.49 -32.31 4.15
N THR D 445 49.28 -31.24 4.03
CA THR D 445 49.69 -30.74 2.72
C THR D 445 50.61 -31.73 2.01
N ALA D 446 51.45 -32.44 2.77
CA ALA D 446 52.22 -33.54 2.21
C ALA D 446 51.31 -34.71 1.84
N ALA D 447 50.22 -34.89 2.58
CA ALA D 447 49.25 -35.91 2.20
C ALA D 447 48.44 -35.48 0.98
N MET D 448 48.29 -34.18 0.77
CA MET D 448 47.55 -33.66 -0.36
C MET D 448 48.40 -33.51 -1.61
N GLU D 449 49.64 -33.99 -1.60
CA GLU D 449 50.45 -33.98 -2.80
C GLU D 449 50.28 -35.26 -3.61
N SER D 450 50.00 -36.38 -2.95
CA SER D 450 49.68 -37.61 -3.66
C SER D 450 48.32 -37.52 -4.34
N LEU D 451 47.45 -36.64 -3.88
CA LEU D 451 46.10 -36.51 -4.42
C LEU D 451 46.03 -35.59 -5.62
N LYS D 452 46.92 -34.61 -5.72
CA LYS D 452 46.89 -33.64 -6.79
C LYS D 452 47.48 -34.16 -8.10
N ALA D 453 47.73 -35.46 -8.22
CA ALA D 453 48.17 -36.06 -9.46
C ALA D 453 47.30 -37.22 -9.92
N GLU D 454 46.27 -37.58 -9.16
CA GLU D 454 45.44 -38.72 -9.49
C GLU D 454 44.51 -38.40 -10.65
N LEU D 455 44.20 -39.41 -11.44
CA LEU D 455 43.40 -39.27 -12.65
C LEU D 455 41.93 -39.46 -12.33
N VAL D 456 41.08 -38.77 -13.07
CA VAL D 456 39.63 -38.85 -12.87
C VAL D 456 39.12 -40.07 -13.63
N ARG D 457 38.71 -41.10 -12.89
CA ARG D 457 38.35 -42.36 -13.50
C ARG D 457 36.86 -42.41 -13.84
N ASN D 458 36.43 -43.55 -14.40
CA ASN D 458 35.05 -43.72 -14.82
C ASN D 458 34.11 -43.91 -13.63
N ILE D 459 34.64 -44.44 -12.52
CA ILE D 459 33.87 -44.65 -11.30
C ILE D 459 33.38 -43.33 -10.74
N ASP D 460 34.17 -42.27 -10.90
CA ASP D 460 33.76 -40.96 -10.43
C ASP D 460 32.60 -40.42 -11.24
N PHE D 461 32.57 -40.69 -12.55
CA PHE D 461 31.41 -40.25 -13.31
C PHE D 461 30.19 -41.11 -13.01
N GLU D 462 30.38 -42.40 -12.78
CA GLU D 462 29.24 -43.26 -12.42
C GLU D 462 28.68 -42.93 -11.05
N ALA D 463 29.47 -42.33 -10.17
CA ALA D 463 28.95 -41.85 -8.90
C ALA D 463 28.34 -40.46 -8.99
N ALA D 464 29.01 -39.53 -9.69
CA ALA D 464 28.51 -38.17 -9.80
C ALA D 464 27.26 -38.07 -10.66
N LEU D 465 27.05 -39.01 -11.58
CA LEU D 465 25.87 -38.98 -12.42
C LEU D 465 24.65 -39.49 -11.68
N GLN D 466 24.84 -40.24 -10.59
CA GLN D 466 23.77 -40.55 -9.66
C GLN D 466 23.66 -39.52 -8.56
N ALA D 467 24.70 -38.73 -8.33
CA ALA D 467 24.63 -37.71 -7.28
C ALA D 467 24.00 -36.41 -7.74
N VAL D 468 23.85 -36.18 -9.05
CA VAL D 468 23.38 -34.91 -9.57
C VAL D 468 22.14 -35.14 -10.42
N SER D 469 21.10 -34.37 -10.16
CA SER D 469 19.84 -34.38 -10.87
C SER D 469 19.56 -32.97 -11.41
N PRO D 470 18.67 -32.82 -12.41
CA PRO D 470 18.34 -31.49 -12.90
C PRO D 470 17.61 -30.65 -11.87
N SER D 471 17.56 -29.35 -12.14
CA SER D 471 17.05 -28.41 -11.16
C SER D 471 15.55 -28.16 -11.27
N ALA D 472 14.96 -28.38 -12.44
CA ALA D 472 13.54 -28.11 -12.62
C ALA D 472 13.00 -28.97 -13.75
N GLY D 473 11.77 -29.46 -13.59
CA GLY D 473 11.11 -30.21 -14.62
C GLY D 473 10.65 -29.30 -15.73
N PRO D 474 10.34 -29.85 -16.89
CA PRO D 474 10.00 -28.98 -18.02
C PRO D 474 8.57 -28.47 -17.94
N ASP D 475 8.43 -27.24 -17.48
CA ASP D 475 7.16 -26.52 -17.59
C ASP D 475 7.33 -25.08 -17.98
N THR D 476 8.49 -24.47 -17.75
CA THR D 476 8.78 -23.14 -18.26
C THR D 476 9.46 -23.17 -19.61
N MET D 477 10.17 -24.26 -19.93
CA MET D 477 10.71 -24.42 -21.27
C MET D 477 9.61 -24.51 -22.31
N LEU D 478 8.55 -25.27 -22.02
CA LEU D 478 7.46 -25.41 -22.97
C LEU D 478 6.65 -24.13 -23.10
N LYS D 479 6.51 -23.37 -22.02
CA LYS D 479 5.80 -22.10 -22.10
C LYS D 479 6.62 -21.05 -22.84
N CYS D 480 7.93 -21.01 -22.62
CA CYS D 480 8.78 -20.08 -23.36
C CYS D 480 8.87 -20.44 -24.83
N LYS D 481 8.84 -21.74 -25.15
CA LYS D 481 8.86 -22.14 -26.55
C LYS D 481 7.53 -21.85 -27.23
N GLU D 482 6.41 -22.00 -26.51
CA GLU D 482 5.13 -21.64 -27.09
C GLU D 482 4.98 -20.13 -27.22
N TRP D 483 5.71 -19.35 -26.43
CA TRP D 483 5.65 -17.91 -26.61
C TRP D 483 6.54 -17.46 -27.75
N CYS D 484 7.78 -17.91 -27.79
CA CYS D 484 8.71 -17.44 -28.81
C CYS D 484 8.49 -18.04 -30.19
N ASP D 485 7.52 -18.94 -30.35
CA ASP D 485 7.17 -19.45 -31.67
C ASP D 485 5.93 -18.77 -32.23
N SER D 486 5.39 -17.76 -31.54
CA SER D 486 4.23 -17.08 -32.05
C SER D 486 4.40 -15.57 -32.01
N PHE D 487 5.21 -15.06 -31.07
CA PHE D 487 5.42 -13.63 -30.93
C PHE D 487 6.88 -13.22 -31.11
N GLY D 488 7.73 -14.12 -31.61
CA GLY D 488 9.16 -13.88 -31.64
C GLY D 488 9.68 -13.61 -33.03
N ALA D 489 10.76 -12.85 -33.11
CA ALA D 489 11.35 -12.43 -34.39
C ALA D 489 12.82 -12.83 -34.39
N MET D 490 13.09 -14.07 -34.79
CA MET D 490 14.45 -14.60 -34.80
C MET D 490 15.20 -14.16 -36.04
N LEU E 174 31.28 0.55 11.92
CA LEU E 174 31.85 -0.66 11.33
C LEU E 174 33.31 -0.80 11.70
N PRO E 175 33.70 -1.98 12.17
CA PRO E 175 35.12 -2.22 12.47
C PRO E 175 35.92 -2.40 11.18
N GLN E 176 37.24 -2.40 11.33
CA GLN E 176 38.12 -2.76 10.24
C GLN E 176 38.16 -4.28 10.09
N ASN E 177 38.80 -4.74 9.04
CA ASN E 177 39.00 -6.16 8.83
C ASN E 177 40.41 -6.52 9.30
N SER E 178 40.83 -7.74 8.99
CA SER E 178 42.25 -8.03 9.05
C SER E 178 42.96 -7.26 7.93
N ALA E 179 44.28 -7.10 8.11
CA ALA E 179 45.15 -6.31 7.24
C ALA E 179 44.70 -4.85 7.12
N GLY E 180 44.12 -4.32 8.20
CA GLY E 180 44.06 -2.89 8.48
C GLY E 180 43.40 -1.94 7.49
N ASP E 181 42.62 -2.43 6.53
CA ASP E 181 41.95 -1.54 5.59
C ASP E 181 40.68 -0.97 6.25
N SER E 182 39.82 -0.32 5.46
CA SER E 182 38.59 0.23 5.99
C SER E 182 37.49 0.09 4.94
N PHE E 183 36.31 0.60 5.28
CA PHE E 183 35.15 0.53 4.40
C PHE E 183 34.54 1.92 4.27
N ASP E 184 34.36 2.38 3.04
CA ASP E 184 33.86 3.73 2.77
C ASP E 184 32.36 3.66 2.50
N ALA E 185 31.59 3.68 3.58
CA ALA E 185 30.14 3.60 3.49
C ALA E 185 29.54 5.00 3.54
N SER E 186 29.71 5.72 2.44
CA SER E 186 29.11 7.03 2.29
C SER E 186 27.85 7.01 1.46
N ALA E 187 27.73 6.06 0.53
CA ALA E 187 26.58 6.05 -0.38
C ALA E 187 25.31 5.54 0.27
N TYR E 188 25.40 4.83 1.38
CA TYR E 188 24.23 4.31 2.07
C TYR E 188 23.95 5.15 3.30
N ASP E 189 22.69 5.14 3.74
CA ASP E 189 22.27 5.99 4.84
C ASP E 189 22.74 5.41 6.17
N ALA E 190 22.33 6.03 7.27
CA ALA E 190 22.82 5.60 8.57
C ALA E 190 22.12 4.33 9.04
N TYR E 191 20.79 4.29 8.94
CA TYR E 191 20.04 3.17 9.51
C TYR E 191 20.24 1.88 8.73
N ILE E 192 20.59 1.96 7.44
CA ILE E 192 20.88 0.75 6.69
C ILE E 192 22.20 0.13 7.16
N VAL E 193 23.20 0.97 7.42
CA VAL E 193 24.46 0.48 7.97
C VAL E 193 24.26 -0.09 9.36
N GLN E 194 23.39 0.54 10.16
CA GLN E 194 23.09 -0.02 11.48
C GLN E 194 22.34 -1.34 11.39
N ALA E 195 21.42 -1.45 10.44
CA ALA E 195 20.62 -2.68 10.31
C ALA E 195 21.37 -3.81 9.64
N VAL E 196 22.52 -3.55 9.02
CA VAL E 196 23.33 -4.67 8.54
C VAL E 196 24.40 -4.99 9.59
N ARG E 197 24.85 -3.98 10.33
CA ARG E 197 25.80 -4.23 11.41
C ARG E 197 25.18 -5.03 12.53
N GLY E 198 23.89 -4.84 12.78
CA GLY E 198 23.22 -5.57 13.83
C GLY E 198 23.00 -7.05 13.59
N THR E 199 23.39 -7.58 12.43
CA THR E 199 23.27 -9.00 12.15
C THR E 199 24.61 -9.70 12.15
N MET E 200 25.61 -9.12 12.82
CA MET E 200 26.96 -9.64 12.75
C MET E 200 27.39 -10.22 14.09
N ASN E 206 30.57 -19.66 22.62
CA ASN E 206 31.16 -20.71 21.80
C ASN E 206 30.77 -22.09 22.35
N THR E 207 31.79 -22.97 22.43
CA THR E 207 31.69 -24.30 23.04
C THR E 207 30.65 -25.18 22.35
N MET E 208 30.72 -25.23 21.03
CA MET E 208 29.99 -26.23 20.24
C MET E 208 30.97 -26.89 19.30
N SER E 209 30.58 -28.06 18.80
CA SER E 209 31.47 -28.81 17.92
C SER E 209 30.65 -29.72 17.02
N LEU E 210 31.25 -30.08 15.89
CA LEU E 210 30.58 -30.90 14.89
C LEU E 210 30.55 -32.38 15.22
N ASP E 211 30.87 -32.77 16.45
CA ASP E 211 30.55 -34.10 16.94
C ASP E 211 29.37 -34.08 17.89
N ASP E 212 28.75 -32.91 18.07
CA ASP E 212 27.52 -32.79 18.81
C ASP E 212 26.30 -32.80 17.91
N ILE E 213 26.45 -33.29 16.69
CA ILE E 213 25.36 -33.42 15.73
C ILE E 213 25.29 -34.90 15.34
N ILE E 214 24.23 -35.56 15.76
CA ILE E 214 24.09 -37.00 15.55
C ILE E 214 23.56 -37.26 14.16
N GLY E 215 24.28 -38.06 13.39
CA GLY E 215 23.91 -38.31 12.01
C GLY E 215 24.41 -37.19 11.11
N MET E 216 23.71 -37.01 9.98
CA MET E 216 23.97 -35.96 8.99
C MET E 216 25.41 -36.02 8.47
N HIS E 217 25.73 -37.12 7.79
CA HIS E 217 27.11 -37.32 7.38
C HIS E 217 27.48 -36.47 6.18
N ASP E 218 26.62 -36.43 5.16
CA ASP E 218 27.00 -35.76 3.92
C ASP E 218 27.00 -34.26 4.05
N VAL E 219 26.20 -33.70 4.95
CA VAL E 219 26.24 -32.26 5.22
C VAL E 219 27.56 -31.89 5.89
N LYS E 220 28.03 -32.73 6.81
CA LYS E 220 29.34 -32.53 7.41
C LYS E 220 30.44 -32.68 6.39
N GLN E 221 30.27 -33.58 5.42
CA GLN E 221 31.27 -33.75 4.36
C GLN E 221 31.36 -32.52 3.46
N VAL E 222 30.21 -31.96 3.07
CA VAL E 222 30.20 -30.79 2.20
C VAL E 222 30.76 -29.58 2.93
N LEU E 223 30.42 -29.40 4.21
CA LEU E 223 30.98 -28.29 4.97
C LEU E 223 32.48 -28.46 5.18
N HIS E 224 32.93 -29.70 5.36
CA HIS E 224 34.36 -29.95 5.55
C HIS E 224 35.15 -29.68 4.29
N GLU E 225 34.60 -29.97 3.12
CA GLU E 225 35.34 -29.73 1.89
C GLU E 225 34.98 -28.41 1.21
N ALA E 226 34.18 -27.56 1.86
CA ALA E 226 33.98 -26.22 1.32
C ALA E 226 34.26 -25.09 2.29
N VAL E 227 34.54 -25.35 3.57
CA VAL E 227 34.87 -24.32 4.54
C VAL E 227 36.24 -24.56 5.18
N THR E 228 36.48 -25.78 5.66
CA THR E 228 37.67 -26.05 6.43
C THR E 228 38.89 -26.39 5.58
N LEU E 229 38.72 -27.07 4.48
CA LEU E 229 39.88 -27.38 3.63
C LEU E 229 40.45 -26.23 2.81
N PRO E 230 39.69 -25.25 2.30
CA PRO E 230 40.37 -24.10 1.67
C PRO E 230 41.17 -23.23 2.61
N LEU E 231 40.88 -23.25 3.91
CA LEU E 231 41.69 -22.50 4.85
C LEU E 231 43.04 -23.15 5.10
N LEU E 232 43.17 -24.43 4.81
CA LEU E 232 44.41 -25.17 5.06
C LEU E 232 45.24 -25.31 3.78
N VAL E 233 44.65 -25.88 2.74
CA VAL E 233 45.35 -26.09 1.47
C VAL E 233 44.66 -25.27 0.39
N PRO E 234 45.04 -24.01 0.17
CA PRO E 234 44.38 -23.21 -0.86
C PRO E 234 44.91 -23.45 -2.26
N GLU E 235 46.04 -24.12 -2.39
CA GLU E 235 46.65 -24.38 -3.69
C GLU E 235 45.98 -25.50 -4.47
N PHE E 236 45.12 -26.28 -3.82
CA PHE E 236 44.46 -27.40 -4.49
C PHE E 236 43.22 -26.95 -5.23
N PHE E 237 42.38 -26.15 -4.58
CA PHE E 237 41.10 -25.73 -5.14
C PHE E 237 41.33 -24.53 -6.06
N GLN E 238 41.78 -24.81 -7.28
CA GLN E 238 41.94 -23.79 -8.30
C GLN E 238 41.52 -24.35 -9.64
N GLY E 239 40.60 -23.67 -10.30
CA GLY E 239 40.13 -24.10 -11.61
C GLY E 239 38.80 -24.81 -11.55
N LEU E 240 38.78 -26.05 -12.05
CA LEU E 240 37.56 -26.84 -12.05
C LEU E 240 37.17 -27.26 -10.64
N ARG E 241 38.12 -27.34 -9.74
CA ARG E 241 37.84 -27.77 -8.37
C ARG E 241 37.59 -26.60 -7.46
N SER E 242 36.96 -25.54 -7.98
CA SER E 242 36.69 -24.35 -7.20
C SER E 242 35.69 -24.65 -6.09
N PRO E 243 35.83 -24.05 -4.91
CA PRO E 243 34.95 -24.39 -3.79
C PRO E 243 33.55 -23.89 -4.02
N TRP E 244 32.59 -24.58 -3.39
CA TRP E 244 31.18 -24.31 -3.62
C TRP E 244 30.78 -22.99 -2.96
N LYS E 245 29.59 -22.52 -3.30
CA LYS E 245 29.17 -21.21 -2.81
C LYS E 245 27.71 -21.18 -2.43
N ALA E 246 27.11 -22.34 -2.13
CA ALA E 246 25.72 -22.43 -1.76
C ALA E 246 25.42 -23.82 -1.21
N MET E 247 24.39 -23.90 -0.36
CA MET E 247 23.81 -25.15 0.12
C MET E 247 22.48 -24.84 0.78
N VAL E 248 21.45 -25.61 0.46
CA VAL E 248 20.15 -25.50 1.10
C VAL E 248 19.79 -26.83 1.73
N LEU E 249 19.44 -26.80 3.01
CA LEU E 249 19.00 -27.99 3.73
C LEU E 249 17.48 -28.03 3.72
N ALA E 250 16.91 -29.14 3.30
CA ALA E 250 15.46 -29.28 3.23
C ALA E 250 15.03 -30.49 4.05
N GLY E 251 14.08 -30.31 4.94
CA GLY E 251 13.62 -31.41 5.76
C GLY E 251 12.40 -31.12 6.62
N PRO E 252 12.02 -32.09 7.43
CA PRO E 252 10.85 -31.94 8.31
C PRO E 252 11.17 -30.99 9.44
N PRO E 253 10.15 -30.47 10.15
CA PRO E 253 10.42 -29.40 11.12
C PRO E 253 10.94 -29.85 12.47
N GLY E 254 11.46 -31.06 12.59
CA GLY E 254 11.95 -31.52 13.87
C GLY E 254 13.46 -31.60 14.00
N THR E 255 14.14 -32.01 12.93
CA THR E 255 15.55 -32.40 13.01
C THR E 255 16.45 -31.16 13.11
N GLY E 256 17.75 -31.38 13.04
CA GLY E 256 18.70 -30.32 13.27
C GLY E 256 19.17 -29.60 12.03
N LYS E 257 18.59 -28.44 11.75
CA LYS E 257 19.01 -27.57 10.66
C LYS E 257 19.51 -26.23 11.15
N THR E 258 18.84 -25.64 12.13
CA THR E 258 19.36 -24.43 12.77
C THR E 258 20.59 -24.76 13.60
N LEU E 259 20.70 -25.99 14.09
CA LEU E 259 21.81 -26.34 14.96
C LEU E 259 23.12 -26.48 14.18
N ILE E 260 23.05 -26.96 12.94
CA ILE E 260 24.28 -27.15 12.18
C ILE E 260 24.88 -25.82 11.75
N ALA E 261 24.08 -24.75 11.66
CA ALA E 261 24.64 -23.45 11.32
C ALA E 261 25.41 -22.86 12.48
N ARG E 262 24.86 -22.95 13.69
CA ARG E 262 25.60 -22.47 14.84
C ARG E 262 26.79 -23.36 15.16
N ALA E 263 26.69 -24.64 14.83
CA ALA E 263 27.83 -25.54 15.02
C ALA E 263 28.97 -25.18 14.06
N ILE E 264 28.65 -24.83 12.81
CA ILE E 264 29.72 -24.45 11.90
C ILE E 264 30.15 -23.00 12.14
N ALA E 265 29.35 -22.21 12.84
CA ALA E 265 29.79 -20.87 13.21
C ALA E 265 30.76 -20.88 14.37
N SER E 266 30.57 -21.80 15.32
CA SER E 266 31.48 -21.86 16.46
C SER E 266 32.81 -22.47 16.08
N GLU E 267 32.79 -23.58 15.35
CA GLU E 267 34.00 -24.34 15.07
C GLU E 267 34.65 -23.92 13.75
N SER E 268 34.87 -22.62 13.58
CA SER E 268 35.50 -22.10 12.37
C SER E 268 36.12 -20.74 12.70
N SER E 269 36.72 -20.13 11.69
CA SER E 269 37.42 -18.87 11.86
C SER E 269 36.92 -17.80 10.90
N SER E 270 35.70 -17.92 10.41
CA SER E 270 35.11 -16.97 9.49
C SER E 270 33.99 -16.20 10.18
N THR E 271 33.74 -14.98 9.71
CA THR E 271 32.71 -14.16 10.33
C THR E 271 31.34 -14.65 9.89
N PHE E 272 30.37 -14.51 10.78
CA PHE E 272 29.06 -15.16 10.62
C PHE E 272 27.97 -14.10 10.53
N PHE E 273 27.19 -14.16 9.46
CA PHE E 273 26.05 -13.28 9.24
C PHE E 273 24.77 -14.10 9.41
N THR E 274 24.01 -13.84 10.47
CA THR E 274 22.69 -14.43 10.63
C THR E 274 21.67 -13.47 10.03
N VAL E 275 21.05 -13.87 8.93
CA VAL E 275 20.06 -13.03 8.25
C VAL E 275 18.73 -13.76 8.26
N SER E 276 17.75 -13.16 8.91
CA SER E 276 16.38 -13.64 8.87
C SER E 276 15.59 -12.79 7.88
N SER E 277 14.31 -13.09 7.76
CA SER E 277 13.46 -12.37 6.82
C SER E 277 12.88 -11.09 7.38
N THR E 278 13.30 -10.66 8.57
CA THR E 278 12.75 -9.48 9.21
C THR E 278 13.74 -8.32 9.24
N ASP E 279 14.92 -8.49 8.64
CA ASP E 279 15.85 -7.40 8.43
C ASP E 279 15.70 -6.79 7.05
N LEU E 280 15.32 -7.59 6.07
CA LEU E 280 15.13 -7.13 4.69
C LEU E 280 13.74 -6.51 4.54
N SER E 281 13.50 -5.46 5.31
CA SER E 281 12.16 -4.91 5.42
C SER E 281 12.24 -3.50 5.96
N SER E 282 11.71 -2.54 5.22
CA SER E 282 11.62 -1.17 5.70
C SER E 282 10.41 -0.51 5.08
N LYS E 283 10.00 0.60 5.68
CA LYS E 283 8.76 1.26 5.31
C LYS E 283 8.89 1.96 3.97
N TRP E 284 10.06 2.54 3.68
CA TRP E 284 10.24 3.36 2.50
C TRP E 284 10.36 2.52 1.24
N ARG E 285 10.48 3.18 0.10
CA ARG E 285 10.62 2.52 -1.18
C ARG E 285 12.08 2.40 -1.52
N GLY E 286 12.53 1.19 -1.81
CA GLY E 286 13.91 1.00 -2.18
C GLY E 286 14.84 0.98 -0.99
N ASP E 287 14.47 0.23 0.05
CA ASP E 287 15.35 0.02 1.18
C ASP E 287 15.54 -1.44 1.53
N SER E 288 14.93 -2.37 0.81
CA SER E 288 15.27 -3.77 1.01
C SER E 288 16.46 -4.17 0.14
N GLU E 289 16.42 -3.79 -1.14
CA GLU E 289 17.47 -4.18 -2.07
C GLU E 289 18.80 -3.53 -1.71
N LYS E 290 18.77 -2.32 -1.16
CA LYS E 290 20.02 -1.71 -0.72
C LYS E 290 20.57 -2.41 0.51
N ILE E 291 19.71 -2.97 1.36
CA ILE E 291 20.20 -3.75 2.49
C ILE E 291 20.85 -5.04 2.01
N VAL E 292 20.26 -5.70 1.02
CA VAL E 292 20.86 -6.92 0.47
C VAL E 292 22.18 -6.63 -0.24
N ARG E 293 22.25 -5.50 -0.94
CA ARG E 293 23.47 -5.09 -1.60
C ARG E 293 24.58 -4.78 -0.62
N LEU E 294 24.26 -4.05 0.47
CA LEU E 294 25.26 -3.78 1.50
C LEU E 294 25.68 -5.03 2.23
N LEU E 295 24.76 -5.98 2.42
CA LEU E 295 25.07 -7.24 3.10
C LEU E 295 26.09 -8.04 2.30
N PHE E 296 25.86 -8.19 1.01
CA PHE E 296 26.81 -8.97 0.21
C PHE E 296 28.13 -8.23 0.03
N GLU E 297 28.10 -6.89 -0.01
CA GLU E 297 29.36 -6.16 -0.10
C GLU E 297 30.17 -6.28 1.17
N LEU E 298 29.51 -6.28 2.33
CA LEU E 298 30.24 -6.42 3.59
C LEU E 298 30.80 -7.82 3.75
N ALA E 299 30.02 -8.83 3.37
CA ALA E 299 30.50 -10.20 3.45
C ALA E 299 31.64 -10.47 2.48
N ARG E 300 31.70 -9.75 1.36
CA ARG E 300 32.88 -9.89 0.52
C ARG E 300 34.05 -9.06 1.01
N PHE E 301 33.79 -7.95 1.69
CA PHE E 301 34.89 -7.10 2.12
C PHE E 301 35.61 -7.67 3.33
N TYR E 302 34.90 -8.24 4.30
CA TYR E 302 35.55 -8.60 5.56
C TYR E 302 36.45 -9.82 5.42
N ALA E 303 35.91 -10.92 4.99
CA ALA E 303 36.65 -12.14 5.25
C ALA E 303 36.21 -13.22 4.27
N PRO E 304 36.76 -14.42 4.31
CA PRO E 304 36.04 -15.55 3.72
C PRO E 304 34.82 -15.95 4.55
N SER E 305 33.82 -15.09 4.62
CA SER E 305 32.72 -15.23 5.54
C SER E 305 31.69 -16.23 5.02
N ILE E 306 30.70 -16.53 5.85
CA ILE E 306 29.55 -17.32 5.42
C ILE E 306 28.28 -16.62 5.90
N ILE E 307 27.23 -16.72 5.10
CA ILE E 307 25.93 -16.12 5.40
C ILE E 307 24.94 -17.26 5.61
N PHE E 308 24.05 -17.12 6.58
CA PHE E 308 23.07 -18.14 6.91
C PHE E 308 21.69 -17.50 6.83
N ILE E 309 21.00 -17.69 5.71
CA ILE E 309 19.68 -17.13 5.51
C ILE E 309 18.68 -18.16 6.01
N ASP E 310 18.13 -17.94 7.20
CA ASP E 310 17.22 -18.89 7.80
C ASP E 310 15.80 -18.61 7.33
N GLN E 311 15.04 -19.69 7.08
CA GLN E 311 13.70 -19.67 6.51
C GLN E 311 13.68 -18.95 5.16
N ILE E 312 14.35 -19.58 4.20
CA ILE E 312 14.48 -19.02 2.86
C ILE E 312 13.14 -18.97 2.12
N ASP E 313 12.15 -19.78 2.51
CA ASP E 313 10.94 -19.84 1.71
C ASP E 313 9.94 -18.74 2.00
N THR E 314 10.15 -17.95 3.06
CA THR E 314 9.34 -16.75 3.26
C THR E 314 9.95 -15.55 2.57
N LEU E 315 11.07 -15.74 1.89
CA LEU E 315 11.86 -14.67 1.33
C LEU E 315 11.91 -14.74 -0.19
N GLY E 316 12.35 -15.86 -0.75
CA GLY E 316 12.19 -16.10 -2.17
C GLY E 316 11.16 -17.18 -2.46
N GLY E 317 9.98 -16.79 -2.89
CA GLY E 317 8.98 -17.76 -3.31
C GLY E 317 9.05 -17.99 -4.80
N GLN E 318 7.91 -18.22 -5.45
CA GLN E 318 7.88 -18.19 -6.90
C GLN E 318 7.84 -16.73 -7.35
N ARG E 319 8.19 -16.47 -8.61
CA ARG E 319 8.33 -15.11 -9.08
C ARG E 319 7.14 -14.59 -9.87
N GLY E 320 6.27 -15.45 -10.36
CA GLY E 320 5.14 -14.99 -11.12
C GLY E 320 3.80 -15.34 -10.53
N ASN E 321 3.69 -15.32 -9.19
CA ASN E 321 2.47 -15.75 -8.54
C ASN E 321 1.39 -14.68 -8.64
N SER E 322 0.23 -15.01 -8.09
CA SER E 322 -0.93 -14.13 -8.07
C SER E 322 -1.00 -13.46 -6.70
N GLY E 323 -0.68 -12.17 -6.67
CA GLY E 323 -0.84 -11.42 -5.45
C GLY E 323 0.41 -11.33 -4.60
N GLU E 324 1.55 -11.10 -5.23
CA GLU E 324 2.76 -10.71 -4.52
C GLU E 324 2.97 -9.22 -4.66
N HIS E 325 3.71 -8.66 -3.71
CA HIS E 325 3.95 -7.23 -3.76
C HIS E 325 5.01 -6.93 -4.82
N GLU E 326 5.08 -5.66 -5.22
CA GLU E 326 6.06 -5.25 -6.21
C GLU E 326 7.41 -4.91 -5.59
N ALA E 327 7.57 -5.09 -4.28
CA ALA E 327 8.86 -4.88 -3.64
C ALA E 327 9.53 -6.17 -3.22
N SER E 328 8.79 -7.27 -3.08
CA SER E 328 9.44 -8.54 -2.84
C SER E 328 10.07 -9.08 -4.11
N ARG E 329 9.54 -8.68 -5.26
CA ARG E 329 10.11 -9.08 -6.54
C ARG E 329 11.51 -8.52 -6.72
N ARG E 330 11.75 -7.30 -6.24
CA ARG E 330 13.10 -6.75 -6.37
C ARG E 330 14.07 -7.38 -5.39
N VAL E 331 13.58 -7.89 -4.26
CA VAL E 331 14.46 -8.64 -3.36
C VAL E 331 14.87 -9.96 -4.00
N LYS E 332 13.93 -10.67 -4.63
CA LYS E 332 14.29 -11.91 -5.31
C LYS E 332 15.22 -11.64 -6.49
N SER E 333 15.00 -10.55 -7.22
CA SER E 333 15.91 -10.21 -8.31
C SER E 333 17.27 -9.78 -7.82
N GLU E 334 17.35 -9.21 -6.62
CA GLU E 334 18.65 -8.82 -6.08
C GLU E 334 19.46 -10.02 -5.65
N PHE E 335 18.82 -11.02 -5.04
CA PHE E 335 19.52 -12.27 -4.75
C PHE E 335 19.95 -12.96 -6.03
N LEU E 336 19.11 -12.92 -7.07
CA LEU E 336 19.43 -13.55 -8.35
C LEU E 336 20.64 -12.89 -9.02
N VAL E 337 20.74 -11.57 -8.95
CA VAL E 337 21.87 -10.90 -9.59
C VAL E 337 23.13 -10.98 -8.74
N GLN E 338 23.01 -11.00 -7.42
CA GLN E 338 24.19 -10.90 -6.58
C GLN E 338 24.81 -12.25 -6.24
N MET E 339 24.05 -13.36 -6.29
CA MET E 339 24.62 -14.62 -5.85
C MET E 339 25.58 -15.22 -6.87
N ASP E 340 25.40 -14.97 -8.15
CA ASP E 340 26.44 -15.27 -9.13
C ASP E 340 27.13 -13.96 -9.51
N GLY E 341 28.43 -14.04 -9.77
CA GLY E 341 29.09 -12.80 -10.17
C GLY E 341 30.58 -12.89 -9.90
N SER E 342 31.13 -11.73 -9.50
CA SER E 342 32.57 -11.48 -9.36
C SER E 342 33.30 -11.82 -10.67
N GLN E 343 33.00 -10.98 -11.67
CA GLN E 343 33.37 -11.26 -13.05
C GLN E 343 34.88 -11.33 -13.26
N ASN E 344 35.65 -10.61 -12.45
CA ASN E 344 37.10 -10.70 -12.53
C ASN E 344 37.56 -12.08 -12.03
N LYS E 345 38.39 -12.76 -12.83
CA LYS E 345 38.95 -14.02 -12.38
C LYS E 345 39.95 -13.83 -11.26
N PHE E 346 40.61 -12.67 -11.22
CA PHE E 346 41.40 -12.27 -10.07
C PHE E 346 40.50 -11.61 -9.04
N ASP E 347 41.08 -11.36 -7.86
CA ASP E 347 40.39 -10.87 -6.67
C ASP E 347 39.24 -11.80 -6.27
N SER E 348 39.62 -13.02 -5.91
CA SER E 348 38.68 -14.06 -5.53
C SER E 348 38.66 -14.15 -4.01
N ARG E 349 37.67 -13.54 -3.39
CA ARG E 349 37.42 -13.65 -1.96
C ARG E 349 36.15 -14.46 -1.77
N ARG E 350 36.21 -15.47 -0.91
CA ARG E 350 35.17 -16.48 -0.87
C ARG E 350 34.01 -16.05 0.01
N VAL E 351 32.84 -16.61 -0.30
CA VAL E 351 31.63 -16.41 0.48
C VAL E 351 30.82 -17.69 0.33
N PHE E 352 29.88 -17.91 1.23
CA PHE E 352 29.20 -19.20 1.28
C PHE E 352 27.83 -19.00 1.90
N VAL E 353 26.77 -19.36 1.20
CA VAL E 353 25.41 -19.09 1.63
C VAL E 353 24.75 -20.39 2.07
N LEU E 354 24.18 -20.39 3.27
CA LEU E 354 23.55 -21.56 3.85
C LEU E 354 22.08 -21.24 4.12
N ALA E 355 21.19 -22.22 3.91
CA ALA E 355 19.77 -21.93 4.05
C ALA E 355 19.02 -23.18 4.49
N ALA E 356 17.92 -22.96 5.23
CA ALA E 356 17.12 -24.05 5.74
C ALA E 356 15.65 -23.82 5.40
N THR E 357 14.93 -24.91 5.16
CA THR E 357 13.55 -24.84 4.69
C THR E 357 12.75 -26.00 5.25
N ASN E 358 11.46 -25.78 5.47
CA ASN E 358 10.52 -26.88 5.64
C ASN E 358 9.66 -27.12 4.41
N ILE E 359 9.51 -26.11 3.56
CA ILE E 359 8.66 -26.19 2.37
C ILE E 359 9.54 -26.01 1.15
N PRO E 360 10.28 -27.04 0.71
CA PRO E 360 11.22 -26.83 -0.40
C PRO E 360 10.62 -26.91 -1.79
N TRP E 361 9.33 -27.23 -1.94
CA TRP E 361 8.69 -27.22 -3.24
C TRP E 361 8.12 -25.85 -3.59
N GLU E 362 8.55 -24.80 -2.90
CA GLU E 362 8.05 -23.45 -3.11
C GLU E 362 9.20 -22.46 -3.21
N LEU E 363 10.27 -22.85 -3.90
CA LEU E 363 11.34 -21.93 -4.25
C LEU E 363 11.28 -21.66 -5.74
N ASP E 364 11.80 -20.50 -6.14
CA ASP E 364 11.78 -20.13 -7.55
C ASP E 364 12.68 -21.03 -8.37
N GLU E 365 12.27 -21.28 -9.62
CA GLU E 365 13.05 -22.15 -10.48
C GLU E 365 14.38 -21.53 -10.89
N ALA E 366 14.50 -20.22 -10.81
CA ALA E 366 15.75 -19.54 -11.13
C ALA E 366 16.66 -19.40 -9.94
N LEU E 367 16.11 -19.31 -8.74
CA LEU E 367 16.92 -19.24 -7.52
C LEU E 367 17.33 -20.62 -7.05
N ARG E 368 16.60 -21.66 -7.41
CA ARG E 368 16.98 -23.02 -7.07
C ARG E 368 18.22 -23.48 -7.82
N ARG E 369 18.56 -22.82 -8.92
CA ARG E 369 19.77 -23.20 -9.66
C ARG E 369 21.02 -22.73 -8.93
N ARG E 370 20.96 -21.54 -8.34
CA ARG E 370 22.13 -20.99 -7.66
C ARG E 370 22.47 -21.77 -6.41
N PHE E 371 21.46 -22.30 -5.73
CA PHE E 371 21.66 -23.15 -4.57
C PHE E 371 22.05 -24.54 -5.06
N GLU E 372 23.33 -24.71 -5.40
CA GLU E 372 23.79 -26.06 -5.64
C GLU E 372 23.89 -26.81 -4.32
N LYS E 373 23.95 -28.15 -4.42
CA LYS E 373 23.94 -29.08 -3.30
C LYS E 373 22.67 -28.93 -2.45
N ARG E 374 21.54 -29.31 -3.06
CA ARG E 374 20.31 -29.55 -2.33
C ARG E 374 20.44 -30.87 -1.58
N ILE E 375 20.23 -30.86 -0.27
CA ILE E 375 20.40 -32.06 0.55
C ILE E 375 19.15 -32.28 1.40
N PHE E 376 18.68 -33.52 1.45
CA PHE E 376 17.60 -33.93 2.34
C PHE E 376 18.15 -34.27 3.72
N ILE E 377 17.35 -34.02 4.74
CA ILE E 377 17.71 -34.37 6.11
C ILE E 377 16.62 -35.28 6.67
N PRO E 378 16.91 -36.53 7.00
CA PRO E 378 15.87 -37.47 7.40
C PRO E 378 15.61 -37.44 8.89
N LEU E 379 14.52 -38.07 9.28
CA LEU E 379 14.26 -38.33 10.69
C LEU E 379 15.26 -39.36 11.20
N PRO E 380 15.58 -39.34 12.49
CA PRO E 380 16.61 -40.25 13.01
C PRO E 380 16.17 -41.71 12.97
N ASP E 381 17.14 -42.58 12.72
CA ASP E 381 16.93 -44.01 12.67
C ASP E 381 17.02 -44.60 14.08
N ILE E 382 17.19 -45.92 14.16
CA ILE E 382 17.28 -46.58 15.46
C ILE E 382 18.57 -46.20 16.17
N ASP E 383 19.71 -46.33 15.46
CA ASP E 383 21.01 -46.06 16.07
C ASP E 383 21.17 -44.58 16.41
N ALA E 384 20.58 -43.69 15.62
CA ALA E 384 20.64 -42.27 15.94
C ALA E 384 19.83 -41.96 17.18
N ARG E 385 18.68 -42.63 17.36
CA ARG E 385 17.89 -42.43 18.57
C ARG E 385 18.62 -42.97 19.80
N LYS E 386 19.30 -44.12 19.65
CA LYS E 386 20.05 -44.69 20.76
C LYS E 386 21.22 -43.80 21.16
N LYS E 387 21.98 -43.31 20.18
CA LYS E 387 23.10 -42.41 20.48
C LYS E 387 22.62 -41.07 21.00
N LEU E 388 21.45 -40.60 20.59
CA LEU E 388 20.98 -39.33 21.09
C LEU E 388 20.46 -39.45 22.52
N ILE E 389 19.85 -40.59 22.87
CA ILE E 389 19.47 -40.83 24.26
C ILE E 389 20.72 -40.95 25.14
N GLU E 390 21.75 -41.65 24.64
CA GLU E 390 23.02 -41.72 25.37
C GLU E 390 23.67 -40.36 25.52
N LYS E 391 23.52 -39.49 24.52
CA LYS E 391 24.19 -38.20 24.57
C LYS E 391 23.50 -37.27 25.54
N SER E 392 22.16 -37.20 25.51
CA SER E 392 21.50 -36.21 26.33
C SER E 392 21.37 -36.62 27.79
N MET E 393 21.46 -37.91 28.11
CA MET E 393 21.29 -38.39 29.47
C MET E 393 22.60 -38.52 30.22
N GLU E 394 23.62 -37.73 29.85
CA GLU E 394 24.83 -37.65 30.65
C GLU E 394 24.87 -36.30 31.33
N GLY E 395 25.55 -36.25 32.48
CA GLY E 395 25.46 -35.10 33.36
C GLY E 395 24.42 -35.24 34.45
N THR E 396 23.45 -36.13 34.27
CA THR E 396 22.43 -36.42 35.26
C THR E 396 22.55 -37.89 35.67
N PRO E 397 22.65 -38.18 36.97
CA PRO E 397 22.86 -39.58 37.39
C PRO E 397 21.60 -40.42 37.21
N LYS E 398 21.74 -41.53 36.49
CA LYS E 398 20.67 -42.48 36.28
C LYS E 398 21.05 -43.81 36.92
N SER E 399 20.14 -44.77 36.87
CA SER E 399 20.38 -46.07 37.44
C SER E 399 21.05 -46.96 36.39
N ASP E 400 21.16 -48.25 36.68
CA ASP E 400 21.73 -49.20 35.74
C ASP E 400 20.69 -50.20 35.23
N GLU E 401 19.41 -49.97 35.50
CA GLU E 401 18.35 -50.85 35.05
C GLU E 401 17.66 -50.34 33.80
N ILE E 402 18.18 -49.27 33.19
CA ILE E 402 17.57 -48.71 31.99
C ILE E 402 18.12 -49.45 30.78
N ASN E 403 17.23 -50.10 30.04
CA ASN E 403 17.58 -50.75 28.78
C ASN E 403 17.34 -49.76 27.66
N TYR E 404 18.43 -49.21 27.11
CA TYR E 404 18.32 -48.20 26.06
C TYR E 404 17.77 -48.76 24.77
N ASP E 405 17.89 -50.06 24.55
CA ASP E 405 17.36 -50.66 23.33
C ASP E 405 15.83 -50.63 23.29
N ASP E 406 15.18 -50.76 24.44
CA ASP E 406 13.71 -50.69 24.46
C ASP E 406 13.22 -49.28 24.18
N LEU E 407 13.92 -48.26 24.71
CA LEU E 407 13.57 -46.89 24.40
C LEU E 407 13.90 -46.52 22.97
N ALA E 408 14.94 -47.12 22.40
CA ALA E 408 15.29 -46.83 21.02
C ALA E 408 14.37 -47.55 20.05
N ALA E 409 13.78 -48.67 20.45
CA ALA E 409 12.86 -49.40 19.60
C ALA E 409 11.40 -49.07 19.84
N ARG E 410 11.09 -48.34 20.91
CA ARG E 410 9.70 -48.00 21.19
C ARG E 410 9.31 -46.60 20.78
N THR E 411 10.28 -45.71 20.56
CA THR E 411 10.00 -44.36 20.06
C THR E 411 10.01 -44.39 18.53
N GLU E 412 9.04 -45.09 17.97
CA GLU E 412 8.95 -45.27 16.52
C GLU E 412 8.19 -44.09 15.94
N GLY E 413 8.87 -43.28 15.13
CA GLY E 413 8.27 -42.10 14.54
C GLY E 413 8.64 -40.80 15.19
N PHE E 414 9.49 -40.82 16.22
CA PHE E 414 9.89 -39.61 16.89
C PHE E 414 10.87 -38.83 16.06
N SER E 415 10.78 -37.50 16.11
CA SER E 415 11.72 -36.65 15.41
C SER E 415 12.97 -36.45 16.25
N GLY E 416 13.84 -35.53 15.85
CA GLY E 416 15.04 -35.30 16.62
C GLY E 416 14.81 -34.44 17.84
N ALA E 417 13.88 -33.50 17.77
CA ALA E 417 13.60 -32.57 18.85
C ALA E 417 12.48 -33.05 19.77
N ASP E 418 12.08 -34.32 19.65
CA ASP E 418 11.16 -34.90 20.60
C ASP E 418 11.80 -35.88 21.55
N VAL E 419 12.95 -36.45 21.18
CA VAL E 419 13.68 -37.32 22.09
C VAL E 419 14.28 -36.52 23.24
N VAL E 420 14.71 -35.28 22.95
CA VAL E 420 15.18 -34.40 24.02
C VAL E 420 14.03 -33.99 24.93
N SER E 421 12.84 -33.80 24.37
CA SER E 421 11.68 -33.51 25.21
C SER E 421 11.27 -34.72 26.05
N LEU E 422 11.44 -35.93 25.50
CA LEU E 422 11.19 -37.15 26.26
C LEU E 422 12.15 -37.26 27.44
N CYS E 423 13.43 -36.97 27.22
CA CYS E 423 14.39 -37.01 28.32
C CYS E 423 14.12 -35.92 29.35
N ARG E 424 13.64 -34.74 28.93
CA ARG E 424 13.33 -33.69 29.90
C ARG E 424 12.12 -34.05 30.75
N THR E 425 11.10 -34.66 30.14
CA THR E 425 9.94 -35.10 30.92
C THR E 425 10.32 -36.23 31.86
N ALA E 426 11.18 -37.15 31.41
CA ALA E 426 11.65 -38.21 32.30
C ALA E 426 12.55 -37.69 33.42
N ALA E 427 13.19 -36.54 33.22
CA ALA E 427 14.02 -35.99 34.30
C ALA E 427 13.21 -35.18 35.30
N ILE E 428 12.10 -34.56 34.88
CA ILE E 428 11.29 -33.79 35.83
C ILE E 428 10.20 -34.65 36.46
N ASN E 429 9.97 -35.86 35.95
CA ASN E 429 9.04 -36.77 36.62
C ASN E 429 9.54 -37.23 37.98
N VAL E 430 10.85 -37.14 38.25
CA VAL E 430 11.33 -37.42 39.59
C VAL E 430 10.99 -36.28 40.54
N LEU E 431 10.66 -35.10 40.03
CA LEU E 431 10.10 -34.06 40.87
C LEU E 431 8.61 -34.24 41.01
N ARG E 432 7.94 -34.70 39.95
CA ARG E 432 6.49 -34.85 40.02
C ARG E 432 6.04 -35.98 40.94
N ARG E 433 6.90 -36.95 41.23
CA ARG E 433 6.46 -38.07 42.06
C ARG E 433 6.49 -37.70 43.54
N TYR E 434 7.28 -36.70 43.94
CA TYR E 434 7.26 -36.26 45.32
C TYR E 434 6.17 -35.22 45.52
N ASP E 435 5.80 -35.02 46.78
CA ASP E 435 4.73 -34.09 47.12
C ASP E 435 5.36 -32.74 47.40
N THR E 436 5.38 -31.88 46.38
CA THR E 436 5.87 -30.52 46.53
C THR E 436 4.78 -29.47 46.48
N LYS E 437 3.62 -29.80 45.89
CA LYS E 437 2.49 -28.87 45.92
C LYS E 437 1.91 -28.73 47.31
N SER E 438 2.03 -29.77 48.13
CA SER E 438 1.51 -29.73 49.49
C SER E 438 2.30 -28.78 50.36
N LEU E 439 3.61 -28.99 50.45
CA LEU E 439 4.49 -28.09 51.19
C LEU E 439 4.62 -26.80 50.38
N ARG E 440 3.74 -25.84 50.67
CA ARG E 440 3.67 -24.59 49.90
C ARG E 440 4.45 -23.53 50.67
N GLY E 441 5.76 -23.48 50.42
CA GLY E 441 6.63 -22.54 51.11
C GLY E 441 7.25 -23.15 52.35
N GLY E 442 6.42 -23.58 53.29
CA GLY E 442 6.93 -24.20 54.49
C GLY E 442 7.46 -25.59 54.20
N GLU E 443 8.69 -25.86 54.65
CA GLU E 443 9.43 -27.11 54.43
C GLU E 443 9.57 -27.43 52.94
N LEU E 444 9.72 -26.39 52.13
CA LEU E 444 9.92 -26.53 50.69
C LEU E 444 11.40 -26.44 50.32
N THR E 445 12.14 -25.56 50.98
CA THR E 445 13.58 -25.50 50.78
C THR E 445 14.32 -26.67 51.41
N ALA E 446 13.66 -27.42 52.29
CA ALA E 446 14.32 -28.54 52.96
C ALA E 446 14.26 -29.81 52.12
N ALA E 447 13.13 -30.08 51.46
CA ALA E 447 13.00 -31.27 50.65
C ALA E 447 13.80 -31.18 49.35
N MET E 448 14.13 -29.97 48.91
CA MET E 448 14.91 -29.80 47.70
C MET E 448 16.38 -30.16 47.90
N GLU E 449 16.83 -30.30 49.14
CA GLU E 449 18.24 -30.56 49.40
C GLU E 449 18.61 -32.00 49.06
N SER E 450 17.76 -32.95 49.44
CA SER E 450 18.03 -34.36 49.18
C SER E 450 17.58 -34.80 47.80
N LEU E 451 16.94 -33.92 47.04
CA LEU E 451 16.36 -34.29 45.77
C LEU E 451 17.36 -34.25 44.62
N LYS E 452 18.36 -33.37 44.70
CA LYS E 452 19.26 -33.14 43.58
C LYS E 452 20.22 -34.31 43.31
N ALA E 453 20.34 -35.26 44.22
CA ALA E 453 21.16 -36.44 44.01
C ALA E 453 20.35 -37.71 43.83
N GLU E 454 19.03 -37.63 43.87
CA GLU E 454 18.19 -38.80 43.63
C GLU E 454 18.19 -39.14 42.15
N LEU E 455 18.44 -40.41 41.85
CA LEU E 455 18.63 -40.84 40.47
C LEU E 455 17.27 -41.01 39.79
N VAL E 456 17.27 -41.46 38.54
CA VAL E 456 16.06 -41.64 37.75
C VAL E 456 15.96 -43.10 37.37
N ARG E 457 14.92 -43.78 37.86
CA ARG E 457 14.73 -45.19 37.60
C ARG E 457 13.87 -45.37 36.36
N ASN E 458 13.42 -46.59 36.10
CA ASN E 458 12.68 -46.87 34.88
C ASN E 458 11.22 -46.43 34.95
N ILE E 459 10.71 -46.14 36.15
CA ILE E 459 9.34 -45.69 36.32
C ILE E 459 9.12 -44.35 35.62
N ASP E 460 10.14 -43.47 35.69
CA ASP E 460 10.02 -42.16 35.08
C ASP E 460 10.02 -42.23 33.57
N PHE E 461 10.84 -43.12 32.99
CA PHE E 461 10.81 -43.27 31.54
C PHE E 461 9.54 -43.96 31.07
N GLU E 462 8.97 -44.84 31.90
CA GLU E 462 7.68 -45.44 31.54
C GLU E 462 6.58 -44.39 31.51
N ALA E 463 6.53 -43.52 32.52
CA ALA E 463 5.50 -42.48 32.53
C ALA E 463 5.77 -41.41 31.46
N ALA E 464 7.03 -41.18 31.13
CA ALA E 464 7.35 -40.21 30.09
C ALA E 464 7.01 -40.74 28.71
N LEU E 465 7.15 -42.04 28.48
CA LEU E 465 6.62 -42.62 27.25
C LEU E 465 5.10 -42.59 27.22
N GLN E 466 4.45 -42.76 28.38
CA GLN E 466 3.00 -42.72 28.40
C GLN E 466 2.46 -41.30 28.24
N ALA E 467 3.27 -40.28 28.46
CA ALA E 467 2.77 -38.90 28.49
C ALA E 467 3.24 -38.02 27.35
N VAL E 468 4.01 -38.54 26.39
CA VAL E 468 4.57 -37.72 25.32
C VAL E 468 4.31 -38.41 23.98
N SER E 469 3.64 -37.70 23.08
CA SER E 469 3.35 -38.15 21.73
C SER E 469 4.11 -37.28 20.72
N PRO E 470 4.47 -37.81 19.56
CA PRO E 470 5.16 -37.00 18.55
C PRO E 470 4.19 -36.06 17.86
N SER E 471 4.73 -34.97 17.32
CA SER E 471 3.97 -34.07 16.48
C SER E 471 3.98 -34.63 15.06
N ALA E 472 3.17 -35.66 14.87
CA ALA E 472 3.20 -36.56 13.72
C ALA E 472 2.52 -35.95 12.50
N GLY E 473 2.09 -36.80 11.58
CA GLY E 473 1.63 -36.36 10.29
C GLY E 473 2.72 -36.39 9.24
N PRO E 474 3.18 -37.60 8.90
CA PRO E 474 4.36 -37.72 8.02
C PRO E 474 4.08 -37.45 6.54
N ASP E 475 2.94 -36.83 6.21
CA ASP E 475 2.68 -36.40 4.85
C ASP E 475 3.68 -35.35 4.40
N THR E 476 4.11 -34.48 5.31
CA THR E 476 5.11 -33.47 4.97
C THR E 476 6.48 -34.10 4.76
N MET E 477 6.84 -35.10 5.57
CA MET E 477 8.09 -35.81 5.35
C MET E 477 8.08 -36.57 4.04
N LEU E 478 6.94 -37.18 3.69
CA LEU E 478 6.85 -37.89 2.42
C LEU E 478 6.93 -36.95 1.23
N LYS E 479 6.25 -35.80 1.30
CA LYS E 479 6.33 -34.83 0.20
C LYS E 479 7.72 -34.26 0.05
N CYS E 480 8.38 -33.95 1.17
CA CYS E 480 9.73 -33.40 1.08
C CYS E 480 10.75 -34.44 0.61
N LYS E 481 10.54 -35.71 0.95
CA LYS E 481 11.46 -36.74 0.47
C LYS E 481 11.27 -36.99 -1.02
N GLU E 482 10.03 -36.96 -1.51
CA GLU E 482 9.82 -37.15 -2.95
C GLU E 482 10.35 -35.96 -3.73
N TRP E 483 10.22 -34.74 -3.19
CA TRP E 483 10.79 -33.58 -3.85
C TRP E 483 12.30 -33.64 -3.91
N CYS E 484 12.95 -34.00 -2.81
CA CYS E 484 14.40 -33.98 -2.85
C CYS E 484 14.96 -35.25 -3.49
N ASP E 485 14.12 -36.25 -3.75
CA ASP E 485 14.54 -37.35 -4.60
C ASP E 485 14.35 -37.05 -6.08
N SER E 486 13.44 -36.14 -6.43
CA SER E 486 13.29 -35.77 -7.84
C SER E 486 14.34 -34.76 -8.28
N PHE E 487 14.46 -33.65 -7.56
CA PHE E 487 15.30 -32.53 -7.98
C PHE E 487 16.44 -32.26 -7.01
N GLY E 488 16.97 -33.28 -6.38
CA GLY E 488 17.99 -33.11 -5.36
C GLY E 488 19.37 -33.50 -5.86
N ALA E 489 20.40 -32.87 -5.27
CA ALA E 489 21.77 -33.10 -5.69
C ALA E 489 22.62 -33.21 -4.43
N MET E 490 22.81 -34.43 -3.94
CA MET E 490 23.66 -34.66 -2.78
C MET E 490 25.12 -34.51 -3.17
N LEU F 174 8.26 3.53 27.84
CA LEU F 174 9.21 2.56 28.37
C LEU F 174 9.86 3.11 29.62
N PRO F 175 9.17 2.99 30.77
CA PRO F 175 9.62 3.70 31.98
C PRO F 175 10.99 3.27 32.52
N GLN F 176 11.10 2.04 32.99
CA GLN F 176 12.30 1.56 33.68
C GLN F 176 12.12 0.07 33.92
N ASN F 177 13.07 -0.54 34.61
CA ASN F 177 12.97 -1.94 35.02
C ASN F 177 13.56 -2.04 36.42
N SER F 178 13.85 -3.27 36.84
CA SER F 178 14.61 -3.47 38.07
C SER F 178 16.03 -2.97 37.90
N ALA F 179 16.62 -2.54 39.02
CA ALA F 179 17.98 -2.01 39.12
C ALA F 179 18.21 -0.76 38.26
N GLY F 180 17.14 -0.03 37.92
CA GLY F 180 17.26 1.32 37.43
C GLY F 180 17.80 1.51 36.02
N ASP F 181 18.03 0.45 35.26
CA ASP F 181 18.53 0.60 33.90
C ASP F 181 17.41 1.06 32.97
N SER F 182 17.75 1.33 31.71
CA SER F 182 16.76 1.79 30.75
C SER F 182 17.05 1.21 29.37
N PHE F 183 16.02 1.21 28.53
CA PHE F 183 16.09 0.64 27.20
C PHE F 183 16.47 1.72 26.18
N ASP F 184 17.12 1.30 25.11
CA ASP F 184 17.56 2.20 24.04
C ASP F 184 16.71 1.93 22.80
N ALA F 185 15.54 2.57 22.74
CA ALA F 185 14.63 2.39 21.62
C ALA F 185 14.95 3.41 20.52
N SER F 186 16.12 3.21 19.91
CA SER F 186 16.57 4.11 18.86
C SER F 186 16.19 3.62 17.47
N ALA F 187 16.22 2.32 17.24
CA ALA F 187 16.01 1.80 15.90
C ALA F 187 14.54 1.68 15.51
N TYR F 188 13.61 1.96 16.42
CA TYR F 188 12.20 1.78 16.15
C TYR F 188 11.50 3.15 16.15
N ASP F 189 10.36 3.20 15.48
CA ASP F 189 9.64 4.44 15.27
C ASP F 189 8.94 4.87 16.55
N ALA F 190 8.18 5.96 16.45
CA ALA F 190 7.46 6.48 17.60
C ALA F 190 6.01 6.01 17.66
N TYR F 191 5.55 5.29 16.65
CA TYR F 191 4.20 4.75 16.65
C TYR F 191 4.18 3.24 16.77
N ILE F 192 5.33 2.60 16.92
CA ILE F 192 5.42 1.19 17.17
C ILE F 192 5.67 0.90 18.65
N VAL F 193 6.56 1.69 19.27
CA VAL F 193 6.88 1.50 20.67
C VAL F 193 5.68 1.85 21.55
N GLN F 194 4.82 2.76 21.09
CA GLN F 194 3.58 3.00 21.79
C GLN F 194 2.61 1.82 21.65
N ALA F 195 2.62 1.17 20.50
CA ALA F 195 1.75 0.01 20.31
C ALA F 195 2.22 -1.20 21.09
N VAL F 196 3.50 -1.29 21.41
CA VAL F 196 3.93 -2.36 22.31
C VAL F 196 3.70 -1.96 23.76
N ARG F 197 3.80 -0.66 24.09
CA ARG F 197 3.50 -0.19 25.44
C ARG F 197 2.02 -0.36 25.76
N GLY F 198 1.15 -0.31 24.75
CA GLY F 198 -0.26 -0.55 24.98
C GLY F 198 -0.66 -2.00 25.24
N THR F 199 0.29 -2.93 25.25
CA THR F 199 -0.01 -4.34 25.52
C THR F 199 0.31 -4.75 26.94
N MET F 200 0.76 -3.83 27.80
CA MET F 200 1.08 -4.18 29.16
C MET F 200 -0.07 -3.83 30.11
N ASN F 206 -7.38 -8.25 39.07
CA ASN F 206 -6.73 -7.82 40.30
C ASN F 206 -6.79 -8.91 41.37
N THR F 207 -7.82 -8.85 42.21
CA THR F 207 -7.99 -9.82 43.31
C THR F 207 -8.62 -11.09 42.76
N MET F 208 -7.80 -11.88 42.07
CA MET F 208 -8.19 -13.20 41.61
C MET F 208 -7.27 -14.22 42.28
N SER F 209 -7.86 -15.22 42.92
CA SER F 209 -7.10 -16.14 43.74
C SER F 209 -6.60 -17.32 42.91
N LEU F 210 -5.64 -18.04 43.47
CA LEU F 210 -5.15 -19.25 42.84
C LEU F 210 -6.05 -20.45 43.10
N ASP F 211 -6.90 -20.38 44.12
CA ASP F 211 -7.81 -21.46 44.43
C ASP F 211 -9.21 -21.22 43.88
N ASP F 212 -9.40 -20.12 43.13
CA ASP F 212 -10.70 -19.85 42.53
C ASP F 212 -11.01 -20.83 41.41
N ILE F 213 -9.99 -21.26 40.68
CA ILE F 213 -10.17 -22.17 39.57
C ILE F 213 -10.24 -23.59 40.11
N ILE F 214 -11.33 -24.29 39.81
CA ILE F 214 -11.52 -25.67 40.24
C ILE F 214 -11.28 -26.59 39.06
N GLY F 215 -10.84 -27.81 39.37
CA GLY F 215 -10.35 -28.67 38.32
C GLY F 215 -9.01 -28.15 37.83
N MET F 216 -8.67 -28.59 36.61
CA MET F 216 -7.48 -28.13 35.86
C MET F 216 -6.20 -28.36 36.65
N HIS F 217 -5.92 -29.63 36.95
CA HIS F 217 -4.75 -29.91 37.78
C HIS F 217 -3.47 -29.97 36.97
N ASP F 218 -3.57 -30.35 35.69
CA ASP F 218 -2.39 -30.39 34.84
C ASP F 218 -1.86 -28.99 34.57
N VAL F 219 -2.76 -28.03 34.35
CA VAL F 219 -2.36 -26.64 34.12
C VAL F 219 -1.70 -26.06 35.35
N LYS F 220 -2.26 -26.34 36.53
CA LYS F 220 -1.69 -25.84 37.78
C LYS F 220 -0.34 -26.48 38.07
N GLN F 221 -0.19 -27.77 37.74
CA GLN F 221 1.07 -28.45 37.94
C GLN F 221 2.18 -27.88 37.06
N VAL F 222 1.87 -27.67 35.77
CA VAL F 222 2.88 -27.17 34.85
C VAL F 222 3.23 -25.72 35.17
N LEU F 223 2.22 -24.89 35.49
CA LEU F 223 2.49 -23.50 35.86
C LEU F 223 3.29 -23.40 37.13
N HIS F 224 3.01 -24.29 38.10
CA HIS F 224 3.78 -24.34 39.35
C HIS F 224 5.24 -24.66 39.07
N GLU F 225 5.49 -25.81 38.45
CA GLU F 225 6.88 -26.25 38.24
C GLU F 225 7.61 -25.48 37.15
N ALA F 226 6.94 -24.59 36.42
CA ALA F 226 7.64 -23.78 35.44
C ALA F 226 7.77 -22.31 35.80
N VAL F 227 7.00 -21.81 36.77
CA VAL F 227 7.12 -20.42 37.19
C VAL F 227 7.56 -20.29 38.63
N THR F 228 6.94 -21.01 39.55
CA THR F 228 7.15 -20.65 40.96
C THR F 228 8.37 -21.33 41.55
N LEU F 229 8.51 -22.64 41.35
CA LEU F 229 9.72 -23.33 41.76
C LEU F 229 11.00 -22.87 41.06
N PRO F 230 11.03 -22.44 39.79
CA PRO F 230 12.26 -21.82 39.28
C PRO F 230 12.60 -20.49 39.91
N LEU F 231 11.63 -19.78 40.48
CA LEU F 231 11.96 -18.50 41.10
C LEU F 231 12.68 -18.69 42.43
N LEU F 232 12.24 -19.66 43.23
CA LEU F 232 12.78 -19.79 44.58
C LEU F 232 14.15 -20.45 44.59
N VAL F 233 14.27 -21.61 43.96
CA VAL F 233 15.53 -22.36 44.03
C VAL F 233 16.09 -22.62 42.64
N PRO F 234 16.72 -21.64 42.00
CA PRO F 234 17.23 -21.84 40.64
C PRO F 234 18.50 -22.66 40.57
N GLU F 235 19.06 -23.10 41.69
CA GLU F 235 20.21 -24.00 41.66
C GLU F 235 19.81 -25.40 41.19
N PHE F 236 18.52 -25.74 41.29
CA PHE F 236 18.04 -27.04 40.86
C PHE F 236 17.80 -27.10 39.35
N PHE F 237 17.43 -25.98 38.74
CA PHE F 237 17.02 -25.95 37.34
C PHE F 237 18.16 -25.45 36.48
N GLN F 238 18.99 -26.38 36.00
CA GLN F 238 20.03 -26.05 35.04
C GLN F 238 20.38 -27.30 34.25
N GLY F 239 20.78 -27.11 33.00
CA GLY F 239 21.18 -28.23 32.19
C GLY F 239 20.01 -28.99 31.60
N LEU F 240 19.88 -30.26 31.98
CA LEU F 240 18.80 -31.09 31.46
C LEU F 240 17.46 -30.69 32.05
N ARG F 241 17.44 -30.31 33.32
CA ARG F 241 16.20 -29.87 33.96
C ARG F 241 15.99 -28.37 33.81
N SER F 242 16.09 -27.88 32.60
CA SER F 242 15.78 -26.48 32.34
C SER F 242 14.28 -26.26 32.44
N PRO F 243 13.84 -25.07 32.82
CA PRO F 243 12.41 -24.81 32.91
C PRO F 243 11.76 -24.78 31.53
N TRP F 244 10.45 -24.97 31.52
CA TRP F 244 9.69 -25.02 30.28
C TRP F 244 9.59 -23.63 29.66
N LYS F 245 9.09 -23.60 28.43
CA LYS F 245 9.05 -22.33 27.71
C LYS F 245 7.74 -22.07 26.99
N ALA F 246 6.72 -22.90 27.17
CA ALA F 246 5.52 -22.80 26.34
C ALA F 246 4.41 -23.62 26.97
N MET F 247 3.17 -23.30 26.58
CA MET F 247 1.99 -24.09 26.93
C MET F 247 0.81 -23.63 26.06
N VAL F 248 -0.01 -24.58 25.64
CA VAL F 248 -1.23 -24.31 24.88
C VAL F 248 -2.42 -24.78 25.69
N LEU F 249 -3.45 -23.96 25.75
CA LEU F 249 -4.69 -24.33 26.42
C LEU F 249 -5.78 -24.42 25.36
N ALA F 250 -6.07 -25.63 24.90
CA ALA F 250 -7.00 -25.86 23.81
C ALA F 250 -8.23 -26.60 24.31
N GLY F 251 -9.40 -26.22 23.79
CA GLY F 251 -10.63 -26.89 24.15
C GLY F 251 -11.89 -26.14 23.75
N PRO F 252 -13.01 -26.46 24.40
CA PRO F 252 -14.29 -25.88 24.03
C PRO F 252 -14.41 -24.45 24.53
N PRO F 253 -15.34 -23.66 23.98
CA PRO F 253 -15.47 -22.27 24.44
C PRO F 253 -16.14 -22.18 25.80
N GLY F 254 -15.72 -21.19 26.57
CA GLY F 254 -16.25 -20.98 27.90
C GLY F 254 -15.77 -22.00 28.91
N THR F 255 -14.46 -22.02 29.18
CA THR F 255 -13.89 -22.94 30.16
C THR F 255 -12.92 -22.25 31.12
N GLY F 256 -12.37 -21.10 30.77
CA GLY F 256 -11.59 -20.36 31.74
C GLY F 256 -10.12 -20.16 31.44
N LYS F 257 -9.77 -20.07 30.15
CA LYS F 257 -8.37 -19.92 29.78
C LYS F 257 -7.84 -18.53 30.13
N THR F 258 -8.64 -17.50 29.82
CA THR F 258 -8.30 -16.13 30.23
C THR F 258 -8.26 -15.99 31.75
N LEU F 259 -9.08 -16.79 32.45
CA LEU F 259 -9.07 -16.78 33.90
C LEU F 259 -7.76 -17.33 34.46
N ILE F 260 -7.25 -18.40 33.86
CA ILE F 260 -5.95 -18.95 34.27
C ILE F 260 -4.83 -17.97 33.95
N ALA F 261 -4.95 -17.25 32.82
CA ALA F 261 -3.97 -16.21 32.48
C ALA F 261 -3.94 -15.11 33.53
N ARG F 262 -5.11 -14.59 33.90
CA ARG F 262 -5.16 -13.55 34.92
C ARG F 262 -4.75 -14.06 36.30
N ALA F 263 -5.03 -15.33 36.59
CA ALA F 263 -4.67 -15.89 37.89
C ALA F 263 -3.17 -16.05 38.02
N ILE F 264 -2.50 -16.54 36.99
CA ILE F 264 -1.04 -16.65 37.05
C ILE F 264 -0.38 -15.29 36.88
N ALA F 265 -1.11 -14.29 36.36
CA ALA F 265 -0.62 -12.93 36.42
C ALA F 265 -0.58 -12.42 37.86
N SER F 266 -1.71 -12.53 38.57
CA SER F 266 -1.80 -12.04 39.93
C SER F 266 -1.02 -12.88 40.93
N GLU F 267 -0.71 -14.14 40.60
CA GLU F 267 -0.09 -15.03 41.57
C GLU F 267 1.37 -14.68 41.81
N SER F 268 2.09 -14.34 40.75
CA SER F 268 3.48 -13.95 40.88
C SER F 268 3.62 -12.45 40.65
N SER F 269 4.83 -11.95 40.88
CA SER F 269 5.18 -10.56 40.64
C SER F 269 5.69 -10.33 39.22
N SER F 270 5.31 -11.20 38.29
CA SER F 270 5.81 -11.17 36.93
C SER F 270 5.17 -10.02 36.15
N THR F 271 5.84 -9.61 35.08
CA THR F 271 5.31 -8.62 34.17
C THR F 271 4.46 -9.30 33.11
N PHE F 272 3.26 -8.77 32.89
CA PHE F 272 2.25 -9.47 32.11
C PHE F 272 1.97 -8.68 30.83
N PHE F 273 2.33 -9.25 29.69
CA PHE F 273 1.94 -8.71 28.39
C PHE F 273 0.70 -9.44 27.90
N THR F 274 -0.02 -8.80 26.98
CA THR F 274 -1.25 -9.37 26.43
C THR F 274 -1.31 -9.04 24.96
N VAL F 275 -1.38 -10.06 24.11
CA VAL F 275 -1.27 -9.87 22.66
C VAL F 275 -2.42 -10.60 22.00
N SER F 276 -3.19 -9.88 21.19
CA SER F 276 -4.23 -10.45 20.36
C SER F 276 -3.89 -10.24 18.89
N SER F 277 -4.82 -10.56 18.01
CA SER F 277 -4.58 -10.38 16.59
C SER F 277 -4.87 -8.97 16.11
N THR F 278 -5.40 -8.11 16.96
CA THR F 278 -5.72 -6.75 16.54
C THR F 278 -4.65 -5.74 16.90
N ASP F 279 -3.62 -6.16 17.62
CA ASP F 279 -2.47 -5.28 17.87
C ASP F 279 -1.43 -5.38 16.78
N LEU F 280 -1.30 -6.56 16.16
CA LEU F 280 -0.26 -6.83 15.18
C LEU F 280 -0.72 -6.51 13.77
N SER F 281 -1.22 -5.30 13.57
CA SER F 281 -1.74 -4.92 12.26
C SER F 281 -1.52 -3.43 12.06
N SER F 282 -0.82 -3.08 11.00
CA SER F 282 -0.57 -1.69 10.64
C SER F 282 -0.69 -1.55 9.14
N LYS F 283 -0.54 -0.33 8.65
CA LYS F 283 -0.75 -0.04 7.24
C LYS F 283 0.50 -0.27 6.41
N TRP F 284 1.63 0.23 6.88
CA TRP F 284 2.84 0.22 6.07
C TRP F 284 3.50 -1.15 6.09
N ARG F 285 4.10 -1.50 4.95
CA ARG F 285 4.72 -2.81 4.78
C ARG F 285 5.95 -2.91 5.67
N GLY F 286 5.98 -3.92 6.53
CA GLY F 286 7.09 -4.10 7.42
C GLY F 286 6.98 -3.37 8.74
N ASP F 287 5.82 -2.80 9.04
CA ASP F 287 5.57 -2.20 10.33
C ASP F 287 4.84 -3.13 11.27
N SER F 288 4.64 -4.39 10.87
CA SER F 288 4.02 -5.37 11.73
C SER F 288 5.00 -6.42 12.23
N GLU F 289 6.07 -6.65 11.50
CA GLU F 289 7.14 -7.56 11.90
C GLU F 289 8.04 -6.94 12.96
N LYS F 290 7.96 -5.63 13.16
CA LYS F 290 8.78 -4.99 14.18
C LYS F 290 8.12 -5.06 15.55
N ILE F 291 6.79 -5.15 15.59
CA ILE F 291 6.09 -5.16 16.87
C ILE F 291 6.37 -6.44 17.62
N VAL F 292 6.46 -7.56 16.90
CA VAL F 292 6.77 -8.84 17.54
C VAL F 292 8.19 -8.84 18.09
N ARG F 293 9.13 -8.28 17.33
CA ARG F 293 10.52 -8.23 17.77
C ARG F 293 10.70 -7.30 18.95
N LEU F 294 9.99 -6.16 18.95
CA LEU F 294 10.08 -5.25 20.09
C LEU F 294 9.40 -5.84 21.32
N LEU F 295 8.34 -6.60 21.13
CA LEU F 295 7.65 -7.25 22.24
C LEU F 295 8.54 -8.30 22.91
N PHE F 296 9.19 -9.14 22.10
CA PHE F 296 10.09 -10.12 22.69
C PHE F 296 11.34 -9.46 23.26
N GLU F 297 11.80 -8.35 22.68
CA GLU F 297 12.96 -7.65 23.22
C GLU F 297 12.63 -7.00 24.57
N LEU F 298 11.43 -6.46 24.72
CA LEU F 298 11.04 -5.91 26.01
C LEU F 298 10.81 -7.00 27.03
N ALA F 299 10.29 -8.16 26.61
CA ALA F 299 10.10 -9.26 27.54
C ALA F 299 11.42 -9.81 28.03
N ARG F 300 12.45 -9.83 27.17
CA ARG F 300 13.76 -10.23 27.64
C ARG F 300 14.41 -9.15 28.48
N PHE F 301 14.15 -7.88 28.16
CA PHE F 301 14.82 -6.78 28.85
C PHE F 301 14.28 -6.60 30.25
N TYR F 302 12.99 -6.82 30.45
CA TYR F 302 12.39 -6.70 31.77
C TYR F 302 12.65 -7.96 32.59
N ALA F 303 11.91 -8.09 33.67
CA ALA F 303 11.97 -9.20 34.62
C ALA F 303 11.53 -10.52 33.99
N PRO F 304 11.58 -11.65 34.72
CA PRO F 304 10.80 -12.82 34.32
C PRO F 304 9.35 -12.49 34.02
N SER F 305 8.97 -12.61 32.74
CA SER F 305 7.72 -12.06 32.24
C SER F 305 6.91 -13.16 31.58
N ILE F 306 5.61 -12.91 31.42
CA ILE F 306 4.69 -13.84 30.80
C ILE F 306 4.06 -13.14 29.61
N ILE F 307 4.15 -13.77 28.44
CA ILE F 307 3.51 -13.29 27.22
C ILE F 307 2.28 -14.16 26.98
N PHE F 308 1.13 -13.54 26.77
CA PHE F 308 -0.11 -14.28 26.64
C PHE F 308 -0.69 -14.00 25.26
N ILE F 309 -0.30 -14.81 24.27
CA ILE F 309 -0.85 -14.69 22.93
C ILE F 309 -2.24 -15.30 22.93
N ASP F 310 -3.26 -14.46 22.80
CA ASP F 310 -4.64 -14.91 22.82
C ASP F 310 -5.14 -15.14 21.40
N GLN F 311 -5.84 -16.26 21.21
CA GLN F 311 -6.44 -16.69 19.94
C GLN F 311 -5.38 -16.81 18.84
N ILE F 312 -4.48 -17.78 19.03
CA ILE F 312 -3.40 -17.99 18.06
C ILE F 312 -3.84 -18.72 16.81
N ASP F 313 -5.10 -19.12 16.71
CA ASP F 313 -5.60 -19.74 15.49
C ASP F 313 -5.69 -18.76 14.33
N THR F 314 -5.59 -17.45 14.59
CA THR F 314 -5.58 -16.45 13.55
C THR F 314 -4.18 -15.98 13.18
N LEU F 315 -3.27 -15.89 14.15
CA LEU F 315 -1.90 -15.47 13.86
C LEU F 315 -1.14 -16.56 13.13
N GLY F 316 -0.95 -17.70 13.77
CA GLY F 316 -0.28 -18.80 13.11
C GLY F 316 -1.22 -19.87 12.61
N GLY F 317 -1.56 -19.83 11.32
CA GLY F 317 -2.33 -20.89 10.72
C GLY F 317 -1.39 -21.88 10.07
N GLN F 318 -1.79 -22.46 8.95
CA GLN F 318 -0.83 -23.19 8.14
C GLN F 318 -0.07 -22.20 7.27
N ARG F 319 1.17 -22.54 6.93
CA ARG F 319 2.00 -21.60 6.18
C ARG F 319 1.81 -21.75 4.68
N GLY F 320 1.91 -22.97 4.16
CA GLY F 320 1.69 -23.19 2.75
C GLY F 320 0.23 -23.37 2.40
N ASN F 321 -0.59 -22.37 2.74
CA ASN F 321 -2.04 -22.48 2.62
C ASN F 321 -2.43 -22.10 1.19
N SER F 322 -3.73 -22.04 0.90
CA SER F 322 -4.21 -21.62 -0.41
C SER F 322 -4.46 -20.11 -0.47
N GLY F 323 -5.10 -19.57 0.56
CA GLY F 323 -5.40 -18.15 0.58
C GLY F 323 -4.59 -17.37 1.59
N GLU F 324 -3.31 -17.70 1.72
CA GLU F 324 -2.44 -17.03 2.66
C GLU F 324 -2.04 -15.66 2.12
N HIS F 325 -2.23 -14.63 2.93
CA HIS F 325 -1.77 -13.30 2.56
C HIS F 325 -0.25 -13.25 2.57
N GLU F 326 0.30 -12.25 1.90
CA GLU F 326 1.75 -12.12 1.80
C GLU F 326 2.35 -11.40 2.99
N ALA F 327 1.53 -10.82 3.86
CA ALA F 327 2.01 -10.15 5.05
C ALA F 327 1.67 -10.91 6.32
N SER F 328 1.18 -12.15 6.19
CA SER F 328 0.95 -13.00 7.33
C SER F 328 1.91 -14.18 7.37
N ARG F 329 2.77 -14.36 6.37
CA ARG F 329 3.80 -15.38 6.46
C ARG F 329 5.01 -14.87 7.22
N ARG F 330 5.27 -13.59 7.14
CA ARG F 330 6.44 -13.05 7.80
C ARG F 330 6.22 -12.91 9.30
N VAL F 331 4.98 -12.76 9.75
CA VAL F 331 4.68 -12.76 11.18
C VAL F 331 4.94 -14.14 11.78
N LYS F 332 4.49 -15.20 11.08
CA LYS F 332 4.76 -16.55 11.53
C LYS F 332 6.26 -16.86 11.49
N SER F 333 6.95 -16.35 10.48
CA SER F 333 8.40 -16.57 10.42
C SER F 333 9.11 -15.85 11.55
N GLU F 334 8.61 -14.68 11.95
CA GLU F 334 9.17 -13.97 13.09
C GLU F 334 8.97 -14.74 14.38
N PHE F 335 7.79 -15.36 14.55
CA PHE F 335 7.56 -16.17 15.75
C PHE F 335 8.46 -17.40 15.76
N LEU F 336 8.60 -18.08 14.61
CA LEU F 336 9.45 -19.27 14.52
C LEU F 336 10.90 -18.95 14.84
N VAL F 337 11.40 -17.80 14.36
CA VAL F 337 12.79 -17.47 14.59
C VAL F 337 13.01 -16.94 16.00
N GLN F 338 12.03 -16.22 16.55
CA GLN F 338 12.23 -15.61 17.85
C GLN F 338 12.02 -16.59 19.01
N MET F 339 11.23 -17.63 18.84
CA MET F 339 10.82 -18.40 20.01
C MET F 339 11.82 -19.48 20.42
N ASP F 340 12.76 -19.88 19.58
CA ASP F 340 13.65 -20.98 19.93
C ASP F 340 15.00 -20.52 20.46
N GLY F 341 15.36 -19.26 20.31
CA GLY F 341 16.66 -18.76 20.73
C GLY F 341 16.82 -18.71 22.24
N GLN F 343 24.18 -19.63 20.88
CA GLN F 343 23.49 -18.38 21.21
C GLN F 343 22.25 -18.65 22.06
N ASN F 344 22.31 -19.72 22.84
CA ASN F 344 21.24 -20.06 23.77
C ASN F 344 21.73 -20.36 25.18
N LYS F 345 23.03 -20.57 25.38
CA LYS F 345 23.56 -20.91 26.69
C LYS F 345 23.71 -19.66 27.56
N PHE F 346 23.85 -19.90 28.86
CA PHE F 346 23.88 -18.88 29.91
C PHE F 346 22.64 -17.99 29.83
N ASP F 347 21.50 -18.62 30.12
CA ASP F 347 20.18 -18.04 29.91
C ASP F 347 19.99 -16.79 30.76
N SER F 348 19.76 -15.66 30.09
CA SER F 348 19.73 -14.37 30.76
C SER F 348 18.47 -14.23 31.62
N ARG F 349 17.31 -14.22 30.99
CA ARG F 349 16.08 -13.96 31.73
C ARG F 349 14.97 -14.82 31.13
N ARG F 350 14.20 -15.45 32.01
CA ARG F 350 13.18 -16.38 31.56
C ARG F 350 11.97 -15.65 31.03
N VAL F 351 11.43 -16.13 29.91
CA VAL F 351 10.14 -15.70 29.40
C VAL F 351 9.28 -16.95 29.24
N PHE F 352 7.99 -16.82 29.53
CA PHE F 352 7.05 -17.92 29.45
C PHE F 352 5.89 -17.46 28.57
N VAL F 353 5.63 -18.18 27.49
CA VAL F 353 4.62 -17.78 26.53
C VAL F 353 3.46 -18.78 26.54
N LEU F 354 2.24 -18.28 26.80
CA LEU F 354 1.04 -19.10 26.78
C LEU F 354 0.39 -19.06 25.41
N ALA F 355 -0.78 -19.67 25.30
CA ALA F 355 -1.62 -19.60 24.11
C ALA F 355 -3.03 -19.98 24.52
N ALA F 356 -3.97 -19.81 23.59
CA ALA F 356 -5.36 -20.20 23.83
C ALA F 356 -6.03 -20.34 22.48
N THR F 357 -6.74 -21.45 22.28
CA THR F 357 -7.42 -21.66 21.02
C THR F 357 -8.63 -22.55 21.22
N ASN F 358 -9.57 -22.46 20.28
CA ASN F 358 -10.68 -23.39 20.21
C ASN F 358 -10.47 -24.43 19.13
N ILE F 359 -9.66 -24.11 18.13
CA ILE F 359 -9.42 -24.97 16.97
C ILE F 359 -7.95 -25.35 16.98
N PRO F 360 -7.59 -26.50 17.54
CA PRO F 360 -6.18 -26.88 17.61
C PRO F 360 -5.67 -27.71 16.44
N TRP F 361 -6.48 -27.97 15.41
CA TRP F 361 -5.98 -28.67 14.24
C TRP F 361 -5.62 -27.72 13.10
N GLU F 362 -6.16 -26.51 13.10
CA GLU F 362 -5.79 -25.51 12.11
C GLU F 362 -4.64 -24.65 12.63
N LEU F 363 -3.58 -25.34 13.04
CA LEU F 363 -2.39 -24.73 13.61
C LEU F 363 -1.20 -25.32 12.88
N ASP F 364 -0.07 -24.63 12.94
CA ASP F 364 1.07 -24.93 12.07
C ASP F 364 1.74 -26.25 12.46
N GLU F 365 2.79 -26.59 11.73
CA GLU F 365 3.59 -27.77 12.03
C GLU F 365 4.98 -27.42 12.51
N ALA F 366 5.37 -26.14 12.44
CA ALA F 366 6.59 -25.68 13.08
C ALA F 366 6.30 -24.78 14.27
N LEU F 367 5.05 -24.42 14.50
CA LEU F 367 4.64 -23.70 15.70
C LEU F 367 4.07 -24.62 16.76
N ARG F 368 3.62 -25.82 16.39
CA ARG F 368 3.22 -26.80 17.40
C ARG F 368 4.44 -27.35 18.11
N ARG F 369 5.49 -27.69 17.36
CA ARG F 369 6.70 -28.24 17.93
C ARG F 369 7.37 -27.30 18.91
N ARG F 370 7.34 -25.99 18.65
CA ARG F 370 7.94 -25.05 19.60
C ARG F 370 7.07 -24.84 20.82
N PHE F 371 5.82 -25.25 20.77
CA PHE F 371 4.93 -25.22 21.91
C PHE F 371 4.99 -26.58 22.58
N GLU F 372 5.95 -26.74 23.49
CA GLU F 372 5.94 -27.90 24.34
C GLU F 372 4.88 -27.74 25.43
N LYS F 373 4.46 -28.87 25.99
CA LYS F 373 3.35 -28.97 26.94
C LYS F 373 2.04 -28.43 26.34
N ARG F 374 1.54 -29.17 25.34
CA ARG F 374 0.23 -28.92 24.76
C ARG F 374 -0.80 -29.76 25.51
N ILE F 375 -1.77 -29.11 26.16
CA ILE F 375 -2.72 -29.78 27.02
C ILE F 375 -4.14 -29.32 26.71
N PHE F 376 -5.10 -30.13 27.13
CA PHE F 376 -6.51 -29.98 26.81
C PHE F 376 -7.33 -29.93 28.09
N ILE F 377 -8.30 -29.03 28.15
CA ILE F 377 -9.11 -28.83 29.34
C ILE F 377 -10.58 -29.04 28.98
N PRO F 378 -11.32 -29.84 29.74
CA PRO F 378 -12.75 -30.04 29.45
C PRO F 378 -13.64 -29.11 30.24
N LEU F 379 -14.84 -28.83 29.73
CA LEU F 379 -15.78 -27.95 30.43
C LEU F 379 -16.54 -28.62 31.57
N PRO F 380 -17.29 -29.72 31.38
CA PRO F 380 -18.13 -30.18 32.49
C PRO F 380 -17.49 -31.24 33.39
N ASP F 381 -17.82 -31.16 34.67
CA ASP F 381 -17.66 -32.27 35.59
C ASP F 381 -18.72 -32.11 36.67
N ILE F 382 -19.26 -33.24 37.15
CA ILE F 382 -20.41 -33.16 38.06
C ILE F 382 -19.99 -32.64 39.44
N ASP F 383 -18.79 -33.02 39.91
CA ASP F 383 -18.30 -32.46 41.16
C ASP F 383 -17.88 -31.01 40.95
N ALA F 384 -17.35 -30.69 39.78
CA ALA F 384 -17.01 -29.31 39.47
C ALA F 384 -18.24 -28.45 39.30
N ARG F 385 -19.31 -29.00 38.72
CA ARG F 385 -20.56 -28.26 38.64
C ARG F 385 -21.14 -28.00 40.02
N LYS F 386 -21.08 -29.01 40.91
CA LYS F 386 -21.53 -28.85 42.29
C LYS F 386 -20.70 -27.81 43.02
N LYS F 387 -19.38 -27.81 42.81
CA LYS F 387 -18.51 -26.85 43.47
C LYS F 387 -18.71 -25.44 42.92
N LEU F 388 -19.08 -25.33 41.64
CA LEU F 388 -19.31 -24.01 41.07
C LEU F 388 -20.62 -23.40 41.55
N ILE F 389 -21.67 -24.22 41.66
CA ILE F 389 -22.91 -23.67 42.23
C ILE F 389 -22.75 -23.44 43.73
N GLU F 390 -21.84 -24.15 44.37
CA GLU F 390 -21.49 -23.81 45.74
C GLU F 390 -20.73 -22.49 45.81
N LYS F 391 -19.84 -22.24 44.84
CA LYS F 391 -18.97 -21.07 44.86
C LYS F 391 -19.61 -19.84 44.24
N SER F 392 -20.80 -19.96 43.68
CA SER F 392 -21.52 -18.81 43.14
C SER F 392 -22.72 -18.40 43.96
N MET F 393 -23.23 -19.30 44.81
CA MET F 393 -24.40 -18.99 45.63
C MET F 393 -23.99 -18.10 46.80
N GLU F 394 -24.40 -16.83 46.74
CA GLU F 394 -24.17 -15.89 47.83
C GLU F 394 -25.46 -15.15 48.19
N GLY F 395 -26.60 -15.78 47.96
CA GLY F 395 -27.88 -15.17 48.27
C GLY F 395 -28.28 -15.34 49.72
N THR F 396 -28.56 -14.22 50.39
CA THR F 396 -29.04 -14.29 51.78
C THR F 396 -30.41 -14.95 51.93
N PRO F 397 -31.42 -14.77 51.03
CA PRO F 397 -32.62 -15.63 51.15
C PRO F 397 -32.41 -17.02 50.56
N LYS F 398 -33.53 -17.75 50.46
CA LYS F 398 -33.63 -19.06 49.80
C LYS F 398 -32.74 -20.11 50.48
N SER F 399 -33.11 -20.41 51.72
CA SER F 399 -32.61 -21.58 52.42
C SER F 399 -33.43 -22.82 52.13
N ASP F 400 -34.38 -22.75 51.20
CA ASP F 400 -35.30 -23.84 50.92
C ASP F 400 -35.13 -24.47 49.53
N GLU F 401 -34.37 -23.86 48.64
CA GLU F 401 -34.20 -24.35 47.28
C GLU F 401 -32.85 -25.05 47.09
N ILE F 402 -32.40 -25.80 48.09
CA ILE F 402 -31.10 -26.48 48.02
C ILE F 402 -31.35 -27.82 47.35
N ASN F 403 -31.34 -27.81 46.01
CA ASN F 403 -31.51 -29.02 45.22
C ASN F 403 -30.26 -29.25 44.38
N TYR F 404 -29.09 -29.15 45.02
CA TYR F 404 -27.82 -29.17 44.31
C TYR F 404 -27.51 -30.53 43.70
N ASP F 405 -28.10 -31.61 44.21
CA ASP F 405 -28.03 -32.89 43.51
C ASP F 405 -28.82 -32.83 42.20
N ASP F 406 -30.04 -32.30 42.26
CA ASP F 406 -30.82 -32.11 41.04
C ASP F 406 -30.25 -31.01 40.17
N LEU F 407 -29.57 -30.03 40.78
CA LEU F 407 -28.89 -29.00 40.01
C LEU F 407 -27.62 -29.52 39.36
N ALA F 408 -27.07 -30.62 39.86
CA ALA F 408 -25.95 -31.29 39.21
C ALA F 408 -26.39 -32.27 38.14
N ALA F 409 -27.55 -32.91 38.33
CA ALA F 409 -28.08 -33.80 37.30
C ALA F 409 -28.58 -33.02 36.10
N ARG F 410 -29.08 -31.81 36.32
CA ARG F 410 -29.48 -30.93 35.23
C ARG F 410 -28.34 -30.01 34.79
N THR F 411 -27.10 -30.38 35.10
CA THR F 411 -25.92 -29.65 34.67
C THR F 411 -25.18 -30.39 33.56
N GLU F 412 -25.81 -31.39 32.95
CA GLU F 412 -25.18 -32.14 31.87
C GLU F 412 -25.24 -31.34 30.59
N GLY F 413 -24.11 -31.30 29.87
CA GLY F 413 -24.00 -30.51 28.67
C GLY F 413 -23.76 -29.03 28.89
N PHE F 414 -23.55 -28.62 30.14
CA PHE F 414 -23.35 -27.22 30.47
C PHE F 414 -21.86 -26.95 30.65
N SER F 415 -21.40 -25.84 30.10
CA SER F 415 -19.99 -25.47 30.19
C SER F 415 -19.72 -24.81 31.54
N GLY F 416 -18.46 -24.39 31.73
CA GLY F 416 -18.11 -23.65 32.92
C GLY F 416 -18.62 -22.23 32.94
N ALA F 417 -19.03 -21.70 31.79
CA ALA F 417 -19.62 -20.36 31.74
C ALA F 417 -21.13 -20.38 31.87
N ASP F 418 -21.78 -21.50 31.54
CA ASP F 418 -23.22 -21.58 31.65
C ASP F 418 -23.70 -21.67 33.09
N VAL F 419 -22.85 -22.14 34.01
CA VAL F 419 -23.25 -22.32 35.40
C VAL F 419 -23.36 -20.98 36.10
N VAL F 420 -22.42 -20.07 35.83
CA VAL F 420 -22.45 -18.75 36.46
C VAL F 420 -23.60 -17.92 35.90
N SER F 421 -23.88 -18.05 34.60
CA SER F 421 -25.05 -17.39 34.05
C SER F 421 -26.35 -18.06 34.50
N LEU F 422 -26.30 -19.35 34.85
CA LEU F 422 -27.47 -20.01 35.45
C LEU F 422 -27.75 -19.45 36.84
N CYS F 423 -26.71 -19.24 37.63
CA CYS F 423 -26.89 -18.62 38.94
C CYS F 423 -27.33 -17.16 38.81
N ARG F 424 -26.85 -16.47 37.76
CA ARG F 424 -27.27 -15.09 37.53
C ARG F 424 -28.74 -15.00 37.10
N THR F 425 -29.19 -15.94 36.25
CA THR F 425 -30.60 -15.91 35.88
C THR F 425 -31.49 -16.43 37.00
N ALA F 426 -30.95 -17.26 37.90
CA ALA F 426 -31.68 -17.60 39.13
C ALA F 426 -31.86 -16.37 40.01
N ALA F 427 -30.81 -15.58 40.20
CA ALA F 427 -30.94 -14.38 41.02
C ALA F 427 -31.71 -13.26 40.34
N ILE F 428 -31.89 -13.29 39.01
CA ILE F 428 -32.79 -12.33 38.40
C ILE F 428 -34.24 -12.83 38.46
N ASN F 429 -34.43 -14.15 38.45
CA ASN F 429 -35.78 -14.69 38.61
C ASN F 429 -36.25 -14.69 40.06
N VAL F 430 -35.34 -14.43 41.01
CA VAL F 430 -35.76 -14.19 42.40
C VAL F 430 -36.66 -12.96 42.47
N LEU F 431 -36.22 -11.86 41.85
CA LEU F 431 -37.03 -10.65 41.83
C LEU F 431 -37.94 -10.58 40.61
N ARG F 432 -37.81 -11.51 39.66
CA ARG F 432 -38.70 -11.56 38.51
C ARG F 432 -39.83 -12.56 38.65
N ARG F 433 -39.83 -13.38 39.70
CA ARG F 433 -41.00 -14.23 39.94
C ARG F 433 -42.15 -13.42 40.53
N TYR F 434 -41.85 -12.45 41.38
CA TYR F 434 -42.85 -11.53 41.91
C TYR F 434 -42.81 -10.24 41.12
N ASP F 435 -43.99 -9.78 40.70
CA ASP F 435 -44.08 -8.54 39.93
C ASP F 435 -43.86 -7.34 40.84
N THR F 436 -42.78 -6.59 40.58
CA THR F 436 -42.44 -5.42 41.38
C THR F 436 -42.54 -4.14 40.56
N LYS F 437 -43.45 -4.10 39.59
CA LYS F 437 -43.58 -2.95 38.71
C LYS F 437 -44.71 -2.05 39.18
N SER F 438 -44.52 -0.74 39.00
CA SER F 438 -45.37 0.34 39.50
C SER F 438 -45.55 0.24 41.02
N LEU F 439 -44.42 0.25 41.73
CA LEU F 439 -44.38 0.17 43.18
C LEU F 439 -43.62 1.37 43.72
N ARG F 440 -44.33 2.47 43.89
CA ARG F 440 -43.75 3.71 44.39
C ARG F 440 -44.88 4.55 44.98
N GLY F 441 -44.50 5.60 45.70
CA GLY F 441 -45.47 6.42 46.39
C GLY F 441 -45.92 5.78 47.68
N GLY F 442 -46.68 4.69 47.58
CA GLY F 442 -47.03 3.89 48.72
C GLY F 442 -46.12 2.69 48.86
N GLU F 443 -45.30 2.68 49.92
CA GLU F 443 -44.35 1.62 50.25
C GLU F 443 -43.32 1.40 49.14
N LEU F 444 -42.66 2.50 48.76
CA LEU F 444 -41.59 2.41 47.77
C LEU F 444 -40.34 1.79 48.38
N THR F 445 -39.91 2.31 49.54
CA THR F 445 -38.71 1.80 50.20
C THR F 445 -38.94 0.39 50.75
N ALA F 446 -40.16 0.11 51.24
CA ALA F 446 -40.48 -1.22 51.74
C ALA F 446 -40.55 -2.27 50.63
N ALA F 447 -40.83 -1.85 49.39
CA ALA F 447 -40.81 -2.80 48.27
C ALA F 447 -39.41 -3.09 47.78
N MET F 448 -38.42 -2.28 48.14
CA MET F 448 -37.05 -2.50 47.70
C MET F 448 -36.27 -3.38 48.67
N GLU F 449 -36.54 -3.28 49.97
CA GLU F 449 -35.85 -4.09 50.96
C GLU F 449 -36.57 -5.40 51.26
N SER F 450 -37.81 -5.57 50.81
CA SER F 450 -38.47 -6.85 50.97
C SER F 450 -37.94 -7.90 50.00
N LEU F 451 -37.27 -7.47 48.93
CA LEU F 451 -36.60 -8.37 48.00
C LEU F 451 -35.21 -8.76 48.47
N LYS F 452 -34.76 -8.21 49.60
CA LYS F 452 -33.49 -8.62 50.19
C LYS F 452 -33.59 -9.96 50.90
N ALA F 453 -34.82 -10.40 51.22
CA ALA F 453 -35.06 -11.70 51.83
C ALA F 453 -36.17 -12.45 51.10
N GLU F 454 -36.28 -12.25 49.79
CA GLU F 454 -37.29 -12.92 48.98
C GLU F 454 -36.87 -14.36 48.76
N LEU F 455 -37.57 -15.29 49.41
CA LEU F 455 -37.16 -16.68 49.41
C LEU F 455 -37.44 -17.33 48.06
N VAL F 456 -36.38 -17.74 47.37
CA VAL F 456 -36.54 -18.44 46.12
C VAL F 456 -36.88 -19.90 46.38
N ARG F 457 -37.54 -20.52 45.42
CA ARG F 457 -37.96 -21.90 45.54
C ARG F 457 -37.64 -22.65 44.26
N ASN F 458 -38.24 -23.83 44.08
CA ASN F 458 -38.03 -24.58 42.85
C ASN F 458 -38.71 -23.95 41.64
N ILE F 459 -39.63 -23.00 41.84
CA ILE F 459 -40.37 -22.44 40.71
C ILE F 459 -39.50 -21.46 39.92
N ASP F 460 -38.84 -20.51 40.59
CA ASP F 460 -37.92 -19.62 39.88
C ASP F 460 -36.63 -20.35 39.51
N PHE F 461 -36.29 -21.40 40.27
CA PHE F 461 -35.18 -22.28 39.88
C PHE F 461 -35.46 -22.96 38.56
N GLU F 462 -36.69 -23.46 38.39
CA GLU F 462 -37.07 -24.13 37.14
C GLU F 462 -37.23 -23.15 36.00
N ALA F 463 -37.71 -21.93 36.29
CA ALA F 463 -37.78 -20.90 35.26
C ALA F 463 -36.39 -20.48 34.81
N ALA F 464 -35.44 -20.43 35.74
CA ALA F 464 -34.04 -20.16 35.39
C ALA F 464 -33.42 -21.32 34.61
N LEU F 465 -33.85 -22.55 34.90
CA LEU F 465 -33.42 -23.69 34.09
C LEU F 465 -33.91 -23.57 32.66
N GLN F 466 -35.18 -23.21 32.49
CA GLN F 466 -35.76 -23.07 31.16
C GLN F 466 -35.47 -21.73 30.51
N ALA F 467 -34.71 -20.86 31.16
CA ALA F 467 -34.33 -19.60 30.51
C ALA F 467 -33.20 -19.82 29.51
N VAL F 468 -32.06 -20.33 29.98
CA VAL F 468 -30.84 -20.44 29.18
C VAL F 468 -30.59 -21.92 28.89
N SER F 469 -30.40 -22.26 27.58
CA SER F 469 -30.12 -23.55 26.98
C SER F 469 -28.63 -23.74 26.73
N PRO F 470 -28.13 -24.99 26.78
CA PRO F 470 -26.72 -25.23 26.42
C PRO F 470 -26.48 -25.07 24.93
N SER F 471 -25.82 -23.98 24.55
CA SER F 471 -25.65 -23.61 23.15
C SER F 471 -24.37 -24.20 22.53
N ALA F 472 -23.85 -25.28 23.08
CA ALA F 472 -22.63 -25.92 22.58
C ALA F 472 -22.92 -27.38 22.26
N GLY F 473 -22.50 -27.81 21.07
CA GLY F 473 -22.67 -29.19 20.66
C GLY F 473 -21.47 -30.04 21.01
N PRO F 474 -21.63 -31.37 20.93
CA PRO F 474 -20.53 -32.27 21.30
C PRO F 474 -19.47 -32.44 20.23
N ASP F 475 -19.67 -31.87 19.04
CA ASP F 475 -18.76 -32.13 17.93
C ASP F 475 -17.43 -31.43 18.12
N THR F 476 -17.45 -30.19 18.63
CA THR F 476 -16.21 -29.45 18.84
C THR F 476 -15.38 -30.07 19.95
N MET F 477 -16.02 -30.46 21.05
CA MET F 477 -15.31 -31.09 22.15
C MET F 477 -14.80 -32.46 21.76
N LEU F 478 -15.58 -33.21 20.96
CA LEU F 478 -15.11 -34.52 20.51
C LEU F 478 -13.95 -34.39 19.55
N LYS F 479 -13.97 -33.37 18.68
CA LYS F 479 -12.88 -33.17 17.74
C LYS F 479 -11.60 -32.73 18.44
N CYS F 480 -11.73 -31.83 19.42
CA CYS F 480 -10.56 -31.40 20.17
C CYS F 480 -10.01 -32.52 21.04
N LYS F 481 -10.87 -33.39 21.58
CA LYS F 481 -10.39 -34.53 22.34
C LYS F 481 -9.69 -35.55 21.44
N GLU F 482 -10.24 -35.77 20.24
CA GLU F 482 -9.60 -36.68 19.31
C GLU F 482 -8.29 -36.13 18.78
N TRP F 483 -8.14 -34.80 18.74
CA TRP F 483 -6.85 -34.24 18.35
C TRP F 483 -5.84 -34.35 19.48
N CYS F 484 -6.19 -33.88 20.68
CA CYS F 484 -5.25 -33.88 21.79
C CYS F 484 -4.95 -35.26 22.32
N ASP F 485 -5.75 -36.28 21.98
CA ASP F 485 -5.37 -37.64 22.34
C ASP F 485 -4.22 -38.14 21.47
N SER F 486 -4.05 -37.59 20.28
CA SER F 486 -3.06 -38.10 19.33
C SER F 486 -1.84 -37.21 19.19
N PHE F 487 -1.99 -35.88 19.30
CA PHE F 487 -0.87 -34.96 19.10
C PHE F 487 -0.57 -34.11 20.33
N GLY F 488 -0.92 -34.58 21.52
CA GLY F 488 -0.81 -33.73 22.69
C GLY F 488 0.05 -34.28 23.80
N ALA F 489 1.04 -33.50 24.23
CA ALA F 489 1.97 -33.91 25.28
C ALA F 489 1.55 -33.27 26.59
N MET F 490 1.10 -34.09 27.53
CA MET F 490 0.62 -33.60 28.82
C MET F 490 1.76 -33.08 29.69
N GLU G 1 15.22 29.39 6.81
CA GLU G 1 15.94 28.78 5.71
C GLU G 1 15.89 27.27 5.88
N GLU G 2 14.67 26.74 5.88
CA GLU G 2 14.42 25.32 6.05
C GLU G 2 13.61 24.83 4.86
N GLU G 3 14.30 24.26 3.87
CA GLU G 3 13.64 23.71 2.69
C GLU G 3 12.82 22.47 3.02
N GLU G 4 12.07 21.96 2.05
CA GLU G 4 11.27 20.76 2.27
C GLU G 4 11.40 19.84 1.07
N GLU G 5 11.41 18.53 1.34
CA GLU G 5 11.48 17.52 0.30
C GLU G 5 10.27 16.62 0.37
N GLU G 6 10.15 15.73 -0.62
CA GLU G 6 9.08 14.75 -0.67
C GLU G 6 9.65 13.35 -0.78
N GLU G 7 9.04 12.42 -0.07
CA GLU G 7 9.49 11.04 -0.03
C GLU G 7 8.37 10.14 -0.53
N GLU G 8 8.67 8.84 -0.61
CA GLU G 8 7.73 7.86 -1.13
C GLU G 8 7.61 6.70 -0.16
N GLU G 9 6.39 6.40 0.25
CA GLU G 9 6.14 5.27 1.11
C GLU G 9 5.28 4.26 0.37
N GLU G 10 5.42 3.01 0.76
CA GLU G 10 4.62 1.92 0.19
C GLU G 10 3.83 1.24 1.29
N GLU G 11 2.67 0.71 0.91
CA GLU G 11 1.68 0.27 1.88
C GLU G 11 1.09 -1.06 1.46
N GLU G 12 0.37 -1.69 2.38
CA GLU G 12 -0.29 -2.96 2.15
C GLU G 12 -1.50 -3.11 3.05
PG ATP H . -14.69 22.38 -14.69
O1G ATP H . -14.77 21.02 -15.32
O2G ATP H . -13.31 22.96 -14.57
O3G ATP H . -15.53 22.52 -13.44
PB ATP H . -17.01 23.44 -15.65
O1B ATP H . -17.49 22.02 -15.51
O2B ATP H . -17.35 24.46 -14.61
O3B ATP H . -15.43 23.34 -15.74
PA ATP H . -17.20 25.49 -17.53
O1A ATP H . -17.92 26.41 -16.59
O2A ATP H . -15.73 25.66 -17.73
O3A ATP H . -17.47 23.99 -17.09
O5' ATP H . -17.93 25.61 -18.96
C5' ATP H . -17.59 24.73 -20.02
C4' ATP H . -18.29 25.18 -21.30
O4' ATP H . -19.65 24.76 -21.31
C3' ATP H . -18.28 26.67 -21.44
O3' ATP H . -17.43 27.05 -22.52
C2' ATP H . -19.69 27.05 -21.79
O2' ATP H . -19.66 27.66 -23.08
C1' ATP H . -20.49 25.77 -21.86
N9 ATP H . -21.71 25.79 -21.00
C8 ATP H . -22.07 24.75 -20.24
N7 ATP H . -23.21 25.00 -19.56
C5 ATP H . -23.61 26.22 -19.91
C6 ATP H . -24.75 27.09 -19.55
N6 ATP H . -25.68 26.68 -18.68
N1 ATP H . -24.83 28.30 -20.12
C2 ATP H . -23.90 28.73 -20.99
N3 ATP H . -22.84 27.99 -21.36
C4 ATP H . -22.64 26.74 -20.87
MG MG I . -14.14 24.74 -13.87
PG ATP J . 4.08 4.66 -28.94
O1G ATP J . 5.19 3.67 -28.68
O2G ATP J . 3.91 5.72 -27.88
O3G ATP J . 2.82 4.02 -29.43
PB ATP J . 4.35 4.82 -31.63
O1B ATP J . 4.72 3.38 -31.50
O2B ATP J . 2.97 5.20 -32.08
O3B ATP J . 4.59 5.48 -30.20
PA ATP J . 5.36 5.08 -34.13
O1A ATP J . 4.35 3.98 -34.26
O2A ATP J . 5.25 6.31 -34.95
O3A ATP J . 5.41 5.51 -32.59
O5' ATP J . 6.77 4.42 -34.47
C5' ATP J . 7.50 5.03 -35.52
C4' ATP J . 7.74 3.99 -36.59
O4' ATP J . 6.51 3.47 -37.11
C3' ATP J . 8.46 4.61 -37.76
O3' ATP J . 9.80 4.13 -37.80
C2' ATP J . 7.73 4.15 -38.98
O2' ATP J . 8.60 3.32 -39.74
C1' ATP J . 6.55 3.33 -38.53
N9 ATP J . 5.23 3.78 -39.08
C8 ATP J . 4.09 3.57 -38.41
N7 ATP J . 3.01 4.02 -39.06
C5 ATP J . 3.44 4.55 -40.20
C6 ATP J . 2.78 5.21 -41.32
N6 ATP J . 1.45 5.38 -41.34
N1 ATP J . 3.55 5.63 -42.34
C2 ATP J . 4.89 5.46 -42.32
N3 ATP J . 5.53 4.87 -41.31
C4 ATP J . 4.90 4.39 -40.23
MG MG K . 5.29 7.03 -29.02
PG ATP L . 19.75 -16.96 -15.08
O1G ATP L . 18.86 -17.77 -15.97
O2G ATP L . 19.49 -17.11 -13.61
O3G ATP L . 20.00 -15.56 -15.55
PB ATP L . 22.00 -17.56 -16.58
O1B ATP L . 21.18 -18.11 -17.69
O2B ATP L . 22.57 -16.17 -16.65
O3B ATP L . 21.16 -17.69 -15.22
PA ATP L . 24.52 -18.21 -17.16
O1A ATP L . 23.97 -17.91 -18.52
O2A ATP L . 25.31 -17.19 -16.41
O3A ATP L . 23.22 -18.55 -16.32
O5' ATP L . 25.35 -19.57 -17.22
C5' ATP L . 25.81 -20.14 -16.01
C4' ATP L . 26.82 -21.23 -16.30
O4' ATP L . 26.36 -22.05 -17.36
C3' ATP L . 28.12 -20.63 -16.75
O3' ATP L . 29.11 -20.87 -15.75
C2' ATP L . 28.51 -21.38 -17.98
O2' ATP L . 29.74 -22.05 -17.73
C1' ATP L . 27.43 -22.41 -18.20
N9 ATP L . 26.94 -22.38 -19.60
C8 ATP L . 25.68 -22.14 -19.95
N7 ATP L . 25.52 -22.19 -21.29
C5 ATP L . 26.69 -22.48 -21.82
C6 ATP L . 27.20 -22.66 -23.18
N6 ATP L . 26.38 -22.56 -24.23
N1 ATP L . 28.51 -22.95 -23.31
C2 ATP L . 29.31 -23.06 -22.26
N3 ATP L . 28.93 -22.89 -20.98
C4 ATP L . 27.64 -22.61 -20.70
MG MG M . 21.70 -14.31 -15.65
PG ATP N . 13.06 -25.87 12.45
O1G ATP N . 14.07 -25.08 11.66
O2G ATP N . 12.03 -26.54 11.59
O3G ATP N . 12.49 -25.18 13.65
PB ATP N . 15.33 -26.79 13.69
O1B ATP N . 16.34 -27.23 12.67
O2B ATP N . 15.35 -25.38 14.19
O3B ATP N . 13.89 -27.09 13.07
PA ATP N . 16.73 -27.47 15.92
O1A ATP N . 17.94 -27.64 15.04
O2A ATP N . 16.55 -26.18 16.67
O3A ATP N . 15.48 -27.74 14.97
O5' ATP N . 16.77 -28.65 17.00
C5' ATP N . 16.25 -28.42 18.29
C4' ATP N . 16.79 -29.45 19.25
O4' ATP N . 16.87 -30.70 18.59
C3' ATP N . 18.19 -29.09 19.69
O3' ATP N . 18.18 -28.75 21.07
C2' ATP N . 19.00 -30.35 19.51
O2' ATP N . 19.51 -30.76 20.78
C1' ATP N . 18.04 -31.39 18.98
N9 ATP N . 18.60 -32.06 17.80
C8 ATP N . 18.02 -32.08 16.59
N7 ATP N . 18.74 -32.79 15.70
C5 ATP N . 19.82 -33.24 16.35
C6 ATP N . 20.97 -34.05 15.98
N6 ATP N . 21.11 -34.52 14.71
N1 ATP N . 21.88 -34.31 16.93
C2 ATP N . 21.73 -33.85 18.18
N3 ATP N . 20.70 -33.10 18.58
C4 ATP N . 19.72 -32.77 17.73
MG MG O . 14.98 -23.42 12.56
PG ATP P . -13.25 -18.57 25.62
O1G ATP P . -12.32 -19.69 26.04
O2G ATP P . -14.31 -18.99 24.63
O3G ATP P . -12.55 -17.27 25.28
PB ATP P . -13.28 -18.05 28.35
O1B ATP P . -12.99 -19.42 28.91
O2B ATP P . -12.16 -17.07 28.13
O3B ATP P . -14.06 -18.24 26.96
PA ATP P . -13.92 -16.81 30.73
O1A ATP P . -12.51 -17.30 30.98
O2A ATP P . -14.21 -15.33 30.78
O3A ATP P . -14.38 -17.38 29.30
O5' ATP P . -14.90 -17.54 31.78
C5' ATP P . -16.24 -17.09 31.93
C4' ATP P . -16.61 -17.09 33.41
O4' ATP P . -16.92 -18.41 33.85
C3' ATP P . -15.44 -16.60 34.24
O3' ATP P . -15.73 -15.33 34.83
C2' ATP P . -15.24 -17.63 35.33
O2' ATP P . -15.43 -17.01 36.60
C1' ATP P . -16.30 -18.70 35.09
N9 ATP P . -15.61 -19.99 34.96
C8 ATP P . -15.61 -20.71 33.83
N7 ATP P . -14.89 -21.85 33.99
C5 ATP P . -14.41 -21.86 35.23
C6 ATP P . -13.58 -22.78 36.03
N6 ATP P . -13.11 -23.93 35.50
N1 ATP P . -13.32 -22.43 37.30
C2 ATP P . -13.79 -21.29 37.83
N3 ATP P . -14.55 -20.41 37.16
C4 ATP P . -14.89 -20.64 35.88
#